data_1PMX
#
_entry.id   1PMX
#
loop_
_entity.id
_entity.type
_entity.pdbx_description
1 polymer 'Insulin-like growth factor IB'
2 polymer 'IGF-1 ANTAGONIST F1-1'
#
loop_
_entity_poly.entity_id
_entity_poly.type
_entity_poly.pdbx_seq_one_letter_code
_entity_poly.pdbx_strand_id
1 'polypeptide(L)' GPETLCGAELVDALQFVCGDRGFYFNKPTGYGSSSRRAPQTGIVDECCFRSCDLRRLEMYCAPLKPAKSA A
2 'polypeptide(L)' RNCFESVAALRRCMYG B
#
# COMPACT_ATOMS: atom_id res chain seq x y z
N GLY A 1 -18.59 8.13 8.34
CA GLY A 1 -18.06 7.46 7.11
C GLY A 1 -16.78 6.69 7.38
N PRO A 2 -16.59 5.50 6.76
CA PRO A 2 -15.38 4.70 6.98
C PRO A 2 -14.15 5.31 6.30
N GLU A 3 -12.97 4.88 6.73
CA GLU A 3 -11.72 5.38 6.17
C GLU A 3 -11.08 4.34 5.27
N THR A 4 -11.14 4.59 3.96
CA THR A 4 -10.56 3.67 2.98
C THR A 4 -9.65 4.42 2.01
N LEU A 5 -8.92 3.67 1.19
CA LEU A 5 -8.00 4.27 0.23
C LEU A 5 -8.20 3.66 -1.16
N CYS A 6 -8.75 4.47 -2.08
CA CYS A 6 -8.99 4.02 -3.45
C CYS A 6 -8.66 5.13 -4.44
N GLY A 7 -8.47 4.74 -5.70
CA GLY A 7 -8.15 5.71 -6.73
C GLY A 7 -6.77 6.30 -6.58
N ALA A 8 -6.65 7.59 -6.89
CA ALA A 8 -5.36 8.29 -6.79
C ALA A 8 -4.82 8.23 -5.37
N GLU A 9 -5.72 8.21 -4.39
CA GLU A 9 -5.33 8.17 -2.99
C GLU A 9 -4.51 6.91 -2.69
N LEU A 10 -4.92 5.79 -3.27
CA LEU A 10 -4.22 4.53 -3.07
C LEU A 10 -2.86 4.55 -3.77
N VAL A 11 -2.86 4.99 -5.02
CA VAL A 11 -1.63 5.06 -5.81
C VAL A 11 -0.68 6.12 -5.26
N ASP A 12 -1.26 7.20 -4.72
CA ASP A 12 -0.46 8.29 -4.17
C ASP A 12 0.32 7.81 -2.95
N ALA A 13 -0.32 7.02 -2.10
CA ALA A 13 0.32 6.50 -0.90
C ALA A 13 1.48 5.57 -1.25
N LEU A 14 1.22 4.62 -2.16
CA LEU A 14 2.25 3.67 -2.59
C LEU A 14 3.43 4.41 -3.22
N GLN A 15 3.13 5.43 -4.01
CA GLN A 15 4.17 6.22 -4.67
C GLN A 15 4.87 7.13 -3.67
N PHE A 16 4.13 7.58 -2.66
CA PHE A 16 4.68 8.46 -1.64
C PHE A 16 5.51 7.68 -0.63
N VAL A 17 5.10 6.43 -0.39
CA VAL A 17 5.81 5.56 0.54
C VAL A 17 6.95 4.81 -0.15
N CYS A 18 6.58 3.91 -1.05
CA CYS A 18 7.58 3.12 -1.77
C CYS A 18 8.33 3.99 -2.77
N GLY A 19 7.60 4.72 -3.60
CA GLY A 19 8.21 5.59 -4.58
C GLY A 19 8.96 4.82 -5.66
N ASP A 20 10.29 4.97 -5.67
CA ASP A 20 11.13 4.29 -6.65
C ASP A 20 11.44 2.84 -6.27
N ARG A 21 10.82 2.31 -5.21
CA ARG A 21 11.07 0.95 -4.79
C ARG A 21 10.36 -0.05 -5.71
N GLY A 22 9.23 0.37 -6.24
CA GLY A 22 8.46 -0.50 -7.12
C GLY A 22 7.46 -1.34 -6.37
N PHE A 23 6.36 -0.71 -5.98
CA PHE A 23 5.31 -1.40 -5.23
C PHE A 23 4.56 -2.40 -6.11
N TYR A 24 4.07 -3.46 -5.49
CA TYR A 24 3.32 -4.50 -6.21
C TYR A 24 1.94 -4.71 -5.58
N PHE A 25 0.94 -4.87 -6.43
CA PHE A 25 -0.42 -5.06 -5.95
C PHE A 25 -0.65 -6.49 -5.46
N ASN A 26 -0.12 -7.46 -6.21
CA ASN A 26 -0.28 -8.87 -5.86
C ASN A 26 0.98 -9.40 -5.17
N LYS A 27 0.82 -9.87 -3.94
CA LYS A 27 1.93 -10.42 -3.17
C LYS A 27 1.44 -11.50 -2.20
N PRO A 28 2.29 -12.51 -1.87
CA PRO A 28 1.89 -13.59 -0.96
C PRO A 28 1.60 -13.06 0.45
N THR A 29 0.87 -13.87 1.23
CA THR A 29 0.52 -13.50 2.60
C THR A 29 0.35 -14.74 3.46
N GLY A 30 -0.39 -15.71 2.94
CA GLY A 30 -0.62 -16.94 3.69
C GLY A 30 0.10 -18.13 3.10
N TYR A 31 -0.48 -18.72 2.06
CA TYR A 31 0.12 -19.88 1.40
C TYR A 31 -0.45 -20.07 0.00
N GLY A 32 0.42 -20.12 -0.99
CA GLY A 32 -0.01 -20.29 -2.37
C GLY A 32 0.54 -21.56 -3.00
N SER A 33 0.36 -22.69 -2.31
CA SER A 33 0.85 -23.96 -2.80
C SER A 33 -0.03 -25.11 -2.30
N SER A 34 -0.31 -25.11 -1.00
CA SER A 34 -1.13 -26.15 -0.39
C SER A 34 -2.61 -25.88 -0.65
N SER A 35 -3.00 -24.60 -0.58
CA SER A 35 -4.38 -24.22 -0.81
C SER A 35 -4.65 -23.98 -2.30
N ARG A 36 -5.64 -24.68 -2.84
CA ARG A 36 -5.98 -24.54 -4.25
C ARG A 36 -6.99 -23.41 -4.44
N ARG A 37 -8.14 -23.53 -3.78
CA ARG A 37 -9.19 -22.51 -3.89
C ARG A 37 -8.79 -21.23 -3.16
N ALA A 38 -8.55 -20.17 -3.91
CA ALA A 38 -8.17 -18.90 -3.33
C ALA A 38 -8.51 -17.73 -4.28
N PRO A 39 -9.13 -16.63 -3.77
CA PRO A 39 -9.49 -15.49 -4.61
C PRO A 39 -8.32 -14.54 -4.84
N GLN A 40 -8.51 -13.57 -5.72
CA GLN A 40 -7.48 -12.59 -6.03
C GLN A 40 -7.66 -11.33 -5.20
N THR A 41 -6.68 -11.00 -4.39
CA THR A 41 -6.75 -9.81 -3.54
C THR A 41 -5.37 -9.42 -3.04
N GLY A 42 -5.12 -8.11 -2.97
CA GLY A 42 -3.84 -7.61 -2.50
C GLY A 42 -3.97 -6.33 -1.69
N ILE A 43 -3.89 -5.19 -2.36
CA ILE A 43 -4.00 -3.90 -1.70
C ILE A 43 -5.39 -3.29 -1.93
N VAL A 44 -5.98 -3.59 -3.08
CA VAL A 44 -7.30 -3.08 -3.41
C VAL A 44 -8.38 -3.74 -2.57
N ASP A 45 -8.61 -5.02 -2.79
CA ASP A 45 -9.62 -5.76 -2.04
C ASP A 45 -9.33 -5.76 -0.54
N GLU A 46 -8.09 -5.44 -0.14
CA GLU A 46 -7.72 -5.44 1.26
C GLU A 46 -7.92 -4.08 1.93
N CYS A 47 -7.63 -2.99 1.23
CA CYS A 47 -7.77 -1.64 1.81
C CYS A 47 -8.88 -0.82 1.17
N CYS A 48 -9.18 -1.09 -0.10
CA CYS A 48 -10.22 -0.35 -0.80
C CYS A 48 -11.60 -0.86 -0.41
N PHE A 49 -11.75 -2.19 -0.37
CA PHE A 49 -13.02 -2.80 0.00
C PHE A 49 -13.19 -2.80 1.52
N ARG A 50 -12.07 -3.01 2.22
CA ARG A 50 -12.07 -3.02 3.67
C ARG A 50 -11.08 -1.99 4.21
N SER A 51 -11.29 -1.54 5.44
CA SER A 51 -10.41 -0.54 6.04
C SER A 51 -9.15 -1.20 6.63
N CYS A 52 -8.00 -0.94 6.01
CA CYS A 52 -6.73 -1.52 6.48
C CYS A 52 -5.88 -0.46 7.18
N ASP A 53 -4.59 -0.76 7.34
CA ASP A 53 -3.66 0.16 7.98
C ASP A 53 -2.63 0.67 6.98
N LEU A 54 -2.19 1.91 7.16
CA LEU A 54 -1.22 2.51 6.26
C LEU A 54 0.12 1.78 6.30
N ARG A 55 0.42 1.14 7.42
CA ARG A 55 1.67 0.39 7.57
C ARG A 55 1.81 -0.69 6.51
N ARG A 56 0.68 -1.19 6.00
CA ARG A 56 0.69 -2.23 4.97
C ARG A 56 1.40 -1.75 3.71
N LEU A 57 1.32 -0.45 3.46
CA LEU A 57 1.95 0.14 2.28
C LEU A 57 3.45 -0.16 2.22
N GLU A 58 4.07 -0.29 3.39
CA GLU A 58 5.50 -0.57 3.46
C GLU A 58 5.82 -1.99 2.99
N MET A 59 4.90 -2.92 3.25
CA MET A 59 5.09 -4.31 2.85
C MET A 59 5.27 -4.43 1.34
N TYR A 60 4.43 -3.72 0.60
CA TYR A 60 4.49 -3.76 -0.86
C TYR A 60 5.77 -3.12 -1.39
N CYS A 61 6.32 -2.17 -0.63
CA CYS A 61 7.55 -1.49 -1.03
C CYS A 61 8.69 -2.48 -1.18
N ALA A 62 9.40 -2.40 -2.31
CA ALA A 62 10.52 -3.29 -2.57
C ALA A 62 11.69 -3.02 -1.61
N PRO A 63 12.65 -3.97 -1.47
CA PRO A 63 13.79 -3.80 -0.57
C PRO A 63 14.85 -2.85 -1.14
N LEU A 64 14.89 -2.75 -2.47
CA LEU A 64 15.86 -1.88 -3.13
C LEU A 64 15.72 -0.44 -2.68
N LYS A 65 16.67 0.41 -3.08
CA LYS A 65 16.65 1.82 -2.72
C LYS A 65 17.27 2.68 -3.82
N PRO A 66 16.69 3.86 -4.14
CA PRO A 66 17.24 4.74 -5.18
C PRO A 66 18.57 5.37 -4.78
N ALA A 67 19.02 6.34 -5.56
CA ALA A 67 20.28 7.03 -5.28
C ALA A 67 20.07 8.23 -4.37
N LYS A 68 21.06 8.53 -3.55
CA LYS A 68 20.98 9.66 -2.64
C LYS A 68 22.36 10.01 -2.09
N SER A 69 22.54 11.28 -1.72
CA SER A 69 23.81 11.74 -1.17
C SER A 69 23.88 11.51 0.33
N ALA A 70 24.99 10.91 0.77
CA ALA A 70 25.18 10.63 2.20
C ALA A 70 26.67 10.54 2.54
N ARG B 1 2.85 15.23 14.04
CA ARG B 1 2.46 13.91 14.62
C ARG B 1 2.71 12.78 13.62
N ASN B 2 2.34 11.56 14.02
CA ASN B 2 2.53 10.40 13.15
C ASN B 2 1.66 10.50 11.90
N CYS B 3 2.26 10.21 10.75
CA CYS B 3 1.54 10.27 9.48
C CYS B 3 0.76 8.98 9.24
N PHE B 4 1.37 7.84 9.56
CA PHE B 4 0.73 6.55 9.38
C PHE B 4 -0.20 6.24 10.54
N GLU B 5 -1.33 6.94 10.60
CA GLU B 5 -2.31 6.74 11.66
C GLU B 5 -3.69 6.45 11.07
N SER B 6 -4.07 7.23 10.06
CA SER B 6 -5.36 7.06 9.41
C SER B 6 -5.26 7.36 7.92
N VAL B 7 -6.35 7.13 7.19
CA VAL B 7 -6.38 7.38 5.76
C VAL B 7 -6.30 8.88 5.45
N ALA B 8 -6.84 9.68 6.36
CA ALA B 8 -6.84 11.13 6.19
C ALA B 8 -5.45 11.72 6.41
N ALA B 9 -4.74 11.18 7.41
CA ALA B 9 -3.40 11.65 7.74
C ALA B 9 -2.46 11.55 6.54
N LEU B 10 -2.57 10.47 5.78
CA LEU B 10 -1.73 10.27 4.61
C LEU B 10 -1.91 11.39 3.60
N ARG B 11 -3.16 11.78 3.36
CA ARG B 11 -3.47 12.84 2.42
C ARG B 11 -2.91 14.17 2.90
N ARG B 12 -3.21 14.53 4.15
CA ARG B 12 -2.74 15.77 4.74
C ARG B 12 -1.21 15.83 4.75
N CYS B 13 -0.59 14.70 5.06
CA CYS B 13 0.87 14.63 5.11
C CYS B 13 1.48 14.89 3.73
N MET B 14 0.93 14.24 2.72
CA MET B 14 1.42 14.40 1.35
C MET B 14 1.02 15.76 0.78
N TYR B 15 -0.27 16.07 0.86
CA TYR B 15 -0.79 17.34 0.36
C TYR B 15 -0.38 18.49 1.28
N GLY B 16 0.90 18.83 1.26
CA GLY B 16 1.40 19.92 2.09
C GLY B 16 2.57 20.63 1.47
N GLY A 1 -18.68 6.24 4.94
CA GLY A 1 -18.08 4.93 5.29
C GLY A 1 -16.81 5.06 6.12
N PRO A 2 -16.08 3.96 6.41
CA PRO A 2 -14.86 4.02 7.21
C PRO A 2 -13.70 4.64 6.45
N GLU A 3 -12.49 4.51 7.01
CA GLU A 3 -11.30 5.07 6.38
C GLU A 3 -10.69 4.07 5.41
N THR A 4 -10.82 4.36 4.11
CA THR A 4 -10.27 3.49 3.07
C THR A 4 -9.44 4.28 2.07
N LEU A 5 -8.83 3.58 1.13
CA LEU A 5 -8.00 4.23 0.11
C LEU A 5 -8.28 3.66 -1.28
N CYS A 6 -8.80 4.51 -2.16
CA CYS A 6 -9.11 4.10 -3.52
C CYS A 6 -8.74 5.19 -4.52
N GLY A 7 -8.59 4.81 -5.78
CA GLY A 7 -8.24 5.77 -6.82
C GLY A 7 -6.83 6.31 -6.68
N ALA A 8 -6.66 7.57 -7.06
CA ALA A 8 -5.35 8.22 -6.97
C ALA A 8 -4.81 8.21 -5.55
N GLU A 9 -5.72 8.24 -4.58
CA GLU A 9 -5.34 8.24 -3.17
C GLU A 9 -4.55 6.97 -2.83
N LEU A 10 -4.95 5.85 -3.43
CA LEU A 10 -4.29 4.58 -3.19
C LEU A 10 -2.93 4.56 -3.87
N VAL A 11 -2.90 4.94 -5.14
CA VAL A 11 -1.66 4.96 -5.91
C VAL A 11 -0.70 6.01 -5.35
N ASP A 12 -1.26 7.09 -4.81
CA ASP A 12 -0.46 8.16 -4.24
C ASP A 12 0.31 7.67 -3.01
N ALA A 13 -0.38 6.94 -2.15
CA ALA A 13 0.22 6.41 -0.93
C ALA A 13 1.40 5.49 -1.27
N LEU A 14 1.17 4.56 -2.19
CA LEU A 14 2.21 3.61 -2.59
C LEU A 14 3.41 4.35 -3.17
N GLN A 15 3.15 5.37 -3.98
CA GLN A 15 4.22 6.16 -4.59
C GLN A 15 4.89 7.05 -3.55
N PHE A 16 4.09 7.50 -2.57
CA PHE A 16 4.61 8.37 -1.52
C PHE A 16 5.41 7.57 -0.49
N VAL A 17 5.04 6.31 -0.30
CA VAL A 17 5.72 5.44 0.64
C VAL A 17 6.87 4.68 -0.04
N CYS A 18 6.55 3.95 -1.09
CA CYS A 18 7.54 3.18 -1.83
C CYS A 18 8.38 4.08 -2.73
N GLY A 19 7.69 4.89 -3.55
CA GLY A 19 8.39 5.78 -4.45
C GLY A 19 9.17 5.04 -5.52
N ASP A 20 10.50 5.15 -5.44
CA ASP A 20 11.36 4.48 -6.41
C ASP A 20 11.68 3.03 -6.04
N ARG A 21 11.03 2.49 -5.00
CA ARG A 21 11.26 1.12 -4.59
C ARG A 21 10.49 0.13 -5.45
N GLY A 22 9.31 0.55 -5.89
CA GLY A 22 8.47 -0.31 -6.71
C GLY A 22 7.52 -1.15 -5.88
N PHE A 23 6.22 -0.90 -6.06
CA PHE A 23 5.20 -1.62 -5.31
C PHE A 23 4.48 -2.65 -6.19
N TYR A 24 3.92 -3.66 -5.56
CA TYR A 24 3.18 -4.71 -6.26
C TYR A 24 1.76 -4.84 -5.70
N PHE A 25 0.77 -4.78 -6.59
CA PHE A 25 -0.63 -4.87 -6.17
C PHE A 25 -0.96 -6.24 -5.60
N ASN A 26 -0.23 -7.27 -6.04
CA ASN A 26 -0.47 -8.62 -5.56
C ASN A 26 0.35 -8.93 -4.30
N LYS A 27 -0.27 -9.60 -3.35
CA LYS A 27 0.39 -9.96 -2.10
C LYS A 27 0.11 -11.43 -1.72
N PRO A 28 1.14 -12.22 -1.34
CA PRO A 28 0.94 -13.61 -0.96
C PRO A 28 0.34 -13.77 0.43
N THR A 29 -0.23 -14.94 0.69
CA THR A 29 -0.84 -15.21 1.99
C THR A 29 -1.26 -16.68 2.10
N GLY A 30 -1.92 -17.18 1.06
CA GLY A 30 -2.37 -18.56 1.06
C GLY A 30 -1.44 -19.47 0.28
N TYR A 31 -1.82 -19.79 -0.95
CA TYR A 31 -1.01 -20.65 -1.80
C TYR A 31 0.06 -19.86 -2.54
N GLY A 32 -0.30 -18.63 -2.92
CA GLY A 32 0.64 -17.77 -3.63
C GLY A 32 0.39 -17.77 -5.12
N SER A 33 -0.03 -16.63 -5.65
CA SER A 33 -0.29 -16.49 -7.08
C SER A 33 0.96 -16.06 -7.83
N SER A 34 1.55 -16.99 -8.57
CA SER A 34 2.75 -16.70 -9.35
C SER A 34 2.92 -17.68 -10.50
N SER A 35 2.95 -18.97 -10.16
CA SER A 35 3.10 -20.02 -11.16
C SER A 35 1.74 -20.49 -11.66
N ARG A 36 0.86 -20.86 -10.74
CA ARG A 36 -0.47 -21.33 -11.09
C ARG A 36 -1.44 -20.15 -11.22
N ARG A 37 -2.55 -20.38 -11.92
CA ARG A 37 -3.55 -19.35 -12.13
C ARG A 37 -4.41 -19.17 -10.88
N ALA A 38 -4.72 -17.92 -10.56
CA ALA A 38 -5.53 -17.62 -9.38
C ALA A 38 -6.23 -16.26 -9.53
N PRO A 39 -7.24 -15.95 -8.70
CA PRO A 39 -7.95 -14.67 -8.78
C PRO A 39 -7.07 -13.49 -8.37
N GLN A 40 -7.53 -12.28 -8.66
CA GLN A 40 -6.78 -11.07 -8.34
C GLN A 40 -7.34 -10.41 -7.08
N THR A 41 -6.46 -10.13 -6.13
CA THR A 41 -6.85 -9.50 -4.87
C THR A 41 -5.63 -9.24 -3.98
N GLY A 42 -5.49 -7.99 -3.53
CA GLY A 42 -4.37 -7.64 -2.69
C GLY A 42 -4.62 -6.38 -1.87
N ILE A 43 -3.97 -5.29 -2.25
CA ILE A 43 -4.13 -4.03 -1.55
C ILE A 43 -5.50 -3.41 -1.82
N VAL A 44 -5.95 -3.52 -3.06
CA VAL A 44 -7.25 -2.97 -3.45
C VAL A 44 -8.38 -3.55 -2.62
N ASP A 45 -8.54 -4.87 -2.66
CA ASP A 45 -9.59 -5.54 -1.91
C ASP A 45 -9.35 -5.47 -0.40
N GLU A 46 -8.10 -5.27 0.01
CA GLU A 46 -7.76 -5.21 1.43
C GLU A 46 -7.85 -3.79 1.99
N CYS A 47 -7.71 -2.79 1.13
CA CYS A 47 -7.75 -1.39 1.56
C CYS A 47 -8.97 -0.66 1.02
N CYS A 48 -9.27 -0.86 -0.25
CA CYS A 48 -10.42 -0.20 -0.88
C CYS A 48 -11.73 -0.84 -0.42
N PHE A 49 -11.84 -2.14 -0.58
CA PHE A 49 -13.05 -2.86 -0.18
C PHE A 49 -13.14 -2.95 1.33
N ARG A 50 -11.98 -3.02 1.99
CA ARG A 50 -11.92 -3.10 3.44
C ARG A 50 -10.90 -2.12 4.00
N SER A 51 -11.13 -1.65 5.21
CA SER A 51 -10.21 -0.70 5.85
C SER A 51 -8.93 -1.39 6.29
N CYS A 52 -7.80 -0.85 5.88
CA CYS A 52 -6.49 -1.41 6.22
C CYS A 52 -5.66 -0.42 7.03
N ASP A 53 -4.40 -0.78 7.28
CA ASP A 53 -3.48 0.07 8.02
C ASP A 53 -2.42 0.63 7.08
N LEU A 54 -2.19 1.94 7.15
CA LEU A 54 -1.21 2.62 6.29
C LEU A 54 0.16 1.93 6.32
N ARG A 55 0.45 1.21 7.41
CA ARG A 55 1.72 0.51 7.53
C ARG A 55 1.87 -0.57 6.47
N ARG A 56 0.75 -1.14 6.05
CA ARG A 56 0.74 -2.19 5.04
C ARG A 56 1.43 -1.74 3.75
N LEU A 57 1.34 -0.44 3.47
CA LEU A 57 1.95 0.13 2.27
C LEU A 57 3.44 -0.17 2.18
N GLU A 58 4.11 -0.20 3.32
CA GLU A 58 5.54 -0.48 3.36
C GLU A 58 5.86 -1.93 3.01
N MET A 59 4.90 -2.83 3.21
CA MET A 59 5.08 -4.24 2.92
C MET A 59 5.22 -4.47 1.42
N TYR A 60 4.50 -3.68 0.63
CA TYR A 60 4.53 -3.81 -0.82
C TYR A 60 5.77 -3.16 -1.42
N CYS A 61 6.29 -2.13 -0.73
CA CYS A 61 7.49 -1.45 -1.21
C CYS A 61 8.68 -2.41 -1.29
N ALA A 62 9.31 -2.46 -2.46
CA ALA A 62 10.45 -3.34 -2.68
C ALA A 62 11.57 -3.04 -1.68
N PRO A 63 12.44 -4.04 -1.36
CA PRO A 63 13.55 -3.85 -0.42
C PRO A 63 14.70 -3.05 -1.02
N LEU A 64 14.81 -3.06 -2.33
CA LEU A 64 15.89 -2.34 -3.02
C LEU A 64 15.84 -0.84 -2.70
N LYS A 65 16.76 -0.10 -3.28
CA LYS A 65 16.83 1.35 -3.06
C LYS A 65 17.31 2.07 -4.33
N PRO A 66 17.08 3.40 -4.46
CA PRO A 66 17.51 4.16 -5.64
C PRO A 66 19.02 4.20 -5.78
N ALA A 67 19.54 3.56 -6.81
CA ALA A 67 20.97 3.52 -7.07
C ALA A 67 21.26 3.26 -8.54
N LYS A 68 20.96 2.05 -8.99
CA LYS A 68 21.18 1.67 -10.38
C LYS A 68 20.33 0.45 -10.76
N SER A 69 19.89 0.42 -12.00
CA SER A 69 19.07 -0.69 -12.50
C SER A 69 19.94 -1.87 -12.92
N ALA A 70 19.38 -3.06 -12.82
CA ALA A 70 20.11 -4.28 -13.20
C ALA A 70 19.15 -5.37 -13.65
N ARG B 1 1.61 13.20 16.98
CA ARG B 1 1.31 13.51 15.55
C ARG B 1 1.99 12.50 14.62
N ASN B 2 1.23 11.49 14.20
CA ASN B 2 1.76 10.47 13.30
C ASN B 2 1.09 10.54 11.93
N CYS B 3 1.88 10.36 10.88
CA CYS B 3 1.36 10.41 9.52
C CYS B 3 0.76 9.07 9.11
N PHE B 4 1.31 7.99 9.66
CA PHE B 4 0.82 6.65 9.36
C PHE B 4 -0.14 6.16 10.43
N GLU B 5 -0.94 7.07 10.96
CA GLU B 5 -1.91 6.73 12.00
C GLU B 5 -3.27 6.38 11.40
N SER B 6 -3.69 7.16 10.40
CA SER B 6 -4.96 6.93 9.73
C SER B 6 -4.87 7.26 8.24
N VAL B 7 -5.96 7.00 7.53
CA VAL B 7 -6.00 7.27 6.09
C VAL B 7 -6.07 8.77 5.81
N ALA B 8 -6.67 9.51 6.73
CA ALA B 8 -6.79 10.96 6.58
C ALA B 8 -5.44 11.65 6.75
N ALA B 9 -4.66 11.16 7.71
CA ALA B 9 -3.34 11.73 7.98
C ALA B 9 -2.40 11.56 6.79
N LEU B 10 -2.53 10.43 6.11
CA LEU B 10 -1.70 10.14 4.95
C LEU B 10 -1.93 11.15 3.82
N ARG B 11 -3.19 11.47 3.57
CA ARG B 11 -3.56 12.41 2.52
C ARG B 11 -2.96 13.79 2.76
N ARG B 12 -3.21 14.34 3.94
CA ARG B 12 -2.71 15.67 4.30
C ARG B 12 -1.18 15.74 4.20
N CYS B 13 -0.52 14.64 4.51
CA CYS B 13 0.94 14.59 4.45
C CYS B 13 1.46 14.93 3.05
N MET B 14 0.84 14.34 2.03
CA MET B 14 1.26 14.56 0.65
C MET B 14 0.83 15.93 0.11
N TYR B 15 -0.47 16.22 0.22
CA TYR B 15 -1.01 17.48 -0.28
C TYR B 15 -0.65 18.65 0.63
N GLY B 16 -0.88 18.50 1.92
CA GLY B 16 -0.57 19.55 2.86
C GLY B 16 -1.73 20.51 3.07
N GLY A 1 -16.18 4.72 12.25
CA GLY A 1 -15.30 5.61 11.45
C GLY A 1 -14.73 4.91 10.22
N PRO A 2 -15.40 4.97 9.05
CA PRO A 2 -14.91 4.32 7.83
C PRO A 2 -13.73 5.06 7.22
N GLU A 3 -12.66 4.33 6.94
CA GLU A 3 -11.46 4.92 6.34
C GLU A 3 -10.78 3.94 5.40
N THR A 4 -10.83 4.23 4.10
CA THR A 4 -10.22 3.39 3.10
C THR A 4 -9.43 4.22 2.10
N LEU A 5 -8.53 3.58 1.35
CA LEU A 5 -7.70 4.28 0.38
C LEU A 5 -7.93 3.71 -1.02
N CYS A 6 -8.47 4.56 -1.91
CA CYS A 6 -8.73 4.15 -3.28
C CYS A 6 -8.39 5.27 -4.26
N GLY A 7 -8.27 4.92 -5.54
CA GLY A 7 -7.96 5.91 -6.56
C GLY A 7 -6.58 6.51 -6.38
N ALA A 8 -6.46 7.81 -6.68
CA ALA A 8 -5.19 8.51 -6.56
C ALA A 8 -4.65 8.45 -5.14
N GLU A 9 -5.56 8.41 -4.17
CA GLU A 9 -5.18 8.35 -2.76
C GLU A 9 -4.38 7.08 -2.48
N LEU A 10 -4.79 5.97 -3.09
CA LEU A 10 -4.10 4.70 -2.91
C LEU A 10 -2.72 4.75 -3.54
N VAL A 11 -2.65 5.25 -4.77
CA VAL A 11 -1.38 5.36 -5.48
C VAL A 11 -0.49 6.42 -4.85
N ASP A 12 -1.11 7.45 -4.29
CA ASP A 12 -0.39 8.55 -3.65
C ASP A 12 0.36 8.05 -2.42
N ALA A 13 -0.25 7.11 -1.70
CA ALA A 13 0.36 6.56 -0.50
C ALA A 13 1.53 5.65 -0.85
N LEU A 14 1.31 4.77 -1.82
CA LEU A 14 2.35 3.84 -2.26
C LEU A 14 3.57 4.60 -2.78
N GLN A 15 3.33 5.64 -3.57
CA GLN A 15 4.40 6.45 -4.13
C GLN A 15 5.11 7.24 -3.03
N PHE A 16 4.35 7.62 -2.00
CA PHE A 16 4.90 8.38 -0.89
C PHE A 16 5.67 7.47 0.07
N VAL A 17 5.22 6.23 0.17
CA VAL A 17 5.87 5.25 1.04
C VAL A 17 6.99 4.51 0.31
N CYS A 18 6.61 3.71 -0.67
CA CYS A 18 7.58 2.95 -1.45
C CYS A 18 8.38 3.87 -2.38
N GLY A 19 7.68 4.69 -3.14
CA GLY A 19 8.34 5.61 -4.05
C GLY A 19 9.05 4.90 -5.18
N ASP A 20 10.38 5.00 -5.22
CA ASP A 20 11.18 4.37 -6.26
C ASP A 20 11.47 2.88 -5.98
N ARG A 21 10.85 2.32 -4.93
CA ARG A 21 11.08 0.91 -4.60
C ARG A 21 10.44 0.00 -5.65
N GLY A 22 9.28 0.42 -6.16
CA GLY A 22 8.58 -0.38 -7.15
C GLY A 22 7.50 -1.24 -6.54
N PHE A 23 6.51 -0.61 -5.94
CA PHE A 23 5.41 -1.33 -5.31
C PHE A 23 4.68 -2.22 -6.30
N TYR A 24 3.96 -3.22 -5.79
CA TYR A 24 3.20 -4.13 -6.62
C TYR A 24 1.85 -4.43 -6.01
N PHE A 25 0.79 -4.18 -6.77
CA PHE A 25 -0.57 -4.43 -6.29
C PHE A 25 -0.77 -5.89 -5.92
N ASN A 26 -0.89 -6.75 -6.93
CA ASN A 26 -1.09 -8.18 -6.71
C ASN A 26 0.08 -8.77 -5.93
N LYS A 27 -0.23 -9.45 -4.83
CA LYS A 27 0.79 -10.07 -3.99
C LYS A 27 0.86 -11.58 -4.24
N PRO A 28 1.70 -12.05 -5.19
CA PRO A 28 1.81 -13.49 -5.49
C PRO A 28 2.54 -14.25 -4.39
N THR A 29 2.76 -15.55 -4.63
CA THR A 29 3.45 -16.39 -3.66
C THR A 29 4.52 -17.24 -4.34
N GLY A 30 5.75 -16.76 -4.31
CA GLY A 30 6.84 -17.49 -4.94
C GLY A 30 7.14 -17.00 -6.34
N TYR A 31 6.47 -17.60 -7.32
CA TYR A 31 6.67 -17.23 -8.72
C TYR A 31 5.59 -16.26 -9.17
N GLY A 32 4.34 -16.54 -8.80
CA GLY A 32 3.24 -15.69 -9.18
C GLY A 32 2.52 -16.18 -10.43
N SER A 33 1.22 -16.40 -10.32
CA SER A 33 0.43 -16.87 -11.44
C SER A 33 -0.26 -15.70 -12.15
N SER A 34 -0.73 -15.95 -13.37
CA SER A 34 -1.41 -14.92 -14.15
C SER A 34 -2.92 -15.01 -13.97
N SER A 35 -3.51 -16.10 -14.42
CA SER A 35 -4.96 -16.30 -14.30
C SER A 35 -5.31 -17.78 -14.41
N ARG A 36 -5.60 -18.40 -13.26
CA ARG A 36 -5.96 -19.81 -13.22
C ARG A 36 -7.46 -19.98 -12.99
N ARG A 37 -7.91 -19.63 -11.78
CA ARG A 37 -9.32 -19.74 -11.44
C ARG A 37 -9.65 -18.91 -10.21
N ALA A 38 -8.98 -17.77 -10.08
CA ALA A 38 -9.20 -16.88 -8.94
C ALA A 38 -9.27 -15.41 -9.39
N PRO A 39 -10.10 -14.57 -8.73
CA PRO A 39 -10.22 -13.15 -9.10
C PRO A 39 -9.01 -12.34 -8.67
N GLN A 40 -9.13 -11.01 -8.76
CA GLN A 40 -8.04 -10.12 -8.38
C GLN A 40 -8.13 -9.75 -6.91
N THR A 41 -7.03 -9.94 -6.18
CA THR A 41 -6.98 -9.63 -4.77
C THR A 41 -5.61 -9.10 -4.37
N GLY A 42 -5.59 -8.17 -3.43
CA GLY A 42 -4.34 -7.59 -2.97
C GLY A 42 -4.53 -6.39 -2.08
N ILE A 43 -4.00 -5.25 -2.50
CA ILE A 43 -4.13 -4.01 -1.74
C ILE A 43 -5.52 -3.40 -1.89
N VAL A 44 -6.05 -3.46 -3.12
CA VAL A 44 -7.36 -2.91 -3.41
C VAL A 44 -8.45 -3.57 -2.55
N ASP A 45 -8.51 -4.90 -2.59
CA ASP A 45 -9.49 -5.65 -1.82
C ASP A 45 -9.19 -5.61 -0.32
N GLU A 46 -7.92 -5.38 0.04
CA GLU A 46 -7.53 -5.34 1.44
C GLU A 46 -7.64 -3.93 2.04
N CYS A 47 -7.59 -2.91 1.19
CA CYS A 47 -7.66 -1.53 1.67
C CYS A 47 -8.92 -0.81 1.16
N CYS A 48 -9.20 -0.96 -0.13
CA CYS A 48 -10.36 -0.31 -0.72
C CYS A 48 -11.66 -0.99 -0.28
N PHE A 49 -11.72 -2.31 -0.43
CA PHE A 49 -12.90 -3.06 -0.05
C PHE A 49 -13.03 -3.11 1.47
N ARG A 50 -11.90 -3.12 2.17
CA ARG A 50 -11.89 -3.15 3.62
C ARG A 50 -10.85 -2.20 4.17
N SER A 51 -11.12 -1.61 5.33
CA SER A 51 -10.20 -0.68 5.95
C SER A 51 -8.90 -1.37 6.36
N CYS A 52 -7.78 -0.74 6.05
CA CYS A 52 -6.47 -1.31 6.38
C CYS A 52 -5.62 -0.30 7.16
N ASP A 53 -4.35 -0.65 7.38
CA ASP A 53 -3.42 0.22 8.09
C ASP A 53 -2.29 0.65 7.17
N LEU A 54 -1.85 1.89 7.31
CA LEU A 54 -0.77 2.44 6.49
C LEU A 54 0.49 1.57 6.55
N ARG A 55 0.68 0.87 7.67
CA ARG A 55 1.84 0.02 7.85
C ARG A 55 1.92 -1.08 6.79
N ARG A 56 0.75 -1.47 6.25
CA ARG A 56 0.69 -2.51 5.24
C ARG A 56 1.37 -2.05 3.94
N LEU A 57 1.32 -0.75 3.68
CA LEU A 57 1.91 -0.19 2.47
C LEU A 57 3.40 -0.52 2.37
N GLU A 58 4.05 -0.68 3.52
CA GLU A 58 5.48 -1.00 3.55
C GLU A 58 5.74 -2.41 3.01
N MET A 59 4.80 -3.31 3.24
CA MET A 59 4.93 -4.69 2.78
C MET A 59 5.07 -4.75 1.26
N TYR A 60 4.24 -3.98 0.56
CA TYR A 60 4.27 -3.95 -0.89
C TYR A 60 5.54 -3.30 -1.42
N CYS A 61 6.12 -2.40 -0.64
CA CYS A 61 7.35 -1.71 -1.04
C CYS A 61 8.48 -2.71 -1.29
N ALA A 62 9.16 -2.55 -2.42
CA ALA A 62 10.26 -3.44 -2.78
C ALA A 62 11.41 -3.32 -1.78
N PRO A 63 12.34 -4.31 -1.75
CA PRO A 63 13.48 -4.27 -0.82
C PRO A 63 14.60 -3.34 -1.29
N LEU A 64 14.76 -3.23 -2.60
CA LEU A 64 15.79 -2.37 -3.17
C LEU A 64 15.60 -0.93 -2.75
N LYS A 65 16.67 -0.15 -2.80
CA LYS A 65 16.63 1.25 -2.42
C LYS A 65 17.62 2.08 -3.25
N PRO A 66 17.42 3.41 -3.38
CA PRO A 66 18.33 4.27 -4.16
C PRO A 66 19.65 4.51 -3.44
N ALA A 67 19.60 4.60 -2.12
CA ALA A 67 20.81 4.84 -1.33
C ALA A 67 20.84 3.93 -0.11
N LYS A 68 21.90 3.12 -0.01
CA LYS A 68 22.05 2.21 1.11
C LYS A 68 23.22 2.61 2.00
N SER A 69 23.17 2.20 3.26
CA SER A 69 24.23 2.53 4.22
C SER A 69 25.32 1.46 4.20
N ALA A 70 24.90 0.20 4.15
CA ALA A 70 25.85 -0.91 4.13
C ALA A 70 25.30 -2.08 3.31
N ARG B 1 2.72 15.15 15.08
CA ARG B 1 1.99 14.81 13.83
C ARG B 1 2.45 13.48 13.25
N ASN B 2 1.50 12.55 13.11
CA ASN B 2 1.81 11.23 12.57
C ASN B 2 1.07 11.01 11.25
N CYS B 3 1.83 10.66 10.21
CA CYS B 3 1.25 10.42 8.89
C CYS B 3 0.71 9.00 8.79
N PHE B 4 1.37 8.06 9.46
CA PHE B 4 0.96 6.66 9.45
C PHE B 4 0.08 6.34 10.66
N GLU B 5 -0.89 7.22 10.90
CA GLU B 5 -1.81 7.04 12.02
C GLU B 5 -3.21 6.69 11.52
N SER B 6 -3.56 7.19 10.34
CA SER B 6 -4.87 6.92 9.76
C SER B 6 -4.85 7.08 8.24
N VAL B 7 -6.00 6.87 7.62
CA VAL B 7 -6.12 6.99 6.17
C VAL B 7 -6.26 8.44 5.73
N ALA B 8 -6.82 9.28 6.61
CA ALA B 8 -7.00 10.69 6.31
C ALA B 8 -5.67 11.44 6.30
N ALA B 9 -4.80 11.09 7.23
CA ALA B 9 -3.48 11.73 7.34
C ALA B 9 -2.69 11.66 6.02
N LEU B 10 -2.82 10.53 5.32
CA LEU B 10 -2.12 10.34 4.05
C LEU B 10 -2.48 11.43 3.04
N ARG B 11 -3.76 11.75 2.94
CA ARG B 11 -4.23 12.77 2.00
C ARG B 11 -3.58 14.12 2.30
N ARG B 12 -3.54 14.49 3.58
CA ARG B 12 -2.95 15.76 3.99
C ARG B 12 -1.44 15.76 3.79
N CYS B 13 -0.82 14.60 3.99
CA CYS B 13 0.62 14.47 3.84
C CYS B 13 1.07 14.78 2.41
N MET B 14 0.41 14.18 1.43
CA MET B 14 0.76 14.39 0.03
C MET B 14 0.27 15.74 -0.50
N TYR B 15 -1.00 16.03 -0.31
CA TYR B 15 -1.58 17.29 -0.79
C TYR B 15 -1.22 18.45 0.12
N GLY B 16 -1.43 18.26 1.43
CA GLY B 16 -1.13 19.30 2.39
C GLY B 16 -2.22 19.48 3.42
N GLY A 1 -17.93 8.94 4.18
CA GLY A 1 -18.07 7.53 4.63
C GLY A 1 -16.88 7.06 5.47
N PRO A 2 -16.53 5.75 5.42
CA PRO A 2 -15.39 5.24 6.20
C PRO A 2 -14.05 5.73 5.68
N GLU A 3 -12.98 5.30 6.33
CA GLU A 3 -11.63 5.70 5.92
C GLU A 3 -10.96 4.61 5.10
N THR A 4 -10.97 4.78 3.77
CA THR A 4 -10.36 3.82 2.87
C THR A 4 -9.39 4.52 1.92
N LEU A 5 -8.74 3.74 1.07
CA LEU A 5 -7.78 4.28 0.11
C LEU A 5 -7.97 3.68 -1.27
N CYS A 6 -8.49 4.48 -2.19
CA CYS A 6 -8.71 4.02 -3.56
C CYS A 6 -8.35 5.11 -4.58
N GLY A 7 -8.28 4.73 -5.85
CA GLY A 7 -7.95 5.67 -6.89
C GLY A 7 -6.59 6.33 -6.67
N ALA A 8 -6.54 7.63 -6.91
CA ALA A 8 -5.29 8.39 -6.75
C ALA A 8 -4.78 8.31 -5.32
N GLU A 9 -5.71 8.17 -4.37
CA GLU A 9 -5.34 8.09 -2.95
C GLU A 9 -4.51 6.85 -2.68
N LEU A 10 -4.91 5.72 -3.27
CA LEU A 10 -4.20 4.46 -3.09
C LEU A 10 -2.83 4.51 -3.76
N VAL A 11 -2.79 5.06 -4.97
CA VAL A 11 -1.55 5.16 -5.72
C VAL A 11 -0.65 6.24 -5.13
N ASP A 12 -1.25 7.31 -4.62
CA ASP A 12 -0.51 8.41 -4.03
C ASP A 12 0.25 7.96 -2.79
N ALA A 13 -0.36 7.03 -2.04
CA ALA A 13 0.26 6.52 -0.82
C ALA A 13 1.42 5.58 -1.14
N LEU A 14 1.18 4.63 -2.04
CA LEU A 14 2.21 3.67 -2.43
C LEU A 14 3.44 4.38 -2.99
N GLN A 15 3.22 5.53 -3.61
CA GLN A 15 4.32 6.32 -4.17
C GLN A 15 5.03 7.13 -3.09
N PHE A 16 4.26 7.54 -2.07
CA PHE A 16 4.81 8.33 -0.97
C PHE A 16 5.60 7.43 -0.01
N VAL A 17 5.14 6.19 0.14
CA VAL A 17 5.79 5.24 1.04
C VAL A 17 6.89 4.45 0.31
N CYS A 18 6.61 4.06 -0.93
CA CYS A 18 7.57 3.29 -1.71
C CYS A 18 8.30 4.18 -2.72
N GLY A 19 7.55 4.93 -3.50
CA GLY A 19 8.15 5.82 -4.49
C GLY A 19 8.75 5.06 -5.66
N ASP A 20 10.07 5.06 -5.75
CA ASP A 20 10.77 4.37 -6.83
C ASP A 20 11.10 2.91 -6.50
N ARG A 21 10.61 2.39 -5.37
CA ARG A 21 10.88 1.01 -4.99
C ARG A 21 10.22 0.04 -5.96
N GLY A 22 9.02 0.38 -6.41
CA GLY A 22 8.30 -0.48 -7.34
C GLY A 22 7.27 -1.35 -6.63
N PHE A 23 6.31 -0.70 -5.98
CA PHE A 23 5.25 -1.41 -5.25
C PHE A 23 4.48 -2.33 -6.18
N TYR A 24 4.14 -3.52 -5.67
CA TYR A 24 3.39 -4.51 -6.43
C TYR A 24 2.11 -4.90 -5.69
N PHE A 25 0.99 -4.81 -6.39
CA PHE A 25 -0.31 -5.15 -5.80
C PHE A 25 -0.33 -6.59 -5.29
N ASN A 26 -0.27 -7.55 -6.20
CA ASN A 26 -0.29 -8.96 -5.83
C ASN A 26 1.08 -9.43 -5.35
N LYS A 27 1.22 -9.60 -4.04
CA LYS A 27 2.48 -10.05 -3.46
C LYS A 27 2.53 -11.57 -3.34
N PRO A 28 1.46 -12.22 -2.81
CA PRO A 28 1.43 -13.68 -2.66
C PRO A 28 0.91 -14.39 -3.91
N THR A 29 0.67 -15.69 -3.78
CA THR A 29 0.16 -16.49 -4.88
C THR A 29 -0.39 -17.81 -4.38
N GLY A 30 -0.95 -17.80 -3.18
CA GLY A 30 -1.51 -19.00 -2.59
C GLY A 30 -2.75 -19.48 -3.32
N TYR A 31 -3.69 -20.04 -2.57
CA TYR A 31 -4.93 -20.55 -3.14
C TYR A 31 -6.08 -19.58 -2.86
N GLY A 32 -7.29 -19.98 -3.25
CA GLY A 32 -8.46 -19.15 -3.04
C GLY A 32 -8.76 -18.26 -4.23
N SER A 33 -8.62 -16.96 -4.04
CA SER A 33 -8.89 -16.00 -5.11
C SER A 33 -7.62 -15.72 -5.92
N SER A 34 -6.51 -15.54 -5.22
CA SER A 34 -5.23 -15.28 -5.88
C SER A 34 -4.47 -16.57 -6.14
N SER A 35 -4.41 -16.97 -7.41
CA SER A 35 -3.71 -18.19 -7.80
C SER A 35 -3.12 -18.06 -9.19
N ARG A 36 -3.99 -17.95 -10.20
CA ARG A 36 -3.56 -17.82 -11.57
C ARG A 36 -3.24 -16.36 -11.92
N ARG A 37 -2.48 -16.16 -12.99
CA ARG A 37 -2.11 -14.82 -13.43
C ARG A 37 -3.13 -14.27 -14.42
N ALA A 38 -4.05 -13.46 -13.92
CA ALA A 38 -5.08 -12.85 -14.76
C ALA A 38 -5.84 -11.76 -14.01
N PRO A 39 -6.58 -12.10 -12.92
CA PRO A 39 -7.33 -11.11 -12.15
C PRO A 39 -6.44 -10.20 -11.35
N GLN A 40 -7.04 -9.39 -10.48
CA GLN A 40 -6.29 -8.46 -9.65
C GLN A 40 -6.81 -8.46 -8.21
N THR A 41 -5.92 -8.71 -7.26
CA THR A 41 -6.30 -8.75 -5.85
C THR A 41 -5.10 -8.49 -4.95
N GLY A 42 -5.34 -7.92 -3.78
CA GLY A 42 -4.25 -7.64 -2.86
C GLY A 42 -4.53 -6.42 -2.00
N ILE A 43 -3.91 -5.30 -2.36
CA ILE A 43 -4.09 -4.05 -1.61
C ILE A 43 -5.48 -3.47 -1.85
N VAL A 44 -5.98 -3.62 -3.07
CA VAL A 44 -7.29 -3.09 -3.43
C VAL A 44 -8.39 -3.66 -2.54
N ASP A 45 -8.52 -4.98 -2.54
CA ASP A 45 -9.53 -5.66 -1.74
C ASP A 45 -9.23 -5.58 -0.24
N GLU A 46 -7.96 -5.36 0.11
CA GLU A 46 -7.56 -5.29 1.51
C GLU A 46 -7.63 -3.87 2.07
N CYS A 47 -7.63 -2.86 1.20
CA CYS A 47 -7.68 -1.47 1.64
C CYS A 47 -8.88 -0.72 1.08
N CYS A 48 -9.17 -0.94 -0.20
CA CYS A 48 -10.30 -0.26 -0.83
C CYS A 48 -11.63 -0.85 -0.36
N PHE A 49 -11.77 -2.16 -0.49
CA PHE A 49 -12.99 -2.84 -0.07
C PHE A 49 -13.17 -2.74 1.44
N ARG A 50 -12.05 -2.77 2.16
CA ARG A 50 -12.08 -2.67 3.61
C ARG A 50 -10.96 -1.76 4.12
N SER A 51 -11.22 -1.08 5.23
CA SER A 51 -10.25 -0.17 5.82
C SER A 51 -9.03 -0.94 6.32
N CYS A 52 -7.85 -0.44 5.96
CA CYS A 52 -6.59 -1.07 6.37
C CYS A 52 -5.72 -0.09 7.15
N ASP A 53 -4.48 -0.50 7.42
CA ASP A 53 -3.54 0.34 8.14
C ASP A 53 -2.40 0.78 7.21
N LEU A 54 -2.09 2.07 7.23
CA LEU A 54 -1.04 2.62 6.38
C LEU A 54 0.29 1.88 6.54
N ARG A 55 0.49 1.23 7.68
CA ARG A 55 1.73 0.50 7.94
C ARG A 55 1.92 -0.62 6.92
N ARG A 56 0.83 -1.14 6.36
CA ARG A 56 0.90 -2.21 5.38
C ARG A 56 1.52 -1.72 4.08
N LEU A 57 1.36 -0.44 3.78
CA LEU A 57 1.90 0.15 2.55
C LEU A 57 3.40 -0.06 2.43
N GLU A 58 4.08 -0.16 3.58
CA GLU A 58 5.52 -0.36 3.59
C GLU A 58 5.89 -1.75 3.08
N MET A 59 5.03 -2.72 3.32
CA MET A 59 5.28 -4.09 2.88
C MET A 59 5.35 -4.17 1.36
N TYR A 60 4.36 -3.59 0.69
CA TYR A 60 4.30 -3.60 -0.77
C TYR A 60 5.56 -3.00 -1.39
N CYS A 61 6.19 -2.07 -0.67
CA CYS A 61 7.39 -1.41 -1.15
C CYS A 61 8.50 -2.43 -1.43
N ALA A 62 9.25 -2.20 -2.50
CA ALA A 62 10.34 -3.09 -2.87
C ALA A 62 11.59 -2.84 -2.00
N PRO A 63 12.67 -3.64 -2.17
CA PRO A 63 13.88 -3.47 -1.37
C PRO A 63 14.80 -2.38 -1.92
N LEU A 64 14.85 -2.26 -3.25
CA LEU A 64 15.69 -1.26 -3.90
C LEU A 64 15.32 0.15 -3.45
N LYS A 65 16.31 1.03 -3.41
CA LYS A 65 16.09 2.41 -3.00
C LYS A 65 16.29 3.37 -4.18
N PRO A 66 15.75 4.61 -4.10
CA PRO A 66 15.89 5.59 -5.19
C PRO A 66 17.28 6.23 -5.22
N ALA A 67 17.48 7.13 -6.17
CA ALA A 67 18.76 7.82 -6.31
C ALA A 67 18.65 9.28 -5.89
N LYS A 68 19.80 9.95 -5.79
CA LYS A 68 19.83 11.35 -5.40
C LYS A 68 20.00 12.26 -6.61
N SER A 69 20.97 11.92 -7.46
CA SER A 69 21.24 12.71 -8.66
C SER A 69 20.09 12.59 -9.66
N ALA A 70 20.00 13.54 -10.56
CA ALA A 70 18.95 13.55 -11.57
C ALA A 70 19.39 12.80 -12.82
N ARG B 1 -0.06 13.15 15.49
CA ARG B 1 1.36 13.43 15.13
C ARG B 1 1.87 12.44 14.08
N ASN B 2 1.46 11.18 14.22
CA ASN B 2 1.88 10.14 13.30
C ASN B 2 1.10 10.22 11.99
N CYS B 3 1.80 10.05 10.88
CA CYS B 3 1.17 10.09 9.57
C CYS B 3 0.46 8.78 9.23
N PHE B 4 0.93 7.68 9.82
CA PHE B 4 0.33 6.37 9.58
C PHE B 4 -0.69 6.01 10.66
N GLU B 5 -1.37 7.01 11.21
CA GLU B 5 -2.37 6.79 12.25
C GLU B 5 -3.73 6.52 11.62
N SER B 6 -3.99 7.16 10.48
CA SER B 6 -5.25 6.99 9.78
C SER B 6 -5.08 7.31 8.30
N VAL B 7 -6.14 7.10 7.51
CA VAL B 7 -6.09 7.37 6.08
C VAL B 7 -6.13 8.87 5.81
N ALA B 8 -6.81 9.61 6.69
CA ALA B 8 -6.92 11.05 6.53
C ALA B 8 -5.56 11.73 6.62
N ALA B 9 -4.75 11.30 7.57
CA ALA B 9 -3.41 11.85 7.76
C ALA B 9 -2.51 11.51 6.58
N LEU B 10 -2.68 10.29 6.05
CA LEU B 10 -1.87 9.83 4.92
C LEU B 10 -2.04 10.75 3.72
N ARG B 11 -3.27 11.16 3.45
CA ARG B 11 -3.55 12.05 2.32
C ARG B 11 -2.89 13.41 2.52
N ARG B 12 -2.99 13.93 3.73
CA ARG B 12 -2.40 15.23 4.05
C ARG B 12 -0.89 15.22 3.85
N CYS B 13 -0.26 14.10 4.17
CA CYS B 13 1.18 13.95 4.03
C CYS B 13 1.60 14.15 2.57
N MET B 14 0.90 13.51 1.66
CA MET B 14 1.20 13.61 0.24
C MET B 14 0.91 15.02 -0.27
N TYR B 15 -0.30 15.50 -0.01
CA TYR B 15 -0.70 16.84 -0.43
C TYR B 15 -0.14 17.91 0.50
N GLY B 16 1.17 18.12 0.44
CA GLY B 16 1.81 19.11 1.27
C GLY B 16 3.32 19.06 1.20
N GLY A 1 -19.29 4.87 4.09
CA GLY A 1 -18.00 5.37 3.54
C GLY A 1 -16.94 5.55 4.61
N PRO A 2 -16.37 4.46 5.17
CA PRO A 2 -15.34 4.56 6.20
C PRO A 2 -14.01 5.06 5.65
N GLU A 3 -12.96 4.97 6.46
CA GLU A 3 -11.62 5.40 6.05
C GLU A 3 -10.92 4.31 5.24
N THR A 4 -10.91 4.47 3.93
CA THR A 4 -10.27 3.51 3.05
C THR A 4 -9.31 4.21 2.08
N LEU A 5 -8.80 3.46 1.11
CA LEU A 5 -7.87 4.02 0.13
C LEU A 5 -8.14 3.48 -1.27
N CYS A 6 -8.61 4.34 -2.16
CA CYS A 6 -8.92 3.95 -3.53
C CYS A 6 -8.50 5.03 -4.52
N GLY A 7 -8.40 4.65 -5.79
CA GLY A 7 -8.00 5.60 -6.82
C GLY A 7 -6.64 6.20 -6.58
N ALA A 8 -6.53 7.50 -6.85
CA ALA A 8 -5.27 8.22 -6.68
C ALA A 8 -4.76 8.12 -5.24
N GLU A 9 -5.68 7.98 -4.29
CA GLU A 9 -5.32 7.88 -2.89
C GLU A 9 -4.45 6.64 -2.65
N LEU A 10 -4.78 5.54 -3.31
CA LEU A 10 -4.04 4.30 -3.17
C LEU A 10 -2.67 4.41 -3.86
N VAL A 11 -2.67 4.96 -5.07
CA VAL A 11 -1.44 5.12 -5.82
C VAL A 11 -0.55 6.20 -5.20
N ASP A 12 -1.19 7.20 -4.59
CA ASP A 12 -0.46 8.30 -3.96
C ASP A 12 0.35 7.79 -2.77
N ALA A 13 -0.27 6.96 -1.94
CA ALA A 13 0.39 6.41 -0.76
C ALA A 13 1.56 5.52 -1.16
N LEU A 14 1.33 4.63 -2.11
CA LEU A 14 2.37 3.72 -2.57
C LEU A 14 3.55 4.50 -3.16
N GLN A 15 3.25 5.60 -3.83
CA GLN A 15 4.29 6.43 -4.44
C GLN A 15 4.95 7.33 -3.38
N PHE A 16 4.17 7.71 -2.38
CA PHE A 16 4.68 8.56 -1.31
C PHE A 16 5.49 7.74 -0.30
N VAL A 17 5.10 6.48 -0.13
CA VAL A 17 5.79 5.59 0.81
C VAL A 17 6.96 4.88 0.13
N CYS A 18 6.63 3.99 -0.80
CA CYS A 18 7.65 3.23 -1.52
C CYS A 18 8.47 4.15 -2.44
N GLY A 19 7.77 4.93 -3.25
CA GLY A 19 8.45 5.83 -4.17
C GLY A 19 9.16 5.12 -5.29
N ASP A 20 10.49 5.21 -5.30
CA ASP A 20 11.30 4.57 -6.33
C ASP A 20 11.60 3.09 -6.03
N ARG A 21 10.98 2.53 -4.98
CA ARG A 21 11.22 1.14 -4.62
C ARG A 21 10.56 0.20 -5.64
N GLY A 22 9.45 0.65 -6.22
CA GLY A 22 8.74 -0.16 -7.18
C GLY A 22 7.72 -1.07 -6.54
N PHE A 23 6.68 -0.48 -5.97
CA PHE A 23 5.63 -1.25 -5.30
C PHE A 23 4.95 -2.21 -6.25
N TYR A 24 4.21 -3.16 -5.68
CA TYR A 24 3.50 -4.16 -6.45
C TYR A 24 2.17 -4.50 -5.79
N PHE A 25 1.09 -4.37 -6.55
CA PHE A 25 -0.26 -4.65 -6.02
C PHE A 25 -0.36 -6.09 -5.51
N ASN A 26 -0.33 -7.05 -6.44
CA ASN A 26 -0.44 -8.47 -6.08
C ASN A 26 0.93 -9.02 -5.67
N LYS A 27 0.97 -9.64 -4.50
CA LYS A 27 2.21 -10.23 -4.00
C LYS A 27 1.93 -11.58 -3.32
N PRO A 28 2.89 -12.54 -3.37
CA PRO A 28 2.69 -13.86 -2.75
C PRO A 28 2.78 -13.80 -1.23
N THR A 29 1.94 -14.59 -0.56
CA THR A 29 1.93 -14.64 0.90
C THR A 29 2.30 -16.03 1.40
N GLY A 30 3.15 -16.09 2.42
CA GLY A 30 3.56 -17.36 2.97
C GLY A 30 2.40 -18.13 3.57
N TYR A 31 1.73 -18.92 2.73
CA TYR A 31 0.59 -19.72 3.18
C TYR A 31 1.05 -21.09 3.65
N GLY A 32 0.33 -21.65 4.62
CA GLY A 32 0.67 -22.95 5.14
C GLY A 32 0.28 -23.12 6.60
N SER A 33 -1.02 -23.13 6.86
CA SER A 33 -1.52 -23.28 8.22
C SER A 33 -1.84 -24.74 8.51
N SER A 34 -2.72 -25.34 7.73
CA SER A 34 -3.10 -26.73 7.91
C SER A 34 -3.43 -27.38 6.57
N SER A 35 -4.47 -26.89 5.91
CA SER A 35 -4.88 -27.42 4.62
C SER A 35 -5.73 -26.40 3.85
N ARG A 36 -6.98 -26.25 4.28
CA ARG A 36 -7.88 -25.30 3.63
C ARG A 36 -7.78 -23.92 4.28
N ARG A 37 -7.60 -22.90 3.45
CA ARG A 37 -7.49 -21.52 3.94
C ARG A 37 -8.38 -20.59 3.14
N ALA A 38 -8.73 -19.46 3.74
CA ALA A 38 -9.59 -18.48 3.10
C ALA A 38 -8.89 -17.85 1.89
N PRO A 39 -9.65 -17.21 0.96
CA PRO A 39 -9.04 -16.58 -0.23
C PRO A 39 -8.19 -15.36 0.14
N GLN A 40 -7.07 -15.21 -0.55
CA GLN A 40 -6.17 -14.09 -0.32
C GLN A 40 -6.25 -13.08 -1.46
N THR A 41 -6.16 -11.80 -1.12
CA THR A 41 -6.22 -10.73 -2.13
C THR A 41 -5.04 -9.77 -1.98
N GLY A 42 -5.08 -8.69 -2.74
CA GLY A 42 -4.01 -7.71 -2.68
C GLY A 42 -4.32 -6.57 -1.73
N ILE A 43 -4.13 -5.34 -2.20
CA ILE A 43 -4.39 -4.16 -1.38
C ILE A 43 -5.77 -3.58 -1.69
N VAL A 44 -6.22 -3.72 -2.93
CA VAL A 44 -7.52 -3.21 -3.34
C VAL A 44 -8.65 -3.78 -2.49
N ASP A 45 -8.85 -5.09 -2.58
CA ASP A 45 -9.91 -5.75 -1.82
C ASP A 45 -9.63 -5.74 -0.31
N GLU A 46 -8.38 -5.52 0.08
CA GLU A 46 -8.02 -5.50 1.50
C GLU A 46 -8.13 -4.10 2.09
N CYS A 47 -7.99 -3.07 1.26
CA CYS A 47 -8.06 -1.69 1.73
C CYS A 47 -9.24 -0.94 1.12
N CYS A 48 -9.34 -0.97 -0.20
CA CYS A 48 -10.42 -0.27 -0.89
C CYS A 48 -11.78 -0.83 -0.50
N PHE A 49 -11.89 -2.15 -0.44
CA PHE A 49 -13.14 -2.81 -0.07
C PHE A 49 -13.37 -2.70 1.43
N ARG A 50 -12.35 -3.04 2.21
CA ARG A 50 -12.44 -2.97 3.67
C ARG A 50 -11.33 -2.09 4.22
N SER A 51 -11.59 -1.44 5.35
CA SER A 51 -10.60 -0.57 5.97
C SER A 51 -9.36 -1.35 6.38
N CYS A 52 -8.20 -0.72 6.24
CA CYS A 52 -6.93 -1.35 6.58
C CYS A 52 -6.00 -0.38 7.32
N ASP A 53 -4.74 -0.74 7.43
CA ASP A 53 -3.75 0.10 8.07
C ASP A 53 -2.72 0.58 7.06
N LEU A 54 -2.33 1.84 7.15
CA LEU A 54 -1.37 2.43 6.21
C LEU A 54 -0.02 1.71 6.28
N ARG A 55 0.29 1.12 7.44
CA ARG A 55 1.55 0.40 7.63
C ARG A 55 1.74 -0.70 6.58
N ARG A 56 0.63 -1.22 6.06
CA ARG A 56 0.69 -2.27 5.04
C ARG A 56 1.37 -1.78 3.78
N LEU A 57 1.28 -0.47 3.51
CA LEU A 57 1.90 0.13 2.33
C LEU A 57 3.39 -0.16 2.26
N GLU A 58 4.02 -0.28 3.43
CA GLU A 58 5.45 -0.55 3.52
C GLU A 58 5.79 -1.95 3.00
N MET A 59 4.87 -2.89 3.20
CA MET A 59 5.06 -4.26 2.76
C MET A 59 5.26 -4.33 1.25
N TYR A 60 4.32 -3.76 0.52
CA TYR A 60 4.37 -3.75 -0.94
C TYR A 60 5.64 -3.08 -1.46
N CYS A 61 6.21 -2.18 -0.66
CA CYS A 61 7.43 -1.48 -1.05
C CYS A 61 8.57 -2.47 -1.26
N ALA A 62 9.25 -2.36 -2.39
CA ALA A 62 10.36 -3.24 -2.71
C ALA A 62 11.53 -3.05 -1.73
N PRO A 63 12.41 -4.07 -1.55
CA PRO A 63 13.54 -3.96 -0.63
C PRO A 63 14.67 -3.10 -1.19
N LEU A 64 14.76 -3.04 -2.51
CA LEU A 64 15.80 -2.26 -3.16
C LEU A 64 15.73 -0.79 -2.77
N LYS A 65 16.68 0.01 -3.26
CA LYS A 65 16.72 1.42 -2.96
C LYS A 65 17.26 2.21 -4.16
N PRO A 66 16.93 3.53 -4.27
CA PRO A 66 17.41 4.35 -5.39
C PRO A 66 18.93 4.44 -5.43
N ALA A 67 19.55 3.43 -6.03
CA ALA A 67 21.01 3.39 -6.14
C ALA A 67 21.46 2.19 -6.95
N LYS A 68 22.78 2.00 -7.06
CA LYS A 68 23.33 0.89 -7.82
C LYS A 68 23.55 -0.32 -6.91
N SER A 69 22.53 -1.17 -6.80
CA SER A 69 22.62 -2.35 -5.97
C SER A 69 22.83 -3.61 -6.82
N ALA A 70 23.37 -4.65 -6.20
CA ALA A 70 23.63 -5.90 -6.91
C ALA A 70 23.78 -7.06 -5.93
N ARG B 1 2.86 14.28 13.79
CA ARG B 1 4.19 13.74 13.41
C ARG B 1 4.06 12.45 12.60
N ASN B 2 3.37 11.47 13.18
CA ASN B 2 3.17 10.20 12.51
C ASN B 2 2.13 10.31 11.40
N CYS B 3 2.56 10.04 10.17
CA CYS B 3 1.68 10.12 9.01
C CYS B 3 0.87 8.84 8.85
N PHE B 4 1.44 7.71 9.28
CA PHE B 4 0.77 6.43 9.18
C PHE B 4 -0.09 6.16 10.41
N GLU B 5 -1.01 7.09 10.68
CA GLU B 5 -1.91 6.95 11.82
C GLU B 5 -3.33 6.66 11.34
N SER B 6 -3.68 7.24 10.21
CA SER B 6 -5.00 7.05 9.62
C SER B 6 -4.98 7.43 8.14
N VAL B 7 -6.09 7.19 7.45
CA VAL B 7 -6.18 7.52 6.03
C VAL B 7 -6.25 9.02 5.82
N ALA B 8 -6.85 9.72 6.78
CA ALA B 8 -6.99 11.17 6.70
C ALA B 8 -5.62 11.86 6.78
N ALA B 9 -4.77 11.34 7.64
CA ALA B 9 -3.43 11.90 7.82
C ALA B 9 -2.57 11.66 6.58
N LEU B 10 -2.73 10.50 5.96
CA LEU B 10 -1.98 10.14 4.76
C LEU B 10 -2.19 11.15 3.65
N ARG B 11 -3.44 11.57 3.47
CA ARG B 11 -3.78 12.55 2.44
C ARG B 11 -3.14 13.90 2.71
N ARG B 12 -3.29 14.38 3.95
CA ARG B 12 -2.72 15.67 4.34
C ARG B 12 -1.21 15.67 4.18
N CYS B 13 -0.57 14.57 4.55
CA CYS B 13 0.88 14.45 4.45
C CYS B 13 1.34 14.64 3.00
N MET B 14 0.65 13.97 2.08
CA MET B 14 0.99 14.06 0.66
C MET B 14 0.60 15.42 0.09
N TYR B 15 -0.65 15.81 0.31
CA TYR B 15 -1.15 17.08 -0.18
C TYR B 15 -0.83 18.21 0.80
N GLY B 16 0.44 18.57 0.89
CA GLY B 16 0.86 19.63 1.79
C GLY B 16 2.00 20.45 1.24
N GLY A 1 -13.74 3.79 10.49
CA GLY A 1 -15.07 3.61 9.87
C GLY A 1 -15.01 3.57 8.35
N PRO A 2 -15.37 4.67 7.64
CA PRO A 2 -15.34 4.72 6.19
C PRO A 2 -14.00 5.21 5.63
N GLU A 3 -12.94 5.10 6.42
CA GLU A 3 -11.61 5.53 5.99
C GLU A 3 -10.94 4.45 5.16
N THR A 4 -11.02 4.60 3.83
CA THR A 4 -10.41 3.63 2.92
C THR A 4 -9.46 4.34 1.96
N LEU A 5 -8.77 3.55 1.12
CA LEU A 5 -7.83 4.10 0.16
C LEU A 5 -8.10 3.56 -1.24
N CYS A 6 -8.58 4.42 -2.13
CA CYS A 6 -8.87 4.02 -3.50
C CYS A 6 -8.47 5.12 -4.48
N GLY A 7 -8.33 4.74 -5.75
CA GLY A 7 -7.95 5.71 -6.78
C GLY A 7 -6.58 6.30 -6.54
N ALA A 8 -6.47 7.60 -6.78
CA ALA A 8 -5.20 8.31 -6.60
C ALA A 8 -4.69 8.18 -5.17
N GLU A 9 -5.62 8.07 -4.23
CA GLU A 9 -5.26 7.93 -2.82
C GLU A 9 -4.42 6.69 -2.58
N LEU A 10 -4.78 5.60 -3.24
CA LEU A 10 -4.05 4.34 -3.10
C LEU A 10 -2.68 4.44 -3.78
N VAL A 11 -2.65 5.02 -4.97
CA VAL A 11 -1.41 5.18 -5.71
C VAL A 11 -0.51 6.22 -5.06
N ASP A 12 -1.13 7.22 -4.43
CA ASP A 12 -0.39 8.28 -3.76
C ASP A 12 0.40 7.73 -2.57
N ALA A 13 -0.23 6.84 -1.81
CA ALA A 13 0.41 6.24 -0.65
C ALA A 13 1.58 5.35 -1.07
N LEU A 14 1.34 4.48 -2.04
CA LEU A 14 2.38 3.58 -2.53
C LEU A 14 3.57 4.37 -3.09
N GLN A 15 3.28 5.48 -3.76
CA GLN A 15 4.31 6.33 -4.33
C GLN A 15 5.02 7.11 -3.23
N PHE A 16 4.29 7.45 -2.18
CA PHE A 16 4.84 8.19 -1.06
C PHE A 16 5.62 7.27 -0.13
N VAL A 17 5.18 6.02 -0.04
CA VAL A 17 5.83 5.03 0.81
C VAL A 17 6.96 4.33 0.07
N CYS A 18 6.70 3.95 -1.18
CA CYS A 18 7.69 3.27 -1.99
C CYS A 18 8.37 4.23 -2.97
N GLY A 19 7.56 4.97 -3.73
CA GLY A 19 8.09 5.92 -4.69
C GLY A 19 9.01 5.27 -5.72
N ASP A 20 10.31 5.32 -5.45
CA ASP A 20 11.29 4.74 -6.37
C ASP A 20 11.48 3.25 -6.11
N ARG A 21 11.25 2.82 -4.86
CA ARG A 21 11.40 1.42 -4.49
C ARG A 21 10.50 0.52 -5.34
N GLY A 22 9.33 1.03 -5.70
CA GLY A 22 8.40 0.25 -6.51
C GLY A 22 7.42 -0.52 -5.65
N PHE A 23 6.22 -0.75 -6.20
CA PHE A 23 5.19 -1.48 -5.47
C PHE A 23 4.42 -2.41 -6.40
N TYR A 24 4.02 -3.56 -5.87
CA TYR A 24 3.27 -4.55 -6.65
C TYR A 24 1.82 -4.62 -6.17
N PHE A 25 0.89 -4.48 -7.11
CA PHE A 25 -0.53 -4.55 -6.78
C PHE A 25 -0.92 -5.94 -6.28
N ASN A 26 -0.24 -6.96 -6.79
CA ASN A 26 -0.51 -8.34 -6.39
C ASN A 26 0.75 -9.02 -5.89
N LYS A 27 0.84 -9.18 -4.58
CA LYS A 27 2.01 -9.83 -3.96
C LYS A 27 2.06 -11.32 -4.34
N PRO A 28 3.26 -11.86 -4.67
CA PRO A 28 3.39 -13.27 -5.04
C PRO A 28 3.34 -14.19 -3.82
N THR A 29 2.43 -15.16 -3.85
CA THR A 29 2.28 -16.10 -2.76
C THR A 29 1.59 -17.37 -3.22
N GLY A 30 2.38 -18.42 -3.47
CA GLY A 30 1.82 -19.69 -3.92
C GLY A 30 1.51 -19.69 -5.40
N TYR A 31 2.41 -20.28 -6.19
CA TYR A 31 2.23 -20.35 -7.63
C TYR A 31 1.36 -21.54 -8.02
N GLY A 32 1.88 -22.74 -7.80
CA GLY A 32 1.13 -23.94 -8.13
C GLY A 32 1.05 -24.19 -9.63
N SER A 33 -0.06 -23.79 -10.22
CA SER A 33 -0.27 -23.96 -11.66
C SER A 33 -1.12 -22.84 -12.23
N SER A 34 -1.46 -22.94 -13.50
CA SER A 34 -2.28 -21.93 -14.17
C SER A 34 -3.71 -21.96 -13.64
N SER A 35 -4.10 -20.90 -12.95
CA SER A 35 -5.45 -20.79 -12.40
C SER A 35 -6.37 -20.00 -13.32
N ARG A 36 -7.41 -20.66 -13.82
CA ARG A 36 -8.35 -20.01 -14.73
C ARG A 36 -9.41 -19.25 -13.94
N ARG A 37 -9.79 -19.80 -12.78
CA ARG A 37 -10.80 -19.16 -11.93
C ARG A 37 -10.51 -19.43 -10.46
N ALA A 38 -10.20 -18.36 -9.72
CA ALA A 38 -9.90 -18.47 -8.31
C ALA A 38 -10.02 -17.12 -7.61
N PRO A 39 -10.17 -17.08 -6.26
CA PRO A 39 -10.29 -15.82 -5.53
C PRO A 39 -8.97 -15.06 -5.46
N GLN A 40 -8.88 -13.96 -6.20
CA GLN A 40 -7.67 -13.15 -6.23
C GLN A 40 -7.86 -11.86 -5.43
N THR A 41 -6.90 -11.54 -4.58
CA THR A 41 -6.96 -10.33 -3.77
C THR A 41 -5.57 -9.81 -3.48
N GLY A 42 -5.49 -8.58 -2.94
CA GLY A 42 -4.21 -7.99 -2.62
C GLY A 42 -4.34 -6.79 -1.69
N ILE A 43 -4.28 -5.60 -2.27
CA ILE A 43 -4.38 -4.37 -1.50
C ILE A 43 -5.73 -3.70 -1.71
N VAL A 44 -6.25 -3.79 -2.94
CA VAL A 44 -7.53 -3.19 -3.28
C VAL A 44 -8.66 -3.72 -2.40
N ASP A 45 -8.84 -5.04 -2.42
CA ASP A 45 -9.89 -5.67 -1.62
C ASP A 45 -9.60 -5.59 -0.12
N GLU A 46 -8.33 -5.41 0.24
CA GLU A 46 -7.94 -5.33 1.64
C GLU A 46 -7.98 -3.90 2.18
N CYS A 47 -7.86 -2.91 1.29
CA CYS A 47 -7.85 -1.50 1.71
C CYS A 47 -9.03 -0.74 1.13
N CYS A 48 -9.28 -0.89 -0.17
CA CYS A 48 -10.37 -0.19 -0.82
C CYS A 48 -11.72 -0.74 -0.38
N PHE A 49 -11.89 -2.06 -0.50
CA PHE A 49 -13.13 -2.71 -0.11
C PHE A 49 -13.37 -2.57 1.40
N ARG A 50 -12.29 -2.64 2.17
CA ARG A 50 -12.38 -2.50 3.62
C ARG A 50 -11.22 -1.69 4.16
N SER A 51 -11.47 -0.99 5.27
CA SER A 51 -10.44 -0.16 5.89
C SER A 51 -9.24 -0.99 6.31
N CYS A 52 -8.05 -0.44 6.13
CA CYS A 52 -6.81 -1.13 6.49
C CYS A 52 -5.89 -0.21 7.27
N ASP A 53 -4.69 -0.70 7.55
CA ASP A 53 -3.68 0.09 8.27
C ASP A 53 -2.57 0.52 7.32
N LEU A 54 -2.28 1.81 7.30
CA LEU A 54 -1.24 2.36 6.41
C LEU A 54 0.09 1.65 6.58
N ARG A 55 0.33 1.09 7.77
CA ARG A 55 1.56 0.36 8.05
C ARG A 55 1.77 -0.80 7.07
N ARG A 56 0.68 -1.28 6.47
CA ARG A 56 0.76 -2.39 5.52
C ARG A 56 1.19 -1.94 4.11
N LEU A 57 1.56 -0.67 3.94
CA LEU A 57 1.97 -0.17 2.63
C LEU A 57 3.46 -0.35 2.41
N GLU A 58 4.24 -0.11 3.46
CA GLU A 58 5.70 -0.23 3.38
C GLU A 58 6.13 -1.64 2.96
N MET A 59 5.32 -2.63 3.31
CA MET A 59 5.63 -4.02 2.98
C MET A 59 5.63 -4.24 1.46
N TYR A 60 4.80 -3.49 0.75
CA TYR A 60 4.69 -3.61 -0.69
C TYR A 60 5.94 -3.07 -1.39
N CYS A 61 6.59 -2.10 -0.76
CA CYS A 61 7.80 -1.50 -1.33
C CYS A 61 8.90 -2.54 -1.48
N ALA A 62 9.49 -2.59 -2.68
CA ALA A 62 10.56 -3.53 -2.98
C ALA A 62 11.74 -3.37 -2.00
N PRO A 63 12.58 -4.41 -1.81
CA PRO A 63 13.72 -4.33 -0.89
C PRO A 63 14.80 -3.36 -1.37
N LEU A 64 14.86 -3.13 -2.68
CA LEU A 64 15.85 -2.23 -3.25
C LEU A 64 15.69 -0.82 -2.69
N LYS A 65 16.64 0.05 -3.01
CA LYS A 65 16.62 1.44 -2.54
C LYS A 65 17.32 2.36 -3.54
N PRO A 66 17.00 3.68 -3.54
CA PRO A 66 17.64 4.63 -4.46
C PRO A 66 19.10 4.88 -4.11
N ALA A 67 19.91 5.14 -5.14
CA ALA A 67 21.33 5.40 -4.94
C ALA A 67 21.89 6.29 -6.05
N LYS A 68 21.64 5.91 -7.29
CA LYS A 68 22.11 6.68 -8.44
C LYS A 68 21.05 6.74 -9.53
N SER A 69 20.49 5.58 -9.86
CA SER A 69 19.46 5.50 -10.89
C SER A 69 18.62 4.23 -10.73
N ALA A 70 18.44 3.81 -9.48
CA ALA A 70 17.66 2.62 -9.18
C ALA A 70 17.11 2.65 -7.75
N ARG B 1 1.67 15.01 13.11
CA ARG B 1 3.00 14.40 13.39
C ARG B 1 3.10 13.00 12.80
N ASN B 2 2.07 12.19 13.05
CA ASN B 2 2.05 10.82 12.55
C ASN B 2 1.26 10.74 11.25
N CYS B 3 1.98 10.50 10.16
CA CYS B 3 1.36 10.39 8.83
C CYS B 3 0.80 8.99 8.60
N PHE B 4 1.38 7.99 9.25
CA PHE B 4 0.94 6.61 9.11
C PHE B 4 -0.02 6.21 10.23
N GLU B 5 -0.87 7.15 10.63
CA GLU B 5 -1.85 6.89 11.69
C GLU B 5 -3.19 6.46 11.10
N SER B 6 -3.70 7.25 10.16
CA SER B 6 -4.97 6.95 9.52
C SER B 6 -4.93 7.29 8.03
N VAL B 7 -6.00 6.96 7.32
CA VAL B 7 -6.07 7.24 5.90
C VAL B 7 -6.13 8.74 5.63
N ALA B 8 -6.82 9.46 6.50
CA ALA B 8 -6.97 10.91 6.36
C ALA B 8 -5.63 11.61 6.58
N ALA B 9 -4.88 11.13 7.58
CA ALA B 9 -3.59 11.72 7.89
C ALA B 9 -2.60 11.54 6.75
N LEU B 10 -2.65 10.38 6.10
CA LEU B 10 -1.76 10.09 4.98
C LEU B 10 -2.07 11.00 3.79
N ARG B 11 -3.35 11.19 3.51
CA ARG B 11 -3.78 12.03 2.40
C ARG B 11 -3.29 13.46 2.59
N ARG B 12 -3.43 13.98 3.80
CA ARG B 12 -2.99 15.34 4.11
C ARG B 12 -1.46 15.43 4.12
N CYS B 13 -0.82 14.35 4.58
CA CYS B 13 0.64 14.31 4.64
C CYS B 13 1.25 14.49 3.25
N MET B 14 0.61 13.90 2.25
CA MET B 14 1.10 14.00 0.88
C MET B 14 0.77 15.37 0.29
N TYR B 15 -0.49 15.77 0.38
CA TYR B 15 -0.93 17.06 -0.14
C TYR B 15 -0.57 18.19 0.83
N GLY B 16 0.72 18.49 0.93
CA GLY B 16 1.16 19.55 1.81
C GLY B 16 2.42 20.23 1.32
N GLY A 1 -16.63 9.86 6.66
CA GLY A 1 -17.20 8.66 7.33
C GLY A 1 -16.26 7.47 7.31
N PRO A 2 -16.37 6.56 6.31
CA PRO A 2 -15.49 5.38 6.23
C PRO A 2 -14.07 5.76 5.84
N GLU A 3 -13.09 5.04 6.40
CA GLU A 3 -11.69 5.30 6.10
C GLU A 3 -11.11 4.23 5.17
N THR A 4 -11.15 4.52 3.88
CA THR A 4 -10.63 3.60 2.88
C THR A 4 -9.81 4.35 1.83
N LEU A 5 -8.79 3.70 1.30
CA LEU A 5 -7.93 4.32 0.30
C LEU A 5 -8.14 3.70 -1.08
N CYS A 6 -8.65 4.50 -2.00
CA CYS A 6 -8.91 4.04 -3.37
C CYS A 6 -8.54 5.11 -4.40
N GLY A 7 -8.38 4.69 -5.65
CA GLY A 7 -8.03 5.62 -6.70
C GLY A 7 -6.64 6.21 -6.55
N ALA A 8 -6.49 7.47 -6.95
CA ALA A 8 -5.21 8.15 -6.87
C ALA A 8 -4.68 8.19 -5.45
N GLU A 9 -5.60 8.21 -4.48
CA GLU A 9 -5.21 8.23 -3.07
C GLU A 9 -4.40 7.00 -2.70
N LEU A 10 -4.83 5.85 -3.19
CA LEU A 10 -4.13 4.60 -2.93
C LEU A 10 -2.76 4.60 -3.60
N VAL A 11 -2.72 5.06 -4.84
CA VAL A 11 -1.48 5.13 -5.59
C VAL A 11 -0.52 6.16 -4.98
N ASP A 12 -1.09 7.23 -4.44
CA ASP A 12 -0.30 8.28 -3.83
C ASP A 12 0.52 7.74 -2.66
N ALA A 13 -0.14 7.01 -1.77
CA ALA A 13 0.52 6.43 -0.61
C ALA A 13 1.63 5.47 -1.02
N LEU A 14 1.33 4.58 -1.96
CA LEU A 14 2.30 3.61 -2.44
C LEU A 14 3.51 4.31 -3.05
N GLN A 15 3.26 5.39 -3.78
CA GLN A 15 4.33 6.16 -4.41
C GLN A 15 5.08 7.00 -3.39
N PHE A 16 4.35 7.44 -2.36
CA PHE A 16 4.94 8.27 -1.31
C PHE A 16 5.72 7.41 -0.31
N VAL A 17 5.27 6.16 -0.13
CA VAL A 17 5.92 5.25 0.80
C VAL A 17 7.02 4.46 0.10
N CYS A 18 6.71 3.89 -1.06
CA CYS A 18 7.66 3.10 -1.83
C CYS A 18 8.50 3.98 -2.74
N GLY A 19 7.83 4.82 -3.53
CA GLY A 19 8.53 5.71 -4.44
C GLY A 19 9.25 4.95 -5.55
N ASP A 20 10.58 4.92 -5.48
CA ASP A 20 11.39 4.23 -6.48
C ASP A 20 11.65 2.76 -6.11
N ARG A 21 11.01 2.26 -5.05
CA ARG A 21 11.22 0.86 -4.65
C ARG A 21 10.54 -0.10 -5.61
N GLY A 22 9.45 0.34 -6.23
CA GLY A 22 8.72 -0.49 -7.17
C GLY A 22 7.78 -1.45 -6.47
N PHE A 23 6.58 -0.97 -6.15
CA PHE A 23 5.59 -1.79 -5.47
C PHE A 23 4.79 -2.65 -6.46
N TYR A 24 3.98 -3.55 -5.92
CA TYR A 24 3.17 -4.43 -6.74
C TYR A 24 1.83 -4.70 -6.04
N PHE A 25 0.73 -4.42 -6.75
CA PHE A 25 -0.60 -4.62 -6.21
C PHE A 25 -0.82 -6.07 -5.78
N ASN A 26 -0.77 -6.98 -6.75
CA ASN A 26 -0.97 -8.40 -6.49
C ASN A 26 0.07 -8.92 -5.50
N LYS A 27 -0.42 -9.54 -4.42
CA LYS A 27 0.46 -10.09 -3.39
C LYS A 27 0.08 -11.55 -3.09
N PRO A 28 0.98 -12.53 -3.33
CA PRO A 28 0.68 -13.94 -3.07
C PRO A 28 0.63 -14.26 -1.58
N THR A 29 -0.35 -15.08 -1.18
CA THR A 29 -0.50 -15.46 0.23
C THR A 29 -0.22 -16.94 0.41
N GLY A 30 -0.83 -17.77 -0.42
CA GLY A 30 -0.63 -19.20 -0.33
C GLY A 30 -1.54 -19.85 0.70
N TYR A 31 -2.79 -20.08 0.31
CA TYR A 31 -3.76 -20.70 1.21
C TYR A 31 -4.91 -21.32 0.42
N GLY A 32 -5.14 -22.61 0.65
CA GLY A 32 -6.20 -23.30 -0.06
C GLY A 32 -5.83 -23.63 -1.50
N SER A 33 -4.93 -24.58 -1.67
CA SER A 33 -4.50 -24.99 -3.00
C SER A 33 -5.15 -26.31 -3.41
N SER A 34 -6.20 -26.21 -4.23
CA SER A 34 -6.91 -27.40 -4.70
C SER A 34 -7.76 -27.07 -5.91
N SER A 35 -8.78 -26.22 -5.71
CA SER A 35 -9.68 -25.84 -6.79
C SER A 35 -9.13 -24.62 -7.54
N ARG A 36 -9.95 -24.04 -8.41
CA ARG A 36 -9.54 -22.87 -9.18
C ARG A 36 -9.19 -21.71 -8.26
N ARG A 37 -8.17 -20.94 -8.66
CA ARG A 37 -7.74 -19.80 -7.87
C ARG A 37 -8.67 -18.61 -8.06
N ALA A 38 -8.54 -17.62 -7.18
CA ALA A 38 -9.38 -16.43 -7.25
C ALA A 38 -8.73 -15.35 -8.12
N PRO A 39 -9.48 -14.29 -8.52
CA PRO A 39 -8.93 -13.22 -9.36
C PRO A 39 -7.86 -12.42 -8.63
N GLN A 40 -7.48 -11.29 -9.22
CA GLN A 40 -6.46 -10.43 -8.63
C GLN A 40 -6.98 -9.74 -7.37
N THR A 41 -6.28 -9.94 -6.25
CA THR A 41 -6.66 -9.34 -4.98
C THR A 41 -5.44 -9.13 -4.09
N GLY A 42 -5.20 -7.86 -3.73
CA GLY A 42 -4.07 -7.55 -2.87
C GLY A 42 -4.31 -6.35 -2.00
N ILE A 43 -3.88 -5.17 -2.47
CA ILE A 43 -4.06 -3.94 -1.73
C ILE A 43 -5.47 -3.37 -1.92
N VAL A 44 -6.00 -3.51 -3.14
CA VAL A 44 -7.33 -3.01 -3.46
C VAL A 44 -8.39 -3.63 -2.54
N ASP A 45 -8.50 -4.95 -2.58
CA ASP A 45 -9.48 -5.66 -1.77
C ASP A 45 -9.13 -5.61 -0.28
N GLU A 46 -7.86 -5.35 0.05
CA GLU A 46 -7.43 -5.30 1.45
C GLU A 46 -7.54 -3.89 2.03
N CYS A 47 -7.51 -2.87 1.17
CA CYS A 47 -7.59 -1.49 1.64
C CYS A 47 -8.84 -0.78 1.12
N CYS A 48 -9.14 -0.94 -0.16
CA CYS A 48 -10.31 -0.30 -0.74
C CYS A 48 -11.60 -0.97 -0.26
N PHE A 49 -11.67 -2.29 -0.41
CA PHE A 49 -12.84 -3.03 0.02
C PHE A 49 -12.97 -3.02 1.54
N ARG A 50 -11.82 -3.08 2.22
CA ARG A 50 -11.79 -3.05 3.67
C ARG A 50 -10.73 -2.08 4.17
N SER A 51 -11.00 -1.43 5.29
CA SER A 51 -10.06 -0.48 5.87
C SER A 51 -8.79 -1.18 6.35
N CYS A 52 -7.65 -0.73 5.85
CA CYS A 52 -6.37 -1.31 6.23
C CYS A 52 -5.53 -0.34 7.05
N ASP A 53 -4.30 -0.73 7.36
CA ASP A 53 -3.38 0.11 8.12
C ASP A 53 -2.25 0.59 7.22
N LEU A 54 -1.88 1.87 7.37
CA LEU A 54 -0.82 2.47 6.54
C LEU A 54 0.48 1.66 6.58
N ARG A 55 0.73 1.01 7.72
CA ARG A 55 1.93 0.19 7.88
C ARG A 55 2.03 -0.89 6.81
N ARG A 56 0.87 -1.35 6.33
CA ARG A 56 0.84 -2.38 5.30
C ARG A 56 1.37 -1.87 3.97
N LEU A 57 1.35 -0.55 3.77
CA LEU A 57 1.84 0.04 2.51
C LEU A 57 3.31 -0.32 2.30
N GLU A 58 4.08 -0.28 3.38
CA GLU A 58 5.50 -0.64 3.32
C GLU A 58 5.65 -2.09 2.90
N MET A 59 4.68 -2.92 3.32
CA MET A 59 4.67 -4.34 2.99
C MET A 59 4.76 -4.58 1.49
N TYR A 60 4.21 -3.65 0.72
CA TYR A 60 4.21 -3.75 -0.74
C TYR A 60 5.50 -3.20 -1.34
N CYS A 61 6.11 -2.23 -0.66
CA CYS A 61 7.36 -1.62 -1.13
C CYS A 61 8.45 -2.67 -1.31
N ALA A 62 9.10 -2.65 -2.47
CA ALA A 62 10.17 -3.60 -2.76
C ALA A 62 11.35 -3.42 -1.80
N PRO A 63 12.26 -4.42 -1.70
CA PRO A 63 13.41 -4.34 -0.81
C PRO A 63 14.56 -3.50 -1.39
N LEU A 64 14.62 -3.41 -2.71
CA LEU A 64 15.67 -2.64 -3.37
C LEU A 64 15.62 -1.18 -2.96
N LYS A 65 16.71 -0.46 -3.24
CA LYS A 65 16.80 0.96 -2.90
C LYS A 65 17.67 1.70 -3.92
N PRO A 66 17.66 3.05 -3.92
CA PRO A 66 18.47 3.84 -4.88
C PRO A 66 19.97 3.70 -4.61
N ALA A 67 20.76 3.85 -5.67
CA ALA A 67 22.21 3.74 -5.55
C ALA A 67 22.86 5.10 -5.34
N LYS A 68 22.85 5.93 -6.38
CA LYS A 68 23.44 7.26 -6.30
C LYS A 68 22.51 8.30 -6.92
N SER A 69 21.21 8.10 -6.76
CA SER A 69 20.21 9.02 -7.31
C SER A 69 19.02 9.15 -6.38
N ALA A 70 18.93 10.29 -5.69
CA ALA A 70 17.82 10.53 -4.77
C ALA A 70 16.63 11.15 -5.48
N ARG B 1 3.95 15.33 14.26
CA ARG B 1 2.76 14.86 13.50
C ARG B 1 3.02 13.49 12.85
N ASN B 2 2.19 12.52 13.17
CA ASN B 2 2.33 11.18 12.62
C ASN B 2 1.46 11.00 11.39
N CYS B 3 2.08 10.61 10.28
CA CYS B 3 1.37 10.41 9.03
C CYS B 3 0.71 9.04 8.99
N PHE B 4 1.44 8.03 9.45
CA PHE B 4 0.93 6.66 9.47
C PHE B 4 0.06 6.42 10.70
N GLU B 5 -1.08 7.09 10.75
CA GLU B 5 -2.00 6.96 11.87
C GLU B 5 -3.40 6.57 11.36
N SER B 6 -3.85 7.24 10.31
CA SER B 6 -5.15 6.96 9.73
C SER B 6 -5.12 7.19 8.23
N VAL B 7 -6.23 6.87 7.56
CA VAL B 7 -6.32 7.04 6.11
C VAL B 7 -6.41 8.52 5.73
N ALA B 8 -7.01 9.32 6.62
CA ALA B 8 -7.16 10.74 6.38
C ALA B 8 -5.82 11.46 6.50
N ALA B 9 -5.02 11.05 7.48
CA ALA B 9 -3.71 11.65 7.72
C ALA B 9 -2.83 11.59 6.47
N LEU B 10 -2.94 10.50 5.71
CA LEU B 10 -2.15 10.33 4.49
C LEU B 10 -2.37 11.48 3.51
N ARG B 11 -3.63 11.83 3.28
CA ARG B 11 -3.97 12.92 2.37
C ARG B 11 -3.46 14.26 2.89
N ARG B 12 -3.69 14.51 4.17
CA ARG B 12 -3.26 15.76 4.79
C ARG B 12 -1.75 15.94 4.69
N CYS B 13 -1.02 14.83 4.81
CA CYS B 13 0.44 14.87 4.73
C CYS B 13 0.91 15.33 3.35
N MET B 14 0.51 14.58 2.32
CA MET B 14 0.89 14.91 0.94
C MET B 14 0.30 16.25 0.53
N TYR B 15 -1.01 16.40 0.71
CA TYR B 15 -1.69 17.64 0.34
C TYR B 15 -1.55 18.68 1.45
N GLY B 16 -0.34 19.22 1.59
CA GLY B 16 -0.09 20.22 2.61
C GLY B 16 1.40 20.40 2.90
N GLY A 1 -17.57 9.14 9.39
CA GLY A 1 -17.40 8.70 7.97
C GLY A 1 -16.40 7.56 7.83
N PRO A 2 -16.56 6.68 6.82
CA PRO A 2 -15.64 5.54 6.62
C PRO A 2 -14.27 6.00 6.13
N GLU A 3 -13.23 5.30 6.58
CA GLU A 3 -11.86 5.64 6.18
C GLU A 3 -11.26 4.54 5.30
N THR A 4 -11.15 4.82 4.01
CA THR A 4 -10.58 3.87 3.06
C THR A 4 -9.64 4.57 2.09
N LEU A 5 -9.01 3.79 1.22
CA LEU A 5 -8.07 4.34 0.25
C LEU A 5 -8.28 3.73 -1.13
N CYS A 6 -8.81 4.54 -2.06
CA CYS A 6 -9.05 4.08 -3.42
C CYS A 6 -8.68 5.16 -4.43
N GLY A 7 -8.45 4.75 -5.68
CA GLY A 7 -8.11 5.69 -6.72
C GLY A 7 -6.73 6.29 -6.55
N ALA A 8 -6.58 7.56 -6.93
CA ALA A 8 -5.30 8.24 -6.82
C ALA A 8 -4.77 8.24 -5.39
N GLU A 9 -5.69 8.21 -4.43
CA GLU A 9 -5.31 8.20 -3.02
C GLU A 9 -4.48 6.96 -2.70
N LEU A 10 -4.94 5.81 -3.16
CA LEU A 10 -4.23 4.56 -2.92
C LEU A 10 -2.87 4.56 -3.59
N VAL A 11 -2.84 5.02 -4.85
CA VAL A 11 -1.60 5.08 -5.61
C VAL A 11 -0.66 6.15 -5.06
N ASP A 12 -1.25 7.24 -4.56
CA ASP A 12 -0.47 8.34 -4.00
C ASP A 12 0.26 7.90 -2.74
N ALA A 13 -0.33 6.97 -2.01
CA ALA A 13 0.29 6.46 -0.79
C ALA A 13 1.46 5.54 -1.10
N LEU A 14 1.23 4.59 -2.02
CA LEU A 14 2.26 3.65 -2.42
C LEU A 14 3.46 4.37 -3.02
N GLN A 15 3.19 5.30 -3.93
CA GLN A 15 4.25 6.07 -4.58
C GLN A 15 4.98 6.95 -3.57
N PHE A 16 4.24 7.42 -2.57
CA PHE A 16 4.81 8.27 -1.53
C PHE A 16 5.63 7.45 -0.54
N VAL A 17 5.18 6.22 -0.28
CA VAL A 17 5.87 5.34 0.64
C VAL A 17 6.99 4.56 -0.06
N CYS A 18 6.60 3.75 -1.04
CA CYS A 18 7.55 2.95 -1.80
C CYS A 18 8.31 3.80 -2.82
N GLY A 19 7.56 4.54 -3.62
CA GLY A 19 8.18 5.39 -4.63
C GLY A 19 9.07 4.64 -5.59
N ASP A 20 10.34 5.04 -5.65
CA ASP A 20 11.31 4.40 -6.55
C ASP A 20 11.46 2.91 -6.25
N ARG A 21 11.18 2.51 -5.01
CA ARG A 21 11.30 1.11 -4.60
C ARG A 21 10.46 0.20 -5.49
N GLY A 22 9.35 0.72 -6.02
CA GLY A 22 8.50 -0.07 -6.86
C GLY A 22 7.55 -0.95 -6.07
N PHE A 23 6.28 -0.55 -6.01
CA PHE A 23 5.28 -1.30 -5.25
C PHE A 23 4.56 -2.29 -6.14
N TYR A 24 4.06 -3.37 -5.51
CA TYR A 24 3.33 -4.40 -6.23
C TYR A 24 1.86 -4.39 -5.82
N PHE A 25 0.98 -4.59 -6.81
CA PHE A 25 -0.45 -4.60 -6.55
C PHE A 25 -0.92 -5.98 -6.08
N ASN A 26 -0.24 -7.01 -6.55
CA ASN A 26 -0.57 -8.39 -6.18
C ASN A 26 0.60 -9.08 -5.51
N LYS A 27 0.65 -9.00 -4.18
CA LYS A 27 1.72 -9.62 -3.41
C LYS A 27 1.75 -11.14 -3.65
N PRO A 28 2.96 -11.75 -3.78
CA PRO A 28 3.06 -13.20 -4.02
C PRO A 28 2.65 -14.02 -2.79
N THR A 29 1.88 -15.06 -3.03
CA THR A 29 1.41 -15.93 -1.94
C THR A 29 0.74 -17.18 -2.50
N GLY A 30 1.24 -18.34 -2.09
CA GLY A 30 0.68 -19.60 -2.56
C GLY A 30 0.85 -20.72 -1.54
N TYR A 31 2.06 -21.23 -1.43
CA TYR A 31 2.35 -22.32 -0.49
C TYR A 31 2.39 -21.80 0.94
N GLY A 32 1.82 -22.56 1.86
CA GLY A 32 1.81 -22.15 3.25
C GLY A 32 1.00 -23.09 4.13
N SER A 33 1.52 -23.38 5.32
CA SER A 33 0.83 -24.27 6.25
C SER A 33 -0.03 -23.48 7.23
N SER A 34 0.57 -22.49 7.87
CA SER A 34 -0.13 -21.64 8.83
C SER A 34 -1.09 -20.69 8.12
N SER A 35 -1.98 -20.08 8.89
CA SER A 35 -2.95 -19.13 8.33
C SER A 35 -3.39 -18.12 9.38
N ARG A 36 -2.46 -17.75 10.27
CA ARG A 36 -2.75 -16.79 11.32
C ARG A 36 -2.68 -15.36 10.78
N ARG A 37 -1.82 -15.14 9.79
CA ARG A 37 -1.65 -13.83 9.20
C ARG A 37 -2.83 -13.51 8.27
N ALA A 38 -2.75 -12.36 7.61
CA ALA A 38 -3.81 -11.94 6.68
C ALA A 38 -4.04 -12.98 5.58
N PRO A 39 -5.24 -13.01 4.95
CA PRO A 39 -5.54 -13.97 3.88
C PRO A 39 -4.86 -13.62 2.57
N GLN A 40 -5.26 -14.31 1.50
CA GLN A 40 -4.68 -14.08 0.17
C GLN A 40 -5.43 -12.94 -0.54
N THR A 41 -4.94 -11.72 -0.35
CA THR A 41 -5.57 -10.56 -0.97
C THR A 41 -4.55 -9.46 -1.21
N GLY A 42 -4.75 -8.71 -2.30
CA GLY A 42 -3.84 -7.64 -2.63
C GLY A 42 -4.06 -6.40 -1.78
N ILE A 43 -3.84 -5.23 -2.38
CA ILE A 43 -4.01 -3.97 -1.67
C ILE A 43 -5.41 -3.41 -1.87
N VAL A 44 -5.95 -3.60 -3.07
CA VAL A 44 -7.30 -3.11 -3.39
C VAL A 44 -8.34 -3.78 -2.51
N ASP A 45 -8.53 -5.07 -2.68
CA ASP A 45 -9.51 -5.81 -1.90
C ASP A 45 -9.19 -5.77 -0.40
N GLU A 46 -7.95 -5.47 -0.04
CA GLU A 46 -7.54 -5.43 1.37
C GLU A 46 -7.68 -4.05 2.00
N CYS A 47 -7.57 -2.98 1.20
CA CYS A 47 -7.68 -1.62 1.75
C CYS A 47 -8.73 -0.77 1.05
N CYS A 48 -8.92 -0.98 -0.25
CA CYS A 48 -9.92 -0.22 -0.99
C CYS A 48 -11.33 -0.69 -0.64
N PHE A 49 -11.46 -1.98 -0.37
CA PHE A 49 -12.75 -2.56 0.00
C PHE A 49 -13.00 -2.39 1.49
N ARG A 50 -12.00 -2.74 2.29
CA ARG A 50 -12.09 -2.61 3.74
C ARG A 50 -11.01 -1.68 4.26
N SER A 51 -11.19 -1.16 5.47
CA SER A 51 -10.22 -0.24 6.05
C SER A 51 -9.01 -0.99 6.61
N CYS A 52 -7.83 -0.75 6.04
CA CYS A 52 -6.61 -1.41 6.49
C CYS A 52 -5.68 -0.42 7.20
N ASP A 53 -4.46 -0.86 7.49
CA ASP A 53 -3.47 -0.01 8.14
C ASP A 53 -2.46 0.50 7.13
N LEU A 54 -2.17 1.80 7.20
CA LEU A 54 -1.22 2.43 6.28
C LEU A 54 0.15 1.76 6.33
N ARG A 55 0.48 1.17 7.47
CA ARG A 55 1.77 0.50 7.62
C ARG A 55 1.97 -0.61 6.59
N ARG A 56 0.87 -1.18 6.10
CA ARG A 56 0.94 -2.24 5.10
C ARG A 56 1.59 -1.75 3.81
N LEU A 57 1.46 -0.45 3.53
CA LEU A 57 2.04 0.14 2.33
C LEU A 57 3.54 -0.11 2.24
N GLU A 58 4.19 -0.24 3.40
CA GLU A 58 5.62 -0.47 3.46
C GLU A 58 5.98 -1.87 2.96
N MET A 59 5.06 -2.81 3.14
CA MET A 59 5.28 -4.19 2.71
C MET A 59 5.39 -4.29 1.20
N TYR A 60 4.44 -3.69 0.50
CA TYR A 60 4.42 -3.72 -0.97
C TYR A 60 5.70 -3.15 -1.56
N CYS A 61 6.38 -2.28 -0.82
CA CYS A 61 7.62 -1.69 -1.29
C CYS A 61 8.71 -2.74 -1.47
N ALA A 62 9.42 -2.67 -2.60
CA ALA A 62 10.48 -3.61 -2.90
C ALA A 62 11.63 -3.47 -1.90
N PRO A 63 12.49 -4.51 -1.74
CA PRO A 63 13.62 -4.45 -0.80
C PRO A 63 14.66 -3.40 -1.19
N LEU A 64 14.80 -3.16 -2.49
CA LEU A 64 15.76 -2.18 -2.97
C LEU A 64 15.46 -0.79 -2.42
N LYS A 65 16.34 0.16 -2.71
CA LYS A 65 16.17 1.53 -2.24
C LYS A 65 16.62 2.53 -3.31
N PRO A 66 16.21 3.82 -3.20
CA PRO A 66 16.61 4.84 -4.19
C PRO A 66 18.12 5.08 -4.21
N ALA A 67 18.73 4.76 -5.34
CA ALA A 67 20.17 4.94 -5.48
C ALA A 67 20.62 4.64 -6.92
N LYS A 68 21.90 4.85 -7.20
CA LYS A 68 22.45 4.61 -8.52
C LYS A 68 22.67 3.12 -8.76
N SER A 69 21.63 2.44 -9.20
CA SER A 69 21.71 1.00 -9.47
C SER A 69 20.53 0.54 -10.34
N ALA A 70 20.56 -0.73 -10.72
CA ALA A 70 19.50 -1.29 -11.56
C ALA A 70 18.40 -1.90 -10.71
N ARG B 1 -1.56 13.22 14.81
CA ARG B 1 -0.19 13.75 14.59
C ARG B 1 0.60 12.86 13.62
N ASN B 2 0.62 11.56 13.90
CA ASN B 2 1.33 10.61 13.05
C ASN B 2 0.72 10.58 11.65
N CYS B 3 1.57 10.38 10.64
CA CYS B 3 1.11 10.33 9.26
C CYS B 3 0.42 9.01 8.95
N PHE B 4 0.92 7.92 9.56
CA PHE B 4 0.34 6.60 9.34
C PHE B 4 -0.61 6.23 10.48
N GLU B 5 -1.28 7.23 11.03
CA GLU B 5 -2.23 7.00 12.12
C GLU B 5 -3.60 6.65 11.55
N SER B 6 -3.94 7.24 10.40
CA SER B 6 -5.22 7.00 9.76
C SER B 6 -5.14 7.33 8.28
N VAL B 7 -6.22 7.04 7.54
CA VAL B 7 -6.27 7.32 6.11
C VAL B 7 -6.20 8.81 5.84
N ALA B 8 -6.72 9.61 6.76
CA ALA B 8 -6.73 11.06 6.61
C ALA B 8 -5.33 11.63 6.78
N ALA B 9 -4.58 11.07 7.73
CA ALA B 9 -3.21 11.53 8.02
C ALA B 9 -2.33 11.49 6.76
N LEU B 10 -2.33 10.35 6.06
CA LEU B 10 -1.54 10.20 4.86
C LEU B 10 -1.94 11.22 3.80
N ARG B 11 -3.25 11.41 3.64
CA ARG B 11 -3.77 12.36 2.65
C ARG B 11 -3.20 13.76 2.88
N ARG B 12 -3.13 14.18 4.14
CA ARG B 12 -2.60 15.48 4.48
C ARG B 12 -1.11 15.56 4.18
N CYS B 13 -0.41 14.44 4.39
CA CYS B 13 1.02 14.38 4.13
C CYS B 13 1.32 14.58 2.65
N MET B 14 0.57 13.89 1.80
CA MET B 14 0.75 13.99 0.35
C MET B 14 0.20 15.31 -0.17
N TYR B 15 -0.99 15.67 0.28
CA TYR B 15 -1.63 16.91 -0.14
C TYR B 15 -1.27 18.06 0.80
N GLY B 16 -0.01 18.50 0.73
CA GLY B 16 0.44 19.59 1.58
C GLY B 16 0.12 20.95 1.00
N GLY A 1 -15.12 7.53 11.30
CA GLY A 1 -16.04 7.01 10.25
C GLY A 1 -15.33 6.07 9.27
N PRO A 2 -15.83 5.92 8.01
CA PRO A 2 -15.20 5.04 7.03
C PRO A 2 -13.92 5.64 6.45
N GLU A 3 -12.82 4.92 6.60
CA GLU A 3 -11.53 5.38 6.09
C GLU A 3 -10.87 4.31 5.21
N THR A 4 -11.04 4.46 3.89
CA THR A 4 -10.46 3.51 2.94
C THR A 4 -9.54 4.24 1.97
N LEU A 5 -8.81 3.47 1.17
CA LEU A 5 -7.88 4.04 0.20
C LEU A 5 -8.12 3.47 -1.20
N CYS A 6 -8.57 4.30 -2.12
CA CYS A 6 -8.84 3.87 -3.49
C CYS A 6 -8.41 4.93 -4.50
N GLY A 7 -8.29 4.51 -5.76
CA GLY A 7 -7.90 5.43 -6.81
C GLY A 7 -6.55 6.10 -6.55
N ALA A 8 -6.47 7.38 -6.83
CA ALA A 8 -5.24 8.15 -6.63
C ALA A 8 -4.75 8.05 -5.19
N GLU A 9 -5.68 7.98 -4.25
CA GLU A 9 -5.33 7.88 -2.83
C GLU A 9 -4.45 6.66 -2.56
N LEU A 10 -4.77 5.56 -3.23
CA LEU A 10 -4.00 4.33 -3.06
C LEU A 10 -2.63 4.45 -3.72
N VAL A 11 -2.61 5.08 -4.89
CA VAL A 11 -1.36 5.28 -5.61
C VAL A 11 -0.48 6.33 -4.94
N ASP A 12 -1.12 7.33 -4.34
CA ASP A 12 -0.39 8.39 -3.65
C ASP A 12 0.41 7.83 -2.48
N ALA A 13 -0.27 7.06 -1.64
CA ALA A 13 0.37 6.46 -0.47
C ALA A 13 1.54 5.57 -0.88
N LEU A 14 1.28 4.65 -1.81
CA LEU A 14 2.31 3.74 -2.29
C LEU A 14 3.47 4.51 -2.90
N GLN A 15 3.15 5.53 -3.68
CA GLN A 15 4.17 6.36 -4.33
C GLN A 15 4.88 7.23 -3.30
N PHE A 16 4.16 7.63 -2.26
CA PHE A 16 4.72 8.47 -1.21
C PHE A 16 5.56 7.63 -0.24
N VAL A 17 5.18 6.37 -0.07
CA VAL A 17 5.89 5.47 0.82
C VAL A 17 7.01 4.74 0.09
N CYS A 18 6.65 3.99 -0.94
CA CYS A 18 7.63 3.23 -1.72
C CYS A 18 8.36 4.14 -2.72
N GLY A 19 7.58 4.89 -3.50
CA GLY A 19 8.18 5.80 -4.47
C GLY A 19 8.86 5.08 -5.61
N ASP A 20 10.19 5.03 -5.57
CA ASP A 20 10.97 4.38 -6.63
C ASP A 20 11.24 2.90 -6.35
N ARG A 21 10.85 2.39 -5.17
CA ARG A 21 11.06 0.99 -4.85
C ARG A 21 10.38 0.07 -5.86
N GLY A 22 9.15 0.42 -6.23
CA GLY A 22 8.41 -0.37 -7.19
C GLY A 22 7.40 -1.28 -6.52
N PHE A 23 6.39 -0.67 -5.89
CA PHE A 23 5.35 -1.43 -5.21
C PHE A 23 4.62 -2.37 -6.16
N TYR A 24 4.02 -3.42 -5.58
CA TYR A 24 3.29 -4.41 -6.37
C TYR A 24 1.88 -4.60 -5.80
N PHE A 25 0.88 -4.26 -6.61
CA PHE A 25 -0.51 -4.39 -6.17
C PHE A 25 -0.84 -5.82 -5.75
N ASN A 26 -0.37 -6.79 -6.53
CA ASN A 26 -0.62 -8.19 -6.23
C ASN A 26 0.35 -8.71 -5.18
N LYS A 27 -0.15 -9.58 -4.30
CA LYS A 27 0.67 -10.16 -3.23
C LYS A 27 0.42 -11.67 -3.13
N PRO A 28 1.37 -12.53 -3.58
CA PRO A 28 1.20 -13.98 -3.51
C PRO A 28 1.25 -14.51 -2.08
N THR A 29 0.65 -15.68 -1.86
CA THR A 29 0.63 -16.31 -0.54
C THR A 29 1.46 -17.58 -0.54
N GLY A 30 2.28 -17.74 0.51
CA GLY A 30 3.12 -18.92 0.61
C GLY A 30 2.36 -20.13 1.11
N TYR A 31 1.52 -19.94 2.11
CA TYR A 31 0.73 -21.02 2.68
C TYR A 31 -0.32 -21.51 1.69
N GLY A 32 -0.64 -22.79 1.76
CA GLY A 32 -1.63 -23.36 0.86
C GLY A 32 -3.04 -23.14 1.34
N SER A 33 -3.80 -22.34 0.61
CA SER A 33 -5.18 -22.04 0.96
C SER A 33 -6.10 -22.17 -0.26
N SER A 34 -5.79 -23.12 -1.13
CA SER A 34 -6.58 -23.34 -2.33
C SER A 34 -7.54 -24.51 -2.14
N SER A 35 -8.07 -24.64 -0.93
CA SER A 35 -9.00 -25.72 -0.61
C SER A 35 -10.44 -25.27 -0.85
N ARG A 36 -10.81 -24.14 -0.26
CA ARG A 36 -12.16 -23.60 -0.41
C ARG A 36 -12.27 -22.72 -1.64
N ARG A 37 -11.59 -21.57 -1.59
CA ARG A 37 -11.62 -20.63 -2.70
C ARG A 37 -10.69 -19.44 -2.42
N ALA A 38 -10.23 -18.79 -3.49
CA ALA A 38 -9.34 -17.64 -3.36
C ALA A 38 -9.07 -17.01 -4.72
N PRO A 39 -9.83 -15.95 -5.12
CA PRO A 39 -9.63 -15.29 -6.41
C PRO A 39 -8.36 -14.44 -6.43
N GLN A 40 -8.11 -13.79 -7.56
CA GLN A 40 -6.92 -12.95 -7.71
C GLN A 40 -7.18 -11.54 -7.20
N THR A 41 -6.61 -11.22 -6.05
CA THR A 41 -6.78 -9.89 -5.45
C THR A 41 -5.48 -9.42 -4.81
N GLY A 42 -5.48 -8.16 -4.36
CA GLY A 42 -4.30 -7.61 -3.73
C GLY A 42 -4.63 -6.64 -2.61
N ILE A 43 -4.08 -5.43 -2.70
CA ILE A 43 -4.32 -4.40 -1.69
C ILE A 43 -5.69 -3.73 -1.88
N VAL A 44 -6.22 -3.76 -3.11
CA VAL A 44 -7.51 -3.15 -3.40
C VAL A 44 -8.62 -3.71 -2.50
N ASP A 45 -8.77 -5.03 -2.50
CA ASP A 45 -9.78 -5.69 -1.69
C ASP A 45 -9.45 -5.59 -0.19
N GLU A 46 -8.18 -5.38 0.15
CA GLU A 46 -7.77 -5.30 1.54
C GLU A 46 -7.83 -3.87 2.08
N CYS A 47 -7.72 -2.88 1.19
CA CYS A 47 -7.75 -1.48 1.61
C CYS A 47 -8.98 -0.74 1.09
N CYS A 48 -9.30 -0.94 -0.18
CA CYS A 48 -10.44 -0.28 -0.79
C CYS A 48 -11.75 -0.88 -0.30
N PHE A 49 -11.89 -2.20 -0.46
CA PHE A 49 -13.10 -2.89 -0.02
C PHE A 49 -13.27 -2.81 1.49
N ARG A 50 -12.14 -2.80 2.20
CA ARG A 50 -12.17 -2.71 3.66
C ARG A 50 -11.02 -1.85 4.17
N SER A 51 -11.23 -1.20 5.30
CA SER A 51 -10.22 -0.33 5.90
C SER A 51 -8.97 -1.14 6.28
N CYS A 52 -7.81 -0.57 5.99
CA CYS A 52 -6.54 -1.22 6.29
C CYS A 52 -5.62 -0.28 7.08
N ASP A 53 -4.47 -0.81 7.50
CA ASP A 53 -3.50 -0.01 8.24
C ASP A 53 -2.39 0.46 7.32
N LEU A 54 -2.13 1.77 7.35
CA LEU A 54 -1.10 2.37 6.50
C LEU A 54 0.26 1.71 6.67
N ARG A 55 0.49 1.09 7.83
CA ARG A 55 1.75 0.42 8.10
C ARG A 55 2.00 -0.70 7.09
N ARG A 56 0.92 -1.29 6.59
CA ARG A 56 1.02 -2.37 5.61
C ARG A 56 1.61 -1.88 4.29
N LEU A 57 1.42 -0.59 4.00
CA LEU A 57 1.93 0.00 2.75
C LEU A 57 3.44 -0.21 2.61
N GLU A 58 4.12 -0.26 3.75
CA GLU A 58 5.58 -0.42 3.75
C GLU A 58 5.99 -1.81 3.23
N MET A 59 5.11 -2.78 3.37
CA MET A 59 5.39 -4.14 2.91
C MET A 59 5.49 -4.21 1.39
N TYR A 60 4.46 -3.69 0.71
CA TYR A 60 4.41 -3.71 -0.75
C TYR A 60 5.64 -3.07 -1.38
N CYS A 61 6.30 -2.18 -0.64
CA CYS A 61 7.49 -1.50 -1.15
C CYS A 61 8.60 -2.50 -1.43
N ALA A 62 9.19 -2.40 -2.62
CA ALA A 62 10.27 -3.30 -3.02
C ALA A 62 11.45 -3.22 -2.05
N PRO A 63 12.44 -4.14 -2.15
CA PRO A 63 13.60 -4.13 -1.24
C PRO A 63 14.61 -3.04 -1.61
N LEU A 64 14.73 -2.75 -2.89
CA LEU A 64 15.66 -1.73 -3.36
C LEU A 64 15.33 -0.36 -2.74
N LYS A 65 16.13 0.64 -3.08
CA LYS A 65 15.93 1.99 -2.56
C LYS A 65 16.23 3.03 -3.64
N PRO A 66 15.71 4.29 -3.50
CA PRO A 66 15.96 5.35 -4.49
C PRO A 66 17.43 5.75 -4.54
N ALA A 67 17.70 6.86 -5.22
CA ALA A 67 19.07 7.36 -5.35
C ALA A 67 19.68 7.65 -3.98
N LYS A 68 18.97 8.43 -3.18
CA LYS A 68 19.44 8.78 -1.84
C LYS A 68 18.31 8.68 -0.82
N SER A 69 18.68 8.36 0.42
CA SER A 69 17.70 8.23 1.50
C SER A 69 17.64 9.49 2.34
N ALA A 70 16.43 9.99 2.58
CA ALA A 70 16.24 11.20 3.37
C ALA A 70 14.84 11.26 3.96
N ARG B 1 0.79 13.98 15.71
CA ARG B 1 1.78 14.28 14.64
C ARG B 1 2.24 13.02 13.93
N ASN B 2 1.30 12.09 13.72
CA ASN B 2 1.60 10.83 13.04
C ASN B 2 0.98 10.80 11.65
N CYS B 3 1.80 10.44 10.65
CA CYS B 3 1.33 10.39 9.27
C CYS B 3 0.63 9.06 8.97
N PHE B 4 1.05 8.00 9.65
CA PHE B 4 0.46 6.67 9.45
C PHE B 4 -0.59 6.38 10.52
N GLU B 5 -1.29 7.42 10.98
CA GLU B 5 -2.33 7.26 11.99
C GLU B 5 -3.61 6.76 11.35
N SER B 6 -4.05 7.45 10.29
CA SER B 6 -5.27 7.07 9.59
C SER B 6 -5.10 7.31 8.09
N VAL B 7 -6.09 6.89 7.32
CA VAL B 7 -6.05 7.06 5.86
C VAL B 7 -5.99 8.53 5.48
N ALA B 8 -6.59 9.39 6.31
CA ALA B 8 -6.60 10.82 6.05
C ALA B 8 -5.23 11.44 6.26
N ALA B 9 -4.53 10.98 7.30
CA ALA B 9 -3.19 11.49 7.62
C ALA B 9 -2.24 11.38 6.44
N LEU B 10 -2.19 10.21 5.81
CA LEU B 10 -1.30 9.98 4.67
C LEU B 10 -1.61 10.97 3.53
N ARG B 11 -2.88 11.07 3.17
CA ARG B 11 -3.31 11.96 2.10
C ARG B 11 -2.95 13.41 2.43
N ARG B 12 -3.19 13.80 3.69
CA ARG B 12 -2.89 15.16 4.13
C ARG B 12 -1.39 15.44 4.11
N CYS B 13 -0.60 14.42 4.41
CA CYS B 13 0.86 14.55 4.44
C CYS B 13 1.40 15.06 3.10
N MET B 14 0.94 14.46 2.01
CA MET B 14 1.40 14.84 0.67
C MET B 14 0.79 16.16 0.21
N TYR B 15 -0.52 16.26 0.27
CA TYR B 15 -1.22 17.48 -0.17
C TYR B 15 -0.91 18.65 0.75
N GLY B 16 -1.05 18.44 2.05
CA GLY B 16 -0.78 19.48 3.01
C GLY B 16 0.67 19.93 3.01
N GLY A 1 -16.16 8.50 9.40
CA GLY A 1 -16.63 7.10 9.64
C GLY A 1 -15.69 6.06 9.04
N PRO A 2 -16.04 5.46 7.87
CA PRO A 2 -15.19 4.45 7.23
C PRO A 2 -13.96 5.06 6.56
N GLU A 3 -12.78 4.63 6.99
CA GLU A 3 -11.53 5.13 6.43
C GLU A 3 -10.95 4.12 5.44
N THR A 4 -11.04 4.44 4.15
CA THR A 4 -10.52 3.57 3.11
C THR A 4 -9.69 4.36 2.09
N LEU A 5 -9.12 3.64 1.11
CA LEU A 5 -8.30 4.28 0.09
C LEU A 5 -8.56 3.65 -1.28
N CYS A 6 -9.02 4.46 -2.23
CA CYS A 6 -9.30 3.99 -3.58
C CYS A 6 -8.89 5.02 -4.62
N GLY A 7 -8.70 4.57 -5.85
CA GLY A 7 -8.31 5.47 -6.92
C GLY A 7 -6.89 5.99 -6.79
N ALA A 8 -6.66 7.22 -7.28
CA ALA A 8 -5.35 7.84 -7.21
C ALA A 8 -4.84 7.94 -5.78
N GLU A 9 -5.77 8.03 -4.82
CA GLU A 9 -5.40 8.12 -3.42
C GLU A 9 -4.61 6.89 -2.98
N LEU A 10 -5.03 5.73 -3.48
CA LEU A 10 -4.34 4.48 -3.15
C LEU A 10 -2.99 4.43 -3.84
N VAL A 11 -2.96 4.76 -5.12
CA VAL A 11 -1.73 4.75 -5.89
C VAL A 11 -0.77 5.82 -5.39
N ASP A 12 -1.33 6.93 -4.90
CA ASP A 12 -0.53 8.02 -4.38
C ASP A 12 0.24 7.59 -3.13
N ALA A 13 -0.44 6.86 -2.25
CA ALA A 13 0.18 6.39 -1.02
C ALA A 13 1.35 5.46 -1.31
N LEU A 14 1.13 4.52 -2.23
CA LEU A 14 2.17 3.56 -2.61
C LEU A 14 3.39 4.27 -3.17
N GLN A 15 3.16 5.28 -4.01
CA GLN A 15 4.25 6.04 -4.61
C GLN A 15 4.92 6.94 -3.57
N PHE A 16 4.14 7.39 -2.58
CA PHE A 16 4.67 8.26 -1.53
C PHE A 16 5.46 7.44 -0.51
N VAL A 17 5.06 6.19 -0.31
CA VAL A 17 5.73 5.32 0.64
C VAL A 17 6.86 4.54 -0.04
N CYS A 18 6.50 3.76 -1.06
CA CYS A 18 7.47 2.96 -1.79
C CYS A 18 8.26 3.83 -2.77
N GLY A 19 7.55 4.59 -3.60
CA GLY A 19 8.20 5.45 -4.57
C GLY A 19 9.13 4.71 -5.50
N ASP A 20 10.40 5.11 -5.51
CA ASP A 20 11.41 4.48 -6.36
C ASP A 20 11.58 2.99 -6.03
N ARG A 21 11.26 2.60 -4.80
CA ARG A 21 11.39 1.21 -4.37
C ARG A 21 10.64 0.26 -5.29
N GLY A 22 9.58 0.75 -5.93
CA GLY A 22 8.79 -0.08 -6.82
C GLY A 22 7.83 -0.96 -6.05
N PHE A 23 6.54 -0.66 -6.16
CA PHE A 23 5.52 -1.43 -5.46
C PHE A 23 4.80 -2.40 -6.40
N TYR A 24 4.17 -3.40 -5.80
CA TYR A 24 3.43 -4.41 -6.57
C TYR A 24 2.07 -4.67 -5.92
N PHE A 25 1.02 -4.60 -6.72
CA PHE A 25 -0.33 -4.82 -6.22
C PHE A 25 -0.51 -6.23 -5.70
N ASN A 26 -0.49 -7.21 -6.60
CA ASN A 26 -0.65 -8.61 -6.22
C ASN A 26 0.69 -9.25 -5.89
N LYS A 27 0.84 -9.68 -4.63
CA LYS A 27 2.08 -10.32 -4.19
C LYS A 27 1.83 -11.79 -3.83
N PRO A 28 2.85 -12.67 -3.95
CA PRO A 28 2.70 -14.09 -3.62
C PRO A 28 2.32 -14.32 -2.16
N THR A 29 1.36 -15.22 -1.94
CA THR A 29 0.91 -15.53 -0.58
C THR A 29 0.99 -17.03 -0.32
N GLY A 30 0.29 -17.81 -1.14
CA GLY A 30 0.29 -19.24 -0.98
C GLY A 30 1.09 -19.95 -2.05
N TYR A 31 0.49 -20.95 -2.69
CA TYR A 31 1.16 -21.71 -3.74
C TYR A 31 0.14 -22.41 -4.64
N GLY A 32 0.64 -23.12 -5.64
CA GLY A 32 -0.23 -23.83 -6.56
C GLY A 32 -0.47 -23.07 -7.85
N SER A 33 -0.64 -23.80 -8.94
CA SER A 33 -0.86 -23.19 -10.25
C SER A 33 -2.36 -22.98 -10.50
N SER A 34 -2.70 -21.85 -11.11
CA SER A 34 -4.09 -21.54 -11.41
C SER A 34 -4.45 -21.93 -12.83
N SER A 35 -5.71 -22.32 -13.04
CA SER A 35 -6.17 -22.72 -14.36
C SER A 35 -6.74 -21.53 -15.13
N ARG A 36 -7.83 -20.96 -14.60
CA ARG A 36 -8.48 -19.82 -15.24
C ARG A 36 -8.68 -18.69 -14.23
N ARG A 37 -9.21 -19.05 -13.06
CA ARG A 37 -9.46 -18.07 -12.01
C ARG A 37 -9.02 -18.58 -10.65
N ALA A 38 -8.69 -17.68 -9.75
CA ALA A 38 -8.24 -18.05 -8.41
C ALA A 38 -8.42 -16.88 -7.43
N PRO A 39 -8.33 -17.13 -6.09
CA PRO A 39 -8.49 -16.07 -5.09
C PRO A 39 -7.42 -14.98 -5.22
N GLN A 40 -7.80 -13.86 -5.83
CA GLN A 40 -6.89 -12.75 -6.02
C GLN A 40 -7.21 -11.60 -5.06
N THR A 41 -6.22 -11.16 -4.31
CA THR A 41 -6.40 -10.07 -3.36
C THR A 41 -5.07 -9.41 -3.03
N GLY A 42 -5.03 -8.07 -3.11
CA GLY A 42 -3.80 -7.35 -2.83
C GLY A 42 -4.03 -6.19 -1.86
N ILE A 43 -3.59 -5.00 -2.28
CA ILE A 43 -3.74 -3.81 -1.46
C ILE A 43 -5.15 -3.21 -1.57
N VAL A 44 -5.71 -3.27 -2.78
CA VAL A 44 -7.04 -2.75 -3.02
C VAL A 44 -8.08 -3.43 -2.14
N ASP A 45 -8.21 -4.74 -2.31
CA ASP A 45 -9.16 -5.53 -1.53
C ASP A 45 -8.95 -5.36 -0.02
N GLU A 46 -7.76 -4.92 0.39
CA GLU A 46 -7.46 -4.74 1.80
C GLU A 46 -7.89 -3.37 2.34
N CYS A 47 -7.53 -2.30 1.62
CA CYS A 47 -7.86 -0.94 2.08
C CYS A 47 -8.98 -0.30 1.25
N CYS A 48 -9.01 -0.57 -0.05
CA CYS A 48 -10.05 0.01 -0.90
C CYS A 48 -11.41 -0.62 -0.58
N PHE A 49 -11.45 -1.95 -0.54
CA PHE A 49 -12.69 -2.66 -0.23
C PHE A 49 -12.93 -2.66 1.28
N ARG A 50 -11.94 -3.15 2.03
CA ARG A 50 -12.02 -3.18 3.48
C ARG A 50 -11.15 -2.07 4.05
N SER A 51 -11.25 -1.83 5.35
CA SER A 51 -10.45 -0.78 5.98
C SER A 51 -9.17 -1.35 6.60
N CYS A 52 -8.03 -1.01 6.00
CA CYS A 52 -6.74 -1.49 6.49
C CYS A 52 -5.91 -0.33 7.06
N ASP A 53 -4.64 -0.58 7.34
CA ASP A 53 -3.75 0.43 7.88
C ASP A 53 -2.74 0.89 6.84
N LEU A 54 -2.04 1.98 7.13
CA LEU A 54 -1.04 2.52 6.22
C LEU A 54 0.24 1.69 6.26
N ARG A 55 0.53 1.10 7.42
CA ARG A 55 1.73 0.28 7.58
C ARG A 55 1.79 -0.84 6.55
N ARG A 56 0.63 -1.27 6.06
CA ARG A 56 0.58 -2.34 5.06
C ARG A 56 1.24 -1.90 3.75
N LEU A 57 1.21 -0.60 3.49
CA LEU A 57 1.81 -0.05 2.27
C LEU A 57 3.29 -0.40 2.17
N GLU A 58 3.94 -0.55 3.31
CA GLU A 58 5.36 -0.87 3.36
C GLU A 58 5.63 -2.29 2.86
N MET A 59 4.66 -3.18 3.10
CA MET A 59 4.80 -4.57 2.69
C MET A 59 4.96 -4.70 1.17
N TYR A 60 4.35 -3.77 0.44
CA TYR A 60 4.41 -3.79 -1.02
C TYR A 60 5.69 -3.16 -1.55
N CYS A 61 6.29 -2.26 -0.78
CA CYS A 61 7.53 -1.61 -1.21
C CYS A 61 8.68 -2.60 -1.27
N ALA A 62 9.40 -2.59 -2.40
CA ALA A 62 10.52 -3.49 -2.59
C ALA A 62 11.58 -3.31 -1.51
N PRO A 63 12.53 -4.27 -1.35
CA PRO A 63 13.57 -4.16 -0.32
C PRO A 63 14.65 -3.13 -0.69
N LEU A 64 14.87 -2.94 -1.99
CA LEU A 64 15.87 -1.99 -2.47
C LEU A 64 15.57 -0.58 -1.96
N LYS A 65 16.52 0.32 -2.15
CA LYS A 65 16.37 1.70 -1.72
C LYS A 65 17.13 2.66 -2.64
N PRO A 66 16.78 3.96 -2.67
CA PRO A 66 17.46 4.94 -3.53
C PRO A 66 18.87 5.27 -3.03
N ALA A 67 19.48 6.28 -3.64
CA ALA A 67 20.82 6.70 -3.25
C ALA A 67 21.07 8.16 -3.62
N LYS A 68 22.31 8.61 -3.44
CA LYS A 68 22.68 9.97 -3.75
C LYS A 68 22.61 10.23 -5.25
N SER A 69 23.55 9.63 -5.99
CA SER A 69 23.59 9.78 -7.43
C SER A 69 22.64 8.81 -8.12
N ALA A 70 21.79 9.34 -9.00
CA ALA A 70 20.82 8.52 -9.72
C ALA A 70 21.42 7.99 -11.02
N ARG B 1 4.54 13.97 15.56
CA ARG B 1 3.68 13.92 14.35
C ARG B 1 3.78 12.57 13.66
N ASN B 2 2.67 11.84 13.64
CA ASN B 2 2.61 10.53 13.00
C ASN B 2 1.66 10.53 11.82
N CYS B 3 2.21 10.33 10.62
CA CYS B 3 1.42 10.31 9.40
C CYS B 3 0.77 8.95 9.20
N PHE B 4 1.50 7.89 9.52
CA PHE B 4 0.99 6.53 9.36
C PHE B 4 0.11 6.14 10.55
N GLU B 5 -1.03 6.80 10.67
CA GLU B 5 -1.96 6.53 11.76
C GLU B 5 -3.36 6.28 11.22
N SER B 6 -3.80 7.14 10.30
CA SER B 6 -5.11 7.01 9.69
C SER B 6 -5.05 7.37 8.20
N VAL B 7 -6.17 7.19 7.51
CA VAL B 7 -6.23 7.49 6.09
C VAL B 7 -6.28 8.99 5.85
N ALA B 8 -6.86 9.72 6.79
CA ALA B 8 -6.98 11.17 6.69
C ALA B 8 -5.60 11.82 6.75
N ALA B 9 -4.74 11.31 7.63
CA ALA B 9 -3.40 11.84 7.80
C ALA B 9 -2.58 11.70 6.51
N LEU B 10 -2.80 10.60 5.79
CA LEU B 10 -2.09 10.34 4.55
C LEU B 10 -2.29 11.47 3.54
N ARG B 11 -3.54 11.91 3.40
CA ARG B 11 -3.87 12.98 2.46
C ARG B 11 -3.22 14.31 2.87
N ARG B 12 -3.50 14.75 4.09
CA ARG B 12 -2.94 15.99 4.60
C ARG B 12 -1.42 15.96 4.60
N CYS B 13 -0.85 14.85 5.04
CA CYS B 13 0.59 14.70 5.09
C CYS B 13 1.22 14.84 3.71
N MET B 14 0.66 14.13 2.74
CA MET B 14 1.16 14.18 1.37
C MET B 14 0.84 15.52 0.72
N TYR B 15 -0.44 15.90 0.78
CA TYR B 15 -0.89 17.15 0.21
C TYR B 15 -0.60 18.32 1.15
N GLY B 16 0.67 18.66 1.29
CA GLY B 16 1.06 19.75 2.17
C GLY B 16 0.98 21.11 1.48
N GLY A 1 -13.45 3.76 10.88
CA GLY A 1 -14.75 3.35 10.28
C GLY A 1 -14.71 3.26 8.76
N PRO A 2 -15.25 4.26 8.03
CA PRO A 2 -15.24 4.25 6.57
C PRO A 2 -14.01 4.91 5.97
N GLU A 3 -12.84 4.62 6.54
CA GLU A 3 -11.58 5.19 6.06
C GLU A 3 -10.84 4.19 5.17
N THR A 4 -11.09 4.28 3.87
CA THR A 4 -10.45 3.40 2.90
C THR A 4 -9.59 4.19 1.93
N LEU A 5 -8.89 3.49 1.04
CA LEU A 5 -8.02 4.14 0.06
C LEU A 5 -8.27 3.61 -1.35
N CYS A 6 -8.77 4.48 -2.23
CA CYS A 6 -9.05 4.10 -3.61
C CYS A 6 -8.67 5.22 -4.57
N GLY A 7 -8.46 4.86 -5.83
CA GLY A 7 -8.09 5.85 -6.84
C GLY A 7 -6.69 6.41 -6.65
N ALA A 8 -6.53 7.68 -6.97
CA ALA A 8 -5.23 8.35 -6.84
C ALA A 8 -4.71 8.29 -5.42
N GLU A 9 -5.63 8.26 -4.46
CA GLU A 9 -5.26 8.19 -3.04
C GLU A 9 -4.45 6.93 -2.75
N LEU A 10 -4.83 5.84 -3.40
CA LEU A 10 -4.13 4.57 -3.21
C LEU A 10 -2.76 4.58 -3.90
N VAL A 11 -2.75 5.04 -5.14
CA VAL A 11 -1.50 5.11 -5.91
C VAL A 11 -0.57 6.18 -5.34
N ASP A 12 -1.16 7.23 -4.77
CA ASP A 12 -0.38 8.32 -4.19
C ASP A 12 0.39 7.84 -2.97
N ALA A 13 -0.28 7.10 -2.09
CA ALA A 13 0.35 6.58 -0.88
C ALA A 13 1.51 5.65 -1.21
N LEU A 14 1.27 4.70 -2.11
CA LEU A 14 2.30 3.75 -2.52
C LEU A 14 3.51 4.47 -3.11
N GLN A 15 3.26 5.45 -3.98
CA GLN A 15 4.32 6.20 -4.61
C GLN A 15 5.09 7.02 -3.57
N PHE A 16 4.38 7.47 -2.54
CA PHE A 16 4.98 8.26 -1.49
C PHE A 16 5.81 7.38 -0.54
N VAL A 17 5.34 6.16 -0.32
CA VAL A 17 6.02 5.22 0.56
C VAL A 17 7.06 4.41 -0.20
N CYS A 18 6.60 3.58 -1.12
CA CYS A 18 7.50 2.74 -1.92
C CYS A 18 8.17 3.55 -3.02
N GLY A 19 7.37 4.27 -3.79
CA GLY A 19 7.90 5.09 -4.87
C GLY A 19 8.74 4.30 -5.87
N ASP A 20 9.99 4.70 -6.02
CA ASP A 20 10.90 4.04 -6.96
C ASP A 20 11.15 2.58 -6.60
N ARG A 21 10.93 2.22 -5.33
CA ARG A 21 11.14 0.84 -4.88
C ARG A 21 10.34 -0.16 -5.71
N GLY A 22 9.25 0.29 -6.31
CA GLY A 22 8.42 -0.59 -7.12
C GLY A 22 7.41 -1.36 -6.28
N PHE A 23 6.27 -0.74 -6.02
CA PHE A 23 5.23 -1.36 -5.22
C PHE A 23 4.39 -2.33 -6.04
N TYR A 24 4.13 -3.50 -5.47
CA TYR A 24 3.32 -4.52 -6.14
C TYR A 24 1.93 -4.59 -5.50
N PHE A 25 0.95 -5.00 -6.30
CA PHE A 25 -0.42 -5.10 -5.82
C PHE A 25 -0.73 -6.51 -5.32
N ASN A 26 -0.22 -7.51 -6.02
CA ASN A 26 -0.44 -8.90 -5.64
C ASN A 26 0.74 -9.45 -4.84
N LYS A 27 0.45 -9.95 -3.65
CA LYS A 27 1.50 -10.50 -2.77
C LYS A 27 1.55 -12.02 -2.92
N PRO A 28 2.75 -12.64 -2.72
CA PRO A 28 2.88 -14.10 -2.84
C PRO A 28 2.11 -14.85 -1.76
N THR A 29 2.47 -14.62 -0.50
CA THR A 29 1.81 -15.28 0.63
C THR A 29 2.41 -14.82 1.95
N GLY A 30 3.73 -14.88 2.04
CA GLY A 30 4.42 -14.48 3.25
C GLY A 30 5.84 -15.00 3.32
N TYR A 31 6.03 -16.11 4.02
CA TYR A 31 7.36 -16.71 4.15
C TYR A 31 7.26 -18.22 4.26
N GLY A 32 6.44 -18.69 5.19
CA GLY A 32 6.27 -20.13 5.38
C GLY A 32 4.83 -20.52 5.56
N SER A 33 4.41 -21.60 4.90
CA SER A 33 3.05 -22.08 4.99
C SER A 33 2.96 -23.31 5.90
N SER A 34 1.74 -23.72 6.20
CA SER A 34 1.52 -24.88 7.07
C SER A 34 0.16 -25.51 6.79
N SER A 35 -0.90 -24.82 7.19
CA SER A 35 -2.26 -25.31 6.98
C SER A 35 -3.28 -24.23 7.29
N ARG A 36 -2.93 -22.99 7.00
CA ARG A 36 -3.82 -21.86 7.25
C ARG A 36 -4.49 -21.39 5.96
N ARG A 37 -5.46 -20.51 6.10
CA ARG A 37 -6.19 -19.98 4.95
C ARG A 37 -5.37 -18.92 4.23
N ALA A 38 -5.56 -18.82 2.92
CA ALA A 38 -4.83 -17.83 2.12
C ALA A 38 -5.51 -17.63 0.75
N PRO A 39 -6.55 -16.77 0.67
CA PRO A 39 -7.24 -16.51 -0.60
C PRO A 39 -6.47 -15.55 -1.49
N GLN A 40 -7.13 -15.08 -2.55
CA GLN A 40 -6.50 -14.15 -3.48
C GLN A 40 -6.96 -12.72 -3.21
N THR A 41 -6.12 -11.97 -2.49
CA THR A 41 -6.43 -10.58 -2.16
C THR A 41 -5.15 -9.75 -2.06
N GLY A 42 -5.20 -8.55 -2.64
CA GLY A 42 -4.04 -7.67 -2.61
C GLY A 42 -4.30 -6.41 -1.78
N ILE A 43 -3.81 -5.28 -2.27
CA ILE A 43 -3.99 -4.01 -1.58
C ILE A 43 -5.38 -3.45 -1.83
N VAL A 44 -5.86 -3.57 -3.06
CA VAL A 44 -7.19 -3.07 -3.42
C VAL A 44 -8.28 -3.69 -2.55
N ASP A 45 -8.39 -5.01 -2.58
CA ASP A 45 -9.39 -5.72 -1.81
C ASP A 45 -9.16 -5.61 -0.30
N GLU A 46 -7.91 -5.36 0.09
CA GLU A 46 -7.57 -5.25 1.51
C GLU A 46 -7.69 -3.82 2.04
N CYS A 47 -7.63 -2.84 1.15
CA CYS A 47 -7.72 -1.44 1.57
C CYS A 47 -8.88 -0.71 0.91
N CYS A 48 -9.02 -0.85 -0.40
CA CYS A 48 -10.10 -0.17 -1.11
C CYS A 48 -11.45 -0.78 -0.77
N PHE A 49 -11.52 -2.11 -0.73
CA PHE A 49 -12.76 -2.80 -0.40
C PHE A 49 -13.06 -2.68 1.09
N ARG A 50 -12.02 -2.74 1.91
CA ARG A 50 -12.17 -2.63 3.36
C ARG A 50 -11.06 -1.78 3.95
N SER A 51 -11.35 -1.15 5.09
CA SER A 51 -10.37 -0.30 5.76
C SER A 51 -9.10 -1.09 6.11
N CYS A 52 -7.98 -0.38 6.21
CA CYS A 52 -6.71 -1.00 6.52
C CYS A 52 -5.78 -0.03 7.25
N ASP A 53 -4.53 -0.46 7.46
CA ASP A 53 -3.54 0.38 8.12
C ASP A 53 -2.48 0.82 7.12
N LEU A 54 -2.19 2.12 7.09
CA LEU A 54 -1.21 2.68 6.16
C LEU A 54 0.15 2.01 6.29
N ARG A 55 0.44 1.44 7.46
CA ARG A 55 1.71 0.77 7.68
C ARG A 55 1.93 -0.37 6.69
N ARG A 56 0.83 -0.94 6.19
CA ARG A 56 0.91 -2.05 5.23
C ARG A 56 1.57 -1.60 3.93
N LEU A 57 1.44 -0.31 3.61
CA LEU A 57 2.02 0.24 2.38
C LEU A 57 3.52 -0.03 2.30
N GLU A 58 4.17 -0.13 3.46
CA GLU A 58 5.61 -0.38 3.52
C GLU A 58 5.96 -1.80 3.06
N MET A 59 5.03 -2.73 3.25
CA MET A 59 5.25 -4.12 2.85
C MET A 59 5.37 -4.26 1.34
N TYR A 60 4.39 -3.71 0.63
CA TYR A 60 4.35 -3.79 -0.82
C TYR A 60 5.63 -3.24 -1.46
N CYS A 61 6.36 -2.39 -0.73
CA CYS A 61 7.60 -1.82 -1.24
C CYS A 61 8.67 -2.90 -1.38
N ALA A 62 9.51 -2.77 -2.40
CA ALA A 62 10.57 -3.73 -2.64
C ALA A 62 11.77 -3.47 -1.73
N PRO A 63 12.82 -4.34 -1.75
CA PRO A 63 14.00 -4.17 -0.91
C PRO A 63 14.95 -3.10 -1.44
N LEU A 64 14.99 -2.94 -2.76
CA LEU A 64 15.87 -1.96 -3.39
C LEU A 64 15.54 -0.55 -2.90
N LYS A 65 16.29 0.43 -3.40
CA LYS A 65 16.08 1.82 -3.02
C LYS A 65 16.02 2.72 -4.25
N PRO A 66 15.51 3.97 -4.13
CA PRO A 66 15.42 4.89 -5.27
C PRO A 66 16.80 5.29 -5.80
N ALA A 67 16.92 5.33 -7.11
CA ALA A 67 18.19 5.69 -7.75
C ALA A 67 18.02 5.87 -9.25
N LYS A 68 18.29 7.08 -9.75
CA LYS A 68 18.17 7.38 -11.16
C LYS A 68 19.36 6.82 -11.93
N SER A 69 19.06 5.90 -12.86
CA SER A 69 20.11 5.29 -13.67
C SER A 69 20.23 6.00 -15.02
N ALA A 70 19.11 6.18 -15.70
CA ALA A 70 19.10 6.85 -17.00
C ALA A 70 18.99 8.36 -16.84
N ARG B 1 2.53 12.93 16.94
CA ARG B 1 1.70 12.93 15.70
C ARG B 1 2.34 12.07 14.61
N ASN B 2 1.63 11.03 14.20
CA ASN B 2 2.13 10.12 13.16
C ASN B 2 1.38 10.34 11.85
N CYS B 3 2.08 10.20 10.74
CA CYS B 3 1.49 10.37 9.42
C CYS B 3 0.73 9.10 8.99
N PHE B 4 1.17 7.95 9.49
CA PHE B 4 0.52 6.69 9.14
C PHE B 4 -0.46 6.26 10.23
N GLU B 5 -1.13 7.24 10.83
CA GLU B 5 -2.11 6.96 11.89
C GLU B 5 -3.41 6.47 11.28
N SER B 6 -3.93 7.22 10.31
CA SER B 6 -5.17 6.85 9.65
C SER B 6 -5.14 7.29 8.19
N VAL B 7 -6.16 6.90 7.42
CA VAL B 7 -6.23 7.25 6.01
C VAL B 7 -6.21 8.76 5.80
N ALA B 8 -6.70 9.50 6.80
CA ALA B 8 -6.72 10.95 6.72
C ALA B 8 -5.32 11.54 6.87
N ALA B 9 -4.53 10.95 7.76
CA ALA B 9 -3.16 11.40 8.02
C ALA B 9 -2.33 11.46 6.73
N LEU B 10 -2.32 10.37 5.97
CA LEU B 10 -1.56 10.31 4.72
C LEU B 10 -2.00 11.40 3.75
N ARG B 11 -3.32 11.57 3.61
CA ARG B 11 -3.86 12.58 2.71
C ARG B 11 -3.52 13.98 3.21
N ARG B 12 -3.68 14.19 4.51
CA ARG B 12 -3.38 15.48 5.13
C ARG B 12 -1.89 15.80 5.01
N CYS B 13 -1.06 14.77 5.12
CA CYS B 13 0.39 14.94 5.03
C CYS B 13 0.80 15.58 3.71
N MET B 14 0.32 15.01 2.60
CA MET B 14 0.63 15.52 1.27
C MET B 14 -0.18 16.78 0.98
N TYR B 15 -1.50 16.69 1.16
CA TYR B 15 -2.38 17.82 0.92
C TYR B 15 -2.42 18.76 2.12
N GLY B 16 -1.31 19.47 2.33
CA GLY B 16 -1.23 20.40 3.45
C GLY B 16 0.19 20.85 3.73
N GLY A 1 -16.44 7.40 11.66
CA GLY A 1 -16.37 7.67 10.20
C GLY A 1 -15.53 6.64 9.46
N PRO A 2 -15.95 6.21 8.24
CA PRO A 2 -15.20 5.20 7.47
C PRO A 2 -13.92 5.79 6.88
N GLU A 3 -12.91 4.94 6.71
CA GLU A 3 -11.63 5.37 6.16
C GLU A 3 -11.01 4.27 5.30
N THR A 4 -10.89 4.54 4.00
CA THR A 4 -10.31 3.60 3.07
C THR A 4 -9.38 4.30 2.09
N LEU A 5 -8.85 3.56 1.13
CA LEU A 5 -7.94 4.13 0.14
C LEU A 5 -8.21 3.57 -1.25
N CYS A 6 -8.68 4.42 -2.14
CA CYS A 6 -8.97 4.02 -3.51
C CYS A 6 -8.56 5.09 -4.51
N GLY A 7 -8.44 4.70 -5.78
CA GLY A 7 -8.07 5.63 -6.82
C GLY A 7 -6.67 6.18 -6.64
N ALA A 8 -6.47 7.44 -7.03
CA ALA A 8 -5.18 8.10 -6.93
C ALA A 8 -4.66 8.10 -5.49
N GLU A 9 -5.58 8.11 -4.53
CA GLU A 9 -5.21 8.11 -3.12
C GLU A 9 -4.40 6.86 -2.77
N LEU A 10 -4.78 5.73 -3.35
CA LEU A 10 -4.08 4.48 -3.10
C LEU A 10 -2.72 4.47 -3.81
N VAL A 11 -2.73 4.83 -5.09
CA VAL A 11 -1.51 4.87 -5.87
C VAL A 11 -0.56 5.95 -5.35
N ASP A 12 -1.12 7.02 -4.81
CA ASP A 12 -0.33 8.12 -4.27
C ASP A 12 0.46 7.67 -3.05
N ALA A 13 -0.21 6.96 -2.14
CA ALA A 13 0.42 6.47 -0.93
C ALA A 13 1.60 5.56 -1.26
N LEU A 14 1.37 4.62 -2.17
CA LEU A 14 2.41 3.68 -2.58
C LEU A 14 3.59 4.42 -3.19
N GLN A 15 3.30 5.43 -4.00
CA GLN A 15 4.34 6.22 -4.64
C GLN A 15 5.07 7.10 -3.62
N PHE A 16 4.33 7.53 -2.61
CA PHE A 16 4.89 8.38 -1.55
C PHE A 16 5.70 7.53 -0.57
N VAL A 17 5.28 6.29 -0.36
CA VAL A 17 5.95 5.38 0.54
C VAL A 17 7.09 4.65 -0.17
N CYS A 18 6.72 3.81 -1.15
CA CYS A 18 7.70 3.04 -1.90
C CYS A 18 8.50 3.95 -2.83
N GLY A 19 7.80 4.75 -3.63
CA GLY A 19 8.46 5.67 -4.55
C GLY A 19 9.40 4.95 -5.51
N ASP A 20 10.68 5.31 -5.46
CA ASP A 20 11.68 4.71 -6.32
C ASP A 20 11.76 3.19 -6.12
N ARG A 21 11.41 2.74 -4.91
CA ARG A 21 11.45 1.31 -4.59
C ARG A 21 10.60 0.49 -5.57
N GLY A 22 9.29 0.69 -5.50
CA GLY A 22 8.38 -0.04 -6.37
C GLY A 22 7.33 -0.79 -5.58
N PHE A 23 6.10 -0.83 -6.09
CA PHE A 23 5.01 -1.51 -5.41
C PHE A 23 4.24 -2.41 -6.37
N TYR A 24 3.87 -3.59 -5.89
CA TYR A 24 3.11 -4.54 -6.69
C TYR A 24 1.70 -4.73 -6.13
N PHE A 25 0.73 -4.96 -7.01
CA PHE A 25 -0.65 -5.14 -6.58
C PHE A 25 -0.99 -6.62 -6.39
N ASN A 26 0.02 -7.45 -6.13
CA ASN A 26 -0.20 -8.88 -5.93
C ASN A 26 0.96 -9.49 -5.15
N LYS A 27 0.82 -9.56 -3.83
CA LYS A 27 1.86 -10.12 -2.98
C LYS A 27 2.19 -11.57 -3.38
N PRO A 28 1.17 -12.44 -3.57
CA PRO A 28 1.41 -13.83 -3.95
C PRO A 28 1.65 -14.00 -5.44
N THR A 29 1.64 -15.23 -5.91
CA THR A 29 1.85 -15.51 -7.33
C THR A 29 1.31 -16.90 -7.70
N GLY A 30 0.29 -16.92 -8.55
CA GLY A 30 -0.30 -18.18 -8.96
C GLY A 30 -1.45 -18.00 -9.92
N TYR A 31 -2.40 -17.15 -9.55
CA TYR A 31 -3.56 -16.88 -10.38
C TYR A 31 -3.22 -15.92 -11.51
N GLY A 32 -3.42 -16.36 -12.75
CA GLY A 32 -3.13 -15.53 -13.89
C GLY A 32 -2.66 -16.34 -15.09
N SER A 33 -3.51 -17.25 -15.56
CA SER A 33 -3.17 -18.09 -16.70
C SER A 33 -3.87 -17.59 -17.96
N SER A 34 -4.04 -16.28 -18.06
CA SER A 34 -4.70 -15.67 -19.22
C SER A 34 -4.03 -14.36 -19.60
N SER A 35 -4.18 -13.97 -20.86
CA SER A 35 -3.58 -12.73 -21.35
C SER A 35 -4.60 -11.60 -21.32
N ARG A 36 -5.74 -11.81 -21.98
CA ARG A 36 -6.79 -10.80 -22.03
C ARG A 36 -7.48 -10.67 -20.67
N ARG A 37 -7.88 -11.80 -20.10
CA ARG A 37 -8.55 -11.80 -18.81
C ARG A 37 -7.54 -11.64 -17.68
N ALA A 38 -7.80 -10.68 -16.80
CA ALA A 38 -6.91 -10.42 -15.67
C ALA A 38 -7.60 -9.55 -14.61
N PRO A 39 -8.18 -10.16 -13.55
CA PRO A 39 -8.86 -9.38 -12.50
C PRO A 39 -7.88 -8.62 -11.61
N GLN A 40 -8.40 -7.70 -10.81
CA GLN A 40 -7.58 -6.91 -9.90
C GLN A 40 -7.83 -7.29 -8.45
N THR A 41 -6.75 -7.53 -7.71
CA THR A 41 -6.86 -7.89 -6.30
C THR A 41 -5.57 -7.56 -5.56
N GLY A 42 -5.54 -7.89 -4.27
CA GLY A 42 -4.36 -7.62 -3.46
C GLY A 42 -4.63 -6.58 -2.38
N ILE A 43 -4.16 -5.36 -2.61
CA ILE A 43 -4.35 -4.29 -1.64
C ILE A 43 -5.70 -3.60 -1.83
N VAL A 44 -6.24 -3.65 -3.05
CA VAL A 44 -7.53 -3.03 -3.35
C VAL A 44 -8.64 -3.60 -2.46
N ASP A 45 -8.80 -4.92 -2.50
CA ASP A 45 -9.81 -5.59 -1.69
C ASP A 45 -9.49 -5.52 -0.20
N GLU A 46 -8.22 -5.29 0.15
CA GLU A 46 -7.82 -5.23 1.55
C GLU A 46 -7.92 -3.81 2.10
N CYS A 47 -7.76 -2.82 1.22
CA CYS A 47 -7.80 -1.42 1.64
C CYS A 47 -9.04 -0.70 1.12
N CYS A 48 -9.27 -0.79 -0.19
CA CYS A 48 -10.42 -0.14 -0.80
C CYS A 48 -11.73 -0.73 -0.30
N PHE A 49 -11.86 -2.05 -0.41
CA PHE A 49 -13.07 -2.73 0.04
C PHE A 49 -13.22 -2.64 1.55
N ARG A 50 -12.13 -2.87 2.27
CA ARG A 50 -12.14 -2.80 3.74
C ARG A 50 -11.01 -1.91 4.23
N SER A 51 -11.25 -1.24 5.36
CA SER A 51 -10.25 -0.35 5.95
C SER A 51 -8.98 -1.12 6.31
N CYS A 52 -7.83 -0.51 6.05
CA CYS A 52 -6.54 -1.13 6.34
C CYS A 52 -5.63 -0.18 7.10
N ASP A 53 -4.39 -0.61 7.29
CA ASP A 53 -3.39 0.21 7.99
C ASP A 53 -2.35 0.72 7.01
N LEU A 54 -2.06 2.01 7.09
CA LEU A 54 -1.09 2.65 6.20
C LEU A 54 0.27 1.98 6.29
N ARG A 55 0.58 1.40 7.44
CA ARG A 55 1.87 0.73 7.63
C ARG A 55 2.07 -0.40 6.63
N ARG A 56 0.97 -1.00 6.20
CA ARG A 56 1.02 -2.10 5.24
C ARG A 56 1.65 -1.66 3.91
N LEU A 57 1.53 -0.38 3.60
CA LEU A 57 2.09 0.16 2.36
C LEU A 57 3.59 -0.09 2.26
N GLU A 58 4.25 -0.15 3.42
CA GLU A 58 5.70 -0.38 3.46
C GLU A 58 6.04 -1.80 3.04
N MET A 59 5.13 -2.74 3.29
CA MET A 59 5.35 -4.14 2.94
C MET A 59 5.45 -4.32 1.43
N TYR A 60 4.51 -3.73 0.70
CA TYR A 60 4.47 -3.84 -0.75
C TYR A 60 5.74 -3.27 -1.38
N CYS A 61 6.34 -2.27 -0.73
CA CYS A 61 7.56 -1.65 -1.24
C CYS A 61 8.68 -2.67 -1.36
N ALA A 62 9.32 -2.71 -2.52
CA ALA A 62 10.41 -3.65 -2.77
C ALA A 62 11.54 -3.46 -1.75
N PRO A 63 12.33 -4.52 -1.43
CA PRO A 63 13.43 -4.43 -0.47
C PRO A 63 14.58 -3.57 -0.97
N LEU A 64 14.69 -3.42 -2.29
CA LEU A 64 15.77 -2.63 -2.90
C LEU A 64 15.79 -1.20 -2.35
N LYS A 65 16.73 -0.41 -2.83
CA LYS A 65 16.86 0.98 -2.39
C LYS A 65 17.75 1.77 -3.37
N PRO A 66 17.35 3.02 -3.74
CA PRO A 66 18.14 3.84 -4.67
C PRO A 66 19.43 4.36 -4.03
N ALA A 67 20.19 5.12 -4.81
CA ALA A 67 21.45 5.68 -4.32
C ALA A 67 21.26 7.14 -3.90
N LYS A 68 22.23 7.65 -3.14
CA LYS A 68 22.17 9.04 -2.68
C LYS A 68 23.06 9.94 -3.54
N SER A 69 22.44 10.95 -4.14
CA SER A 69 23.16 11.88 -5.00
C SER A 69 22.42 13.21 -5.11
N ALA A 70 23.15 14.31 -4.89
CA ALA A 70 22.56 15.63 -4.97
C ALA A 70 23.61 16.69 -5.30
N ARG B 1 2.90 13.28 16.44
CA ARG B 1 2.36 13.57 15.09
C ARG B 1 2.77 12.52 14.08
N ASN B 2 1.89 11.54 13.87
CA ASN B 2 2.17 10.45 12.93
C ASN B 2 1.35 10.63 11.65
N CYS B 3 2.00 10.44 10.51
CA CYS B 3 1.34 10.58 9.21
C CYS B 3 0.59 9.32 8.84
N PHE B 4 1.11 8.17 9.29
CA PHE B 4 0.49 6.88 8.99
C PHE B 4 -0.38 6.41 10.16
N GLU B 5 -0.97 7.36 10.88
CA GLU B 5 -1.83 7.03 12.01
C GLU B 5 -3.21 6.61 11.53
N SER B 6 -3.65 7.21 10.42
CA SER B 6 -4.95 6.90 9.85
C SER B 6 -4.97 7.27 8.36
N VAL B 7 -6.06 6.93 7.68
CA VAL B 7 -6.19 7.23 6.26
C VAL B 7 -6.30 8.74 6.04
N ALA B 8 -6.88 9.44 7.01
CA ALA B 8 -7.05 10.89 6.91
C ALA B 8 -5.71 11.61 7.01
N ALA B 9 -4.85 11.13 7.89
CA ALA B 9 -3.53 11.72 8.08
C ALA B 9 -2.67 11.61 6.83
N LEU B 10 -2.71 10.45 6.18
CA LEU B 10 -1.94 10.20 4.97
C LEU B 10 -2.30 11.22 3.88
N ARG B 11 -3.59 11.48 3.73
CA ARG B 11 -4.08 12.43 2.72
C ARG B 11 -3.43 13.80 2.90
N ARG B 12 -3.69 14.42 4.04
CA ARG B 12 -3.14 15.74 4.34
C ARG B 12 -1.61 15.72 4.32
N CYS B 13 -1.04 14.59 4.75
CA CYS B 13 0.41 14.44 4.79
C CYS B 13 1.02 14.55 3.40
N MET B 14 0.53 13.75 2.46
CA MET B 14 1.04 13.75 1.10
C MET B 14 0.55 14.97 0.31
N TYR B 15 -0.76 15.21 0.36
CA TYR B 15 -1.34 16.34 -0.36
C TYR B 15 -0.92 17.67 0.25
N GLY B 16 -1.06 17.78 1.57
CA GLY B 16 -0.69 18.99 2.26
C GLY B 16 0.80 19.13 2.43
N GLY A 1 -16.66 8.74 8.59
CA GLY A 1 -17.27 7.39 8.65
C GLY A 1 -16.34 6.31 8.07
N PRO A 2 -16.58 5.86 6.81
CA PRO A 2 -15.73 4.82 6.20
C PRO A 2 -14.38 5.38 5.76
N GLU A 3 -13.31 4.80 6.28
CA GLU A 3 -11.95 5.23 5.95
C GLU A 3 -11.26 4.20 5.07
N THR A 4 -11.18 4.49 3.77
CA THR A 4 -10.54 3.59 2.82
C THR A 4 -9.59 4.35 1.90
N LEU A 5 -8.92 3.63 1.01
CA LEU A 5 -7.98 4.24 0.08
C LEU A 5 -8.15 3.68 -1.33
N CYS A 6 -8.66 4.51 -2.22
CA CYS A 6 -8.87 4.10 -3.62
C CYS A 6 -8.52 5.24 -4.57
N GLY A 7 -8.36 4.91 -5.84
CA GLY A 7 -8.03 5.91 -6.84
C GLY A 7 -6.62 6.44 -6.68
N ALA A 8 -6.42 7.72 -7.00
CA ALA A 8 -5.12 8.34 -6.90
C ALA A 8 -4.57 8.29 -5.48
N GLU A 9 -5.48 8.33 -4.50
CA GLU A 9 -5.08 8.27 -3.10
C GLU A 9 -4.32 6.99 -2.79
N LEU A 10 -4.74 5.89 -3.42
CA LEU A 10 -4.10 4.59 -3.21
C LEU A 10 -2.74 4.54 -3.91
N VAL A 11 -2.73 4.89 -5.20
CA VAL A 11 -1.51 4.88 -5.98
C VAL A 11 -0.52 5.94 -5.49
N ASP A 12 -1.06 7.03 -4.96
CA ASP A 12 -0.23 8.12 -4.45
C ASP A 12 0.55 7.68 -3.21
N ALA A 13 -0.15 7.07 -2.26
CA ALA A 13 0.48 6.62 -1.02
C ALA A 13 1.59 5.60 -1.31
N LEU A 14 1.30 4.64 -2.18
CA LEU A 14 2.28 3.62 -2.54
C LEU A 14 3.52 4.25 -3.16
N GLN A 15 3.30 5.25 -4.01
CA GLN A 15 4.40 5.95 -4.66
C GLN A 15 5.12 6.86 -3.67
N PHE A 16 4.37 7.41 -2.73
CA PHE A 16 4.92 8.29 -1.72
C PHE A 16 5.87 7.53 -0.80
N VAL A 17 5.47 6.33 -0.42
CA VAL A 17 6.27 5.50 0.46
C VAL A 17 7.28 4.66 -0.34
N CYS A 18 6.77 3.79 -1.21
CA CYS A 18 7.62 2.94 -2.03
C CYS A 18 8.27 3.72 -3.17
N GLY A 19 7.44 4.43 -3.92
CA GLY A 19 7.95 5.22 -5.03
C GLY A 19 8.53 4.36 -6.14
N ASP A 20 9.83 4.51 -6.39
CA ASP A 20 10.50 3.75 -7.43
C ASP A 20 10.92 2.35 -6.97
N ARG A 21 10.50 1.94 -5.77
CA ARG A 21 10.86 0.61 -5.26
C ARG A 21 10.15 -0.48 -6.06
N GLY A 22 8.93 -0.21 -6.48
CA GLY A 22 8.18 -1.18 -7.26
C GLY A 22 7.17 -1.93 -6.41
N PHE A 23 6.25 -1.20 -5.81
CA PHE A 23 5.22 -1.79 -4.96
C PHE A 23 4.38 -2.81 -5.74
N TYR A 24 4.16 -3.97 -5.13
CA TYR A 24 3.37 -5.02 -5.76
C TYR A 24 1.88 -4.83 -5.46
N PHE A 25 1.06 -5.13 -6.45
CA PHE A 25 -0.39 -4.99 -6.30
C PHE A 25 -1.01 -6.29 -5.80
N ASN A 26 -0.39 -7.42 -6.12
CA ASN A 26 -0.89 -8.72 -5.70
C ASN A 26 0.23 -9.53 -5.03
N LYS A 27 0.67 -9.08 -3.87
CA LYS A 27 1.72 -9.76 -3.13
C LYS A 27 1.21 -11.12 -2.62
N PRO A 28 2.01 -11.89 -1.86
CA PRO A 28 1.59 -13.20 -1.36
C PRO A 28 0.80 -13.08 -0.06
N THR A 29 0.54 -14.22 0.58
CA THR A 29 -0.21 -14.25 1.82
C THR A 29 0.47 -13.41 2.91
N GLY A 30 1.55 -13.93 3.46
CA GLY A 30 2.28 -13.20 4.50
C GLY A 30 3.51 -13.96 4.98
N TYR A 31 3.70 -13.99 6.30
CA TYR A 31 4.84 -14.68 6.88
C TYR A 31 4.51 -15.22 8.26
N GLY A 32 5.27 -16.22 8.70
CA GLY A 32 5.04 -16.81 10.00
C GLY A 32 5.62 -18.20 10.13
N SER A 33 5.32 -18.88 11.23
CA SER A 33 5.82 -20.23 11.46
C SER A 33 4.82 -21.27 10.98
N SER A 34 3.53 -20.93 11.05
CA SER A 34 2.48 -21.84 10.62
C SER A 34 1.24 -21.08 10.19
N SER A 35 0.67 -21.46 9.05
CA SER A 35 -0.52 -20.82 8.53
C SER A 35 -1.33 -21.79 7.67
N ARG A 36 -2.62 -21.50 7.53
CA ARG A 36 -3.51 -22.36 6.75
C ARG A 36 -3.51 -21.94 5.28
N ARG A 37 -4.11 -20.78 5.00
CA ARG A 37 -4.17 -20.27 3.64
C ARG A 37 -4.88 -18.91 3.60
N ALA A 38 -4.54 -18.09 2.63
CA ALA A 38 -5.14 -16.77 2.48
C ALA A 38 -5.76 -16.60 1.09
N PRO A 39 -6.90 -15.85 0.97
CA PRO A 39 -7.56 -15.65 -0.33
C PRO A 39 -6.73 -14.78 -1.26
N GLN A 40 -7.18 -14.65 -2.50
CA GLN A 40 -6.48 -13.85 -3.50
C GLN A 40 -6.80 -12.38 -3.33
N THR A 41 -5.84 -11.62 -2.78
CA THR A 41 -6.01 -10.20 -2.57
C THR A 41 -4.66 -9.50 -2.46
N GLY A 42 -4.69 -8.18 -2.25
CA GLY A 42 -3.47 -7.42 -2.14
C GLY A 42 -3.66 -6.11 -1.38
N ILE A 43 -3.56 -5.00 -2.09
CA ILE A 43 -3.73 -3.68 -1.48
C ILE A 43 -5.12 -3.12 -1.77
N VAL A 44 -5.61 -3.38 -2.98
CA VAL A 44 -6.92 -2.90 -3.39
C VAL A 44 -8.03 -3.61 -2.62
N ASP A 45 -8.16 -4.91 -2.85
CA ASP A 45 -9.18 -5.71 -2.18
C ASP A 45 -8.99 -5.70 -0.67
N GLU A 46 -7.77 -5.39 -0.20
CA GLU A 46 -7.50 -5.38 1.23
C GLU A 46 -7.73 -4.00 1.85
N CYS A 47 -7.42 -2.94 1.11
CA CYS A 47 -7.58 -1.58 1.61
C CYS A 47 -8.77 -0.86 0.96
N CYS A 48 -8.82 -0.87 -0.36
CA CYS A 48 -9.92 -0.20 -1.08
C CYS A 48 -11.27 -0.79 -0.69
N PHE A 49 -11.37 -2.11 -0.74
CA PHE A 49 -12.62 -2.79 -0.39
C PHE A 49 -12.90 -2.63 1.11
N ARG A 50 -11.93 -3.06 1.92
CA ARG A 50 -12.06 -2.93 3.38
C ARG A 50 -10.96 -2.05 3.94
N SER A 51 -11.28 -1.31 4.99
CA SER A 51 -10.32 -0.39 5.60
C SER A 51 -9.06 -1.11 6.06
N CYS A 52 -7.90 -0.51 5.80
CA CYS A 52 -6.62 -1.08 6.18
C CYS A 52 -5.79 -0.07 7.00
N ASP A 53 -4.48 -0.29 7.08
CA ASP A 53 -3.60 0.61 7.80
C ASP A 53 -2.43 1.04 6.92
N LEU A 54 -1.98 2.28 7.10
CA LEU A 54 -0.87 2.81 6.31
C LEU A 54 0.40 1.98 6.50
N ARG A 55 0.52 1.30 7.64
CA ARG A 55 1.69 0.47 7.93
C ARG A 55 1.88 -0.61 6.86
N ARG A 56 0.77 -1.03 6.25
CA ARG A 56 0.83 -2.06 5.21
C ARG A 56 1.51 -1.53 3.94
N LEU A 57 1.45 -0.20 3.73
CA LEU A 57 2.06 0.42 2.56
C LEU A 57 3.54 0.09 2.44
N GLU A 58 4.26 0.23 3.55
CA GLU A 58 5.70 -0.04 3.57
C GLU A 58 6.00 -1.48 3.16
N MET A 59 5.06 -2.38 3.42
CA MET A 59 5.23 -3.79 3.09
C MET A 59 5.34 -4.00 1.58
N TYR A 60 4.40 -3.42 0.84
CA TYR A 60 4.38 -3.54 -0.61
C TYR A 60 5.69 -3.06 -1.25
N CYS A 61 6.35 -2.13 -0.59
CA CYS A 61 7.61 -1.59 -1.09
C CYS A 61 8.66 -2.69 -1.23
N ALA A 62 9.25 -2.80 -2.41
CA ALA A 62 10.26 -3.81 -2.67
C ALA A 62 11.56 -3.48 -1.93
N PRO A 63 12.54 -4.44 -1.87
CA PRO A 63 13.80 -4.21 -1.17
C PRO A 63 14.77 -3.34 -1.97
N LEU A 64 14.71 -3.44 -3.30
CA LEU A 64 15.58 -2.66 -4.17
C LEU A 64 15.39 -1.16 -3.93
N LYS A 65 16.43 -0.39 -4.24
CA LYS A 65 16.38 1.05 -4.08
C LYS A 65 17.43 1.74 -4.97
N PRO A 66 17.21 3.02 -5.37
CA PRO A 66 18.15 3.75 -6.22
C PRO A 66 19.35 4.26 -5.44
N ALA A 67 20.55 3.97 -5.95
CA ALA A 67 21.79 4.40 -5.30
C ALA A 67 22.97 4.29 -6.25
N LYS A 68 24.07 4.94 -5.89
CA LYS A 68 25.27 4.92 -6.71
C LYS A 68 26.17 3.74 -6.33
N SER A 69 26.28 3.49 -5.02
CA SER A 69 27.09 2.40 -4.51
C SER A 69 26.42 1.05 -4.77
N ALA A 70 25.22 0.89 -4.21
CA ALA A 70 24.47 -0.35 -4.37
C ALA A 70 23.64 -0.32 -5.65
N ARG B 1 5.95 12.99 15.53
CA ARG B 1 4.79 13.14 14.60
C ARG B 1 4.48 11.82 13.89
N ASN B 2 3.24 11.36 14.04
CA ASN B 2 2.81 10.11 13.41
C ASN B 2 1.75 10.38 12.34
N CYS B 3 2.18 10.37 11.08
CA CYS B 3 1.27 10.62 9.98
C CYS B 3 0.53 9.34 9.58
N PHE B 4 1.22 8.20 9.70
CA PHE B 4 0.62 6.92 9.36
C PHE B 4 -0.21 6.38 10.52
N GLU B 5 -1.31 7.07 10.81
CA GLU B 5 -2.21 6.67 11.89
C GLU B 5 -3.58 6.30 11.33
N SER B 6 -4.05 7.08 10.37
CA SER B 6 -5.34 6.84 9.73
C SER B 6 -5.27 7.15 8.24
N VAL B 7 -6.39 6.95 7.54
CA VAL B 7 -6.45 7.22 6.11
C VAL B 7 -6.50 8.71 5.84
N ALA B 8 -7.11 9.46 6.76
CA ALA B 8 -7.24 10.91 6.62
C ALA B 8 -5.88 11.58 6.81
N ALA B 9 -5.10 11.09 7.76
CA ALA B 9 -3.79 11.66 8.04
C ALA B 9 -2.88 11.63 6.81
N LEU B 10 -3.01 10.58 6.01
CA LEU B 10 -2.20 10.43 4.79
C LEU B 10 -2.39 11.62 3.86
N ARG B 11 -3.65 11.92 3.54
CA ARG B 11 -3.96 13.03 2.64
C ARG B 11 -3.52 14.36 3.24
N ARG B 12 -3.87 14.60 4.50
CA ARG B 12 -3.51 15.83 5.19
C ARG B 12 -1.99 16.00 5.25
N CYS B 13 -1.29 14.93 5.59
CA CYS B 13 0.17 14.97 5.70
C CYS B 13 0.82 15.13 4.33
N MET B 14 0.35 14.36 3.35
CA MET B 14 0.90 14.41 2.00
C MET B 14 0.55 15.72 1.29
N TYR B 15 -0.73 16.05 1.26
CA TYR B 15 -1.19 17.27 0.61
C TYR B 15 -0.96 18.49 1.51
N GLY B 16 -1.38 18.39 2.76
CA GLY B 16 -1.21 19.49 3.69
C GLY B 16 0.23 19.72 4.05
N GLY A 1 -14.61 6.38 12.27
CA GLY A 1 -15.58 5.98 11.21
C GLY A 1 -14.92 5.20 10.09
N PRO A 2 -15.52 5.14 8.89
CA PRO A 2 -14.95 4.40 7.75
C PRO A 2 -13.75 5.12 7.15
N GLU A 3 -12.62 4.43 7.07
CA GLU A 3 -11.40 4.99 6.51
C GLU A 3 -10.76 4.03 5.52
N THR A 4 -10.92 4.31 4.23
CA THR A 4 -10.36 3.47 3.18
C THR A 4 -9.55 4.30 2.19
N LEU A 5 -8.92 3.62 1.23
CA LEU A 5 -8.11 4.29 0.22
C LEU A 5 -8.31 3.66 -1.16
N CYS A 6 -8.82 4.43 -2.10
CA CYS A 6 -9.05 3.95 -3.46
C CYS A 6 -8.68 5.00 -4.49
N GLY A 7 -8.56 4.58 -5.75
CA GLY A 7 -8.22 5.50 -6.82
C GLY A 7 -6.79 6.02 -6.73
N ALA A 8 -6.58 7.24 -7.21
CA ALA A 8 -5.26 7.85 -7.19
C ALA A 8 -4.71 7.94 -5.78
N GLU A 9 -5.59 8.05 -4.80
CA GLU A 9 -5.18 8.14 -3.40
C GLU A 9 -4.40 6.91 -2.97
N LEU A 10 -4.84 5.75 -3.45
CA LEU A 10 -4.18 4.49 -3.12
C LEU A 10 -2.85 4.38 -3.86
N VAL A 11 -2.88 4.63 -5.16
CA VAL A 11 -1.67 4.55 -5.98
C VAL A 11 -0.67 5.63 -5.58
N ASP A 12 -1.19 6.77 -5.13
CA ASP A 12 -0.34 7.88 -4.70
C ASP A 12 0.47 7.51 -3.46
N ALA A 13 -0.20 6.91 -2.48
CA ALA A 13 0.44 6.51 -1.24
C ALA A 13 1.56 5.50 -1.50
N LEU A 14 1.29 4.53 -2.37
CA LEU A 14 2.28 3.51 -2.70
C LEU A 14 3.52 4.14 -3.31
N GLN A 15 3.31 5.17 -4.13
CA GLN A 15 4.41 5.88 -4.76
C GLN A 15 5.09 6.81 -3.76
N PHE A 16 4.29 7.35 -2.85
CA PHE A 16 4.80 8.25 -1.82
C PHE A 16 5.68 7.50 -0.82
N VAL A 17 5.22 6.33 -0.41
CA VAL A 17 5.95 5.51 0.53
C VAL A 17 7.08 4.74 -0.15
N CYS A 18 6.70 3.83 -1.04
CA CYS A 18 7.68 3.01 -1.76
C CYS A 18 8.54 3.87 -2.68
N GLY A 19 7.90 4.68 -3.51
CA GLY A 19 8.62 5.55 -4.43
C GLY A 19 9.57 4.79 -5.33
N ASP A 20 10.87 4.94 -5.08
CA ASP A 20 11.90 4.28 -5.89
C ASP A 20 11.83 2.76 -5.72
N ARG A 21 11.53 2.31 -4.51
CA ARG A 21 11.44 0.88 -4.23
C ARG A 21 10.38 0.21 -5.10
N GLY A 22 9.36 0.97 -5.49
CA GLY A 22 8.31 0.42 -6.31
C GLY A 22 7.31 -0.38 -5.49
N PHE A 23 6.24 -0.84 -6.12
CA PHE A 23 5.21 -1.61 -5.40
C PHE A 23 4.52 -2.60 -6.32
N TYR A 24 3.98 -3.65 -5.72
CA TYR A 24 3.27 -4.70 -6.46
C TYR A 24 1.88 -4.92 -5.87
N PHE A 25 0.85 -4.57 -6.64
CA PHE A 25 -0.54 -4.70 -6.20
C PHE A 25 -0.85 -6.12 -5.71
N ASN A 26 -0.36 -7.12 -6.44
CA ASN A 26 -0.60 -8.51 -6.08
C ASN A 26 0.39 -8.99 -5.03
N LYS A 27 -0.11 -9.74 -4.04
CA LYS A 27 0.73 -10.27 -2.97
C LYS A 27 0.11 -11.53 -2.36
N PRO A 28 0.90 -12.37 -1.67
CA PRO A 28 0.39 -13.61 -1.06
C PRO A 28 -0.49 -13.32 0.16
N THR A 29 -1.74 -13.76 0.08
CA THR A 29 -2.68 -13.56 1.18
C THR A 29 -3.52 -14.82 1.42
N GLY A 30 -3.47 -15.33 2.65
CA GLY A 30 -4.23 -16.52 2.97
C GLY A 30 -3.45 -17.79 2.74
N TYR A 31 -4.03 -18.93 3.12
CA TYR A 31 -3.37 -20.23 2.95
C TYR A 31 -3.58 -20.74 1.54
N GLY A 32 -4.80 -21.19 1.23
CA GLY A 32 -5.09 -21.70 -0.09
C GLY A 32 -4.25 -22.91 -0.45
N SER A 33 -4.28 -23.29 -1.72
CA SER A 33 -3.51 -24.43 -2.19
C SER A 33 -3.10 -24.25 -3.65
N SER A 34 -4.08 -24.17 -4.54
CA SER A 34 -3.81 -23.99 -5.96
C SER A 34 -5.04 -23.48 -6.69
N SER A 35 -4.82 -22.66 -7.71
CA SER A 35 -5.92 -22.09 -8.50
C SER A 35 -5.54 -22.00 -9.97
N ARG A 36 -6.54 -22.16 -10.84
CA ARG A 36 -6.31 -22.09 -12.28
C ARG A 36 -6.37 -20.65 -12.77
N ARG A 37 -7.42 -19.93 -12.39
CA ARG A 37 -7.60 -18.55 -12.79
C ARG A 37 -6.95 -17.60 -11.79
N ALA A 38 -6.26 -16.59 -12.30
CA ALA A 38 -5.58 -15.61 -11.45
C ALA A 38 -6.48 -14.39 -11.23
N PRO A 39 -7.13 -14.26 -10.05
CA PRO A 39 -8.00 -13.11 -9.76
C PRO A 39 -7.22 -11.82 -9.55
N GLN A 40 -7.94 -10.70 -9.47
CA GLN A 40 -7.32 -9.39 -9.28
C GLN A 40 -7.61 -8.88 -7.88
N THR A 41 -6.72 -9.18 -6.94
CA THR A 41 -6.91 -8.75 -5.56
C THR A 41 -5.57 -8.56 -4.84
N GLY A 42 -5.59 -7.74 -3.80
CA GLY A 42 -4.37 -7.47 -3.05
C GLY A 42 -4.55 -6.29 -2.11
N ILE A 43 -4.13 -5.12 -2.56
CA ILE A 43 -4.26 -3.90 -1.75
C ILE A 43 -5.65 -3.29 -1.92
N VAL A 44 -6.19 -3.40 -3.13
CA VAL A 44 -7.51 -2.85 -3.42
C VAL A 44 -8.57 -3.48 -2.53
N ASP A 45 -8.57 -4.80 -2.46
CA ASP A 45 -9.54 -5.54 -1.67
C ASP A 45 -9.27 -5.39 -0.16
N GLU A 46 -8.02 -5.11 0.20
CA GLU A 46 -7.66 -4.98 1.61
C GLU A 46 -7.78 -3.52 2.08
N CYS A 47 -7.67 -2.57 1.15
CA CYS A 47 -7.75 -1.16 1.50
C CYS A 47 -9.06 -0.53 1.03
N CYS A 48 -9.49 -0.88 -0.18
CA CYS A 48 -10.73 -0.34 -0.72
C CYS A 48 -11.94 -1.06 -0.16
N PHE A 49 -11.99 -2.37 -0.36
CA PHE A 49 -13.10 -3.17 0.14
C PHE A 49 -13.12 -3.17 1.67
N ARG A 50 -11.93 -3.20 2.26
CA ARG A 50 -11.79 -3.19 3.72
C ARG A 50 -10.86 -2.07 4.14
N SER A 51 -10.97 -1.65 5.41
CA SER A 51 -10.13 -0.58 5.93
C SER A 51 -8.76 -1.13 6.36
N CYS A 52 -7.72 -0.71 5.64
CA CYS A 52 -6.37 -1.15 5.93
C CYS A 52 -5.62 -0.11 6.74
N ASP A 53 -4.31 -0.33 6.93
CA ASP A 53 -3.47 0.61 7.67
C ASP A 53 -2.27 1.02 6.81
N LEU A 54 -1.82 2.25 7.00
CA LEU A 54 -0.69 2.79 6.23
C LEU A 54 0.55 1.89 6.35
N ARG A 55 0.67 1.20 7.48
CA ARG A 55 1.80 0.31 7.71
C ARG A 55 1.88 -0.77 6.64
N ARG A 56 0.73 -1.14 6.07
CA ARG A 56 0.68 -2.17 5.04
C ARG A 56 1.39 -1.72 3.77
N LEU A 57 1.33 -0.41 3.51
CA LEU A 57 1.95 0.18 2.32
C LEU A 57 3.44 -0.16 2.23
N GLU A 58 4.07 -0.38 3.37
CA GLU A 58 5.50 -0.70 3.42
C GLU A 58 5.75 -2.11 2.90
N MET A 59 4.83 -3.03 3.20
CA MET A 59 4.97 -4.42 2.76
C MET A 59 5.06 -4.51 1.24
N TYR A 60 4.31 -3.66 0.54
CA TYR A 60 4.30 -3.66 -0.91
C TYR A 60 5.61 -3.09 -1.47
N CYS A 61 6.23 -2.19 -0.73
CA CYS A 61 7.48 -1.58 -1.16
C CYS A 61 8.58 -2.62 -1.30
N ALA A 62 9.24 -2.62 -2.46
CA ALA A 62 10.32 -3.57 -2.72
C ALA A 62 11.49 -3.38 -1.74
N PRO A 63 12.48 -4.30 -1.74
CA PRO A 63 13.62 -4.21 -0.83
C PRO A 63 14.77 -3.37 -1.39
N LEU A 64 14.82 -3.22 -2.71
CA LEU A 64 15.89 -2.44 -3.36
C LEU A 64 15.99 -1.03 -2.79
N LYS A 65 17.18 -0.45 -2.89
CA LYS A 65 17.42 0.90 -2.39
C LYS A 65 18.42 1.65 -3.28
N PRO A 66 18.43 3.00 -3.25
CA PRO A 66 19.35 3.79 -4.07
C PRO A 66 20.81 3.60 -3.65
N ALA A 67 21.69 4.46 -4.17
CA ALA A 67 23.10 4.39 -3.85
C ALA A 67 23.41 5.07 -2.51
N LYS A 68 23.41 6.40 -2.53
CA LYS A 68 23.69 7.17 -1.32
C LYS A 68 22.88 8.46 -1.31
N SER A 69 21.89 8.53 -0.43
CA SER A 69 21.05 9.71 -0.32
C SER A 69 20.29 9.71 1.01
N ALA A 70 20.92 9.17 2.05
CA ALA A 70 20.29 9.12 3.36
C ALA A 70 21.34 9.31 4.47
N ARG B 1 0.68 14.71 14.30
CA ARG B 1 2.14 14.50 14.28
C ARG B 1 2.50 13.25 13.48
N ASN B 2 1.78 12.17 13.75
CA ASN B 2 2.03 10.90 13.05
C ASN B 2 1.21 10.82 11.77
N CYS B 3 1.90 10.58 10.65
CA CYS B 3 1.23 10.48 9.36
C CYS B 3 0.68 9.08 9.14
N PHE B 4 1.45 8.07 9.55
CA PHE B 4 1.02 6.68 9.39
C PHE B 4 0.17 6.24 10.58
N GLU B 5 -0.91 6.95 10.81
CA GLU B 5 -1.83 6.64 11.90
C GLU B 5 -3.22 6.31 11.37
N SER B 6 -3.67 7.11 10.40
CA SER B 6 -4.97 6.90 9.78
C SER B 6 -4.92 7.22 8.29
N VAL B 7 -6.03 6.97 7.60
CA VAL B 7 -6.11 7.24 6.17
C VAL B 7 -6.22 8.73 5.89
N ALA B 8 -6.84 9.46 6.81
CA ALA B 8 -7.01 10.89 6.66
C ALA B 8 -5.66 11.61 6.74
N ALA B 9 -4.81 11.15 7.65
CA ALA B 9 -3.49 11.75 7.83
C ALA B 9 -2.68 11.70 6.55
N LEU B 10 -2.83 10.60 5.80
CA LEU B 10 -2.10 10.42 4.55
C LEU B 10 -2.39 11.57 3.57
N ARG B 11 -3.65 11.96 3.47
CA ARG B 11 -4.07 13.03 2.57
C ARG B 11 -3.46 14.37 3.00
N ARG B 12 -3.68 14.73 4.27
CA ARG B 12 -3.17 15.98 4.80
C ARG B 12 -1.65 16.03 4.77
N CYS B 13 -1.02 14.94 5.24
CA CYS B 13 0.44 14.86 5.27
C CYS B 13 1.03 15.02 3.87
N MET B 14 0.65 14.13 2.96
CA MET B 14 1.16 14.18 1.60
C MET B 14 0.74 15.46 0.90
N TYR B 15 -0.55 15.75 0.92
CA TYR B 15 -1.07 16.94 0.28
C TYR B 15 -1.15 18.11 1.28
N GLY B 16 0.01 18.63 1.64
CA GLY B 16 0.07 19.74 2.58
C GLY B 16 1.49 20.15 2.93
N GLY A 1 -13.24 5.96 12.36
CA GLY A 1 -14.45 5.60 11.59
C GLY A 1 -14.12 5.00 10.23
N PRO A 2 -14.99 5.18 9.20
CA PRO A 2 -14.74 4.63 7.86
C PRO A 2 -13.57 5.32 7.16
N GLU A 3 -12.52 4.57 6.88
CA GLU A 3 -11.34 5.11 6.22
C GLU A 3 -10.71 4.07 5.30
N THR A 4 -10.78 4.34 4.00
CA THR A 4 -10.21 3.43 3.00
C THR A 4 -9.34 4.19 2.01
N LEU A 5 -8.56 3.46 1.22
CA LEU A 5 -7.68 4.07 0.24
C LEU A 5 -7.99 3.57 -1.18
N CYS A 6 -8.48 4.47 -2.02
CA CYS A 6 -8.82 4.12 -3.40
C CYS A 6 -8.42 5.22 -4.37
N GLY A 7 -8.35 4.89 -5.65
CA GLY A 7 -7.99 5.86 -6.66
C GLY A 7 -6.62 6.46 -6.43
N ALA A 8 -6.50 7.77 -6.67
CA ALA A 8 -5.24 8.48 -6.50
C ALA A 8 -4.70 8.34 -5.08
N GLU A 9 -5.62 8.18 -4.12
CA GLU A 9 -5.22 8.03 -2.72
C GLU A 9 -4.37 6.78 -2.53
N LEU A 10 -4.72 5.71 -3.24
CA LEU A 10 -4.00 4.46 -3.15
C LEU A 10 -2.64 4.58 -3.83
N VAL A 11 -2.62 5.16 -5.02
CA VAL A 11 -1.38 5.34 -5.78
C VAL A 11 -0.50 6.40 -5.14
N ASP A 12 -1.12 7.39 -4.50
CA ASP A 12 -0.39 8.46 -3.85
C ASP A 12 0.42 7.95 -2.66
N ALA A 13 -0.20 7.08 -1.87
CA ALA A 13 0.46 6.53 -0.70
C ALA A 13 1.60 5.59 -1.09
N LEU A 14 1.31 4.68 -2.03
CA LEU A 14 2.32 3.73 -2.49
C LEU A 14 3.52 4.45 -3.10
N GLN A 15 3.24 5.54 -3.81
CA GLN A 15 4.30 6.33 -4.43
C GLN A 15 5.04 7.17 -3.39
N PHE A 16 4.31 7.59 -2.36
CA PHE A 16 4.89 8.40 -1.29
C PHE A 16 5.66 7.52 -0.31
N VAL A 17 5.22 6.29 -0.14
CA VAL A 17 5.86 5.35 0.77
C VAL A 17 7.00 4.61 0.07
N CYS A 18 6.65 3.83 -0.95
CA CYS A 18 7.64 3.06 -1.69
C CYS A 18 8.46 3.96 -2.60
N GLY A 19 7.78 4.77 -3.41
CA GLY A 19 8.46 5.66 -4.31
C GLY A 19 9.21 4.93 -5.41
N ASP A 20 10.54 5.00 -5.37
CA ASP A 20 11.38 4.35 -6.38
C ASP A 20 11.64 2.87 -6.05
N ARG A 21 10.97 2.32 -5.04
CA ARG A 21 11.17 0.91 -4.69
C ARG A 21 10.45 0.00 -5.68
N GLY A 22 9.31 0.46 -6.18
CA GLY A 22 8.55 -0.35 -7.13
C GLY A 22 7.54 -1.24 -6.44
N PHE A 23 6.40 -0.66 -6.08
CA PHE A 23 5.34 -1.40 -5.40
C PHE A 23 4.61 -2.32 -6.36
N TYR A 24 4.03 -3.39 -5.81
CA TYR A 24 3.28 -4.36 -6.60
C TYR A 24 1.93 -4.64 -5.96
N PHE A 25 0.85 -4.37 -6.71
CA PHE A 25 -0.50 -4.59 -6.22
C PHE A 25 -0.72 -6.04 -5.78
N ASN A 26 -0.80 -6.94 -6.76
CA ASN A 26 -1.01 -8.35 -6.48
C ASN A 26 0.11 -8.91 -5.61
N LYS A 27 -0.23 -9.29 -4.38
CA LYS A 27 0.74 -9.85 -3.45
C LYS A 27 0.55 -11.36 -3.31
N PRO A 28 1.66 -12.16 -3.28
CA PRO A 28 1.56 -13.61 -3.15
C PRO A 28 1.11 -14.04 -1.76
N THR A 29 0.54 -15.23 -1.67
CA THR A 29 0.06 -15.76 -0.40
C THR A 29 0.06 -17.28 -0.41
N GLY A 30 0.65 -17.87 0.62
CA GLY A 30 0.70 -19.33 0.71
C GLY A 30 0.85 -19.81 2.14
N TYR A 31 1.80 -19.25 2.85
CA TYR A 31 2.05 -19.63 4.25
C TYR A 31 0.92 -19.12 5.15
N GLY A 32 0.51 -19.95 6.11
CA GLY A 32 -0.54 -19.57 7.02
C GLY A 32 -1.21 -20.76 7.67
N SER A 33 -1.89 -20.52 8.79
CA SER A 33 -2.58 -21.58 9.51
C SER A 33 -3.80 -21.04 10.24
N SER A 34 -3.60 -20.03 11.08
CA SER A 34 -4.68 -19.42 11.83
C SER A 34 -4.38 -17.96 12.14
N SER A 35 -5.35 -17.10 11.87
CA SER A 35 -5.18 -15.67 12.13
C SER A 35 -6.52 -14.94 12.07
N ARG A 36 -6.53 -13.68 12.49
CA ARG A 36 -7.75 -12.87 12.48
C ARG A 36 -8.09 -12.43 11.07
N ARG A 37 -7.11 -11.83 10.39
CA ARG A 37 -7.31 -11.34 9.02
C ARG A 37 -6.20 -11.85 8.11
N ALA A 38 -6.54 -12.77 7.22
CA ALA A 38 -5.57 -13.33 6.28
C ALA A 38 -6.26 -13.96 5.06
N PRO A 39 -7.23 -13.24 4.42
CA PRO A 39 -7.94 -13.77 3.26
C PRO A 39 -7.10 -13.70 1.99
N GLN A 40 -7.65 -14.21 0.88
CA GLN A 40 -6.96 -14.20 -0.39
C GLN A 40 -7.28 -12.93 -1.18
N THR A 41 -6.43 -11.91 -1.02
CA THR A 41 -6.62 -10.65 -1.70
C THR A 41 -5.31 -9.86 -1.76
N GLY A 42 -5.35 -8.70 -2.42
CA GLY A 42 -4.17 -7.87 -2.52
C GLY A 42 -4.25 -6.62 -1.67
N ILE A 43 -4.19 -5.46 -2.30
CA ILE A 43 -4.25 -4.19 -1.58
C ILE A 43 -5.60 -3.52 -1.81
N VAL A 44 -6.09 -3.55 -3.05
CA VAL A 44 -7.37 -2.94 -3.39
C VAL A 44 -8.51 -3.51 -2.56
N ASP A 45 -8.68 -4.83 -2.63
CA ASP A 45 -9.74 -5.50 -1.89
C ASP A 45 -9.48 -5.48 -0.38
N GLU A 46 -8.22 -5.30 0.03
CA GLU A 46 -7.88 -5.29 1.44
C GLU A 46 -7.94 -3.89 2.03
N CYS A 47 -7.76 -2.86 1.18
CA CYS A 47 -7.78 -1.47 1.66
C CYS A 47 -8.99 -0.71 1.13
N CYS A 48 -9.27 -0.84 -0.17
CA CYS A 48 -10.39 -0.14 -0.77
C CYS A 48 -11.71 -0.76 -0.32
N PHE A 49 -11.87 -2.06 -0.59
CA PHE A 49 -13.09 -2.76 -0.21
C PHE A 49 -13.26 -2.78 1.31
N ARG A 50 -12.15 -2.87 2.02
CA ARG A 50 -12.18 -2.89 3.48
C ARG A 50 -11.05 -2.02 4.04
N SER A 51 -11.31 -1.39 5.18
CA SER A 51 -10.33 -0.53 5.82
C SER A 51 -9.07 -1.31 6.17
N CYS A 52 -7.93 -0.63 6.13
CA CYS A 52 -6.65 -1.25 6.44
C CYS A 52 -5.75 -0.30 7.22
N ASP A 53 -4.51 -0.72 7.45
CA ASP A 53 -3.53 0.10 8.16
C ASP A 53 -2.43 0.55 7.22
N LEU A 54 -2.17 1.85 7.21
CA LEU A 54 -1.15 2.44 6.33
C LEU A 54 0.21 1.74 6.45
N ARG A 55 0.44 1.09 7.60
CA ARG A 55 1.70 0.39 7.82
C ARG A 55 1.91 -0.72 6.79
N ARG A 56 0.82 -1.28 6.29
CA ARG A 56 0.89 -2.35 5.30
C ARG A 56 1.51 -1.86 3.99
N LEU A 57 1.34 -0.56 3.70
CA LEU A 57 1.89 0.03 2.49
C LEU A 57 3.40 -0.17 2.39
N GLU A 58 4.06 -0.28 3.53
CA GLU A 58 5.50 -0.47 3.57
C GLU A 58 5.89 -1.86 3.10
N MET A 59 5.00 -2.83 3.32
CA MET A 59 5.25 -4.22 2.93
C MET A 59 5.36 -4.34 1.40
N TYR A 60 4.39 -3.78 0.70
CA TYR A 60 4.37 -3.84 -0.76
C TYR A 60 5.64 -3.22 -1.36
N CYS A 61 6.23 -2.27 -0.65
CA CYS A 61 7.45 -1.61 -1.12
C CYS A 61 8.57 -2.62 -1.31
N ALA A 62 9.27 -2.50 -2.44
CA ALA A 62 10.37 -3.40 -2.76
C ALA A 62 11.56 -3.18 -1.80
N PRO A 63 12.51 -4.13 -1.73
CA PRO A 63 13.67 -4.02 -0.84
C PRO A 63 14.79 -3.16 -1.44
N LEU A 64 14.82 -3.05 -2.77
CA LEU A 64 15.85 -2.26 -3.45
C LEU A 64 15.86 -0.81 -2.97
N LYS A 65 17.05 -0.20 -2.97
CA LYS A 65 17.20 1.18 -2.55
C LYS A 65 18.54 1.75 -3.06
N PRO A 66 18.78 3.07 -2.91
CA PRO A 66 20.02 3.70 -3.36
C PRO A 66 21.20 3.36 -2.46
N ALA A 67 20.91 3.12 -1.19
CA ALA A 67 21.95 2.79 -0.22
C ALA A 67 22.59 1.45 -0.53
N LYS A 68 23.92 1.39 -0.41
CA LYS A 68 24.66 0.16 -0.69
C LYS A 68 25.13 -0.49 0.60
N SER A 69 25.88 -1.58 0.47
CA SER A 69 26.40 -2.30 1.62
C SER A 69 27.78 -1.77 2.02
N ALA A 70 27.89 -1.34 3.27
CA ALA A 70 29.15 -0.80 3.77
C ALA A 70 29.21 -0.90 5.30
N ARG B 1 -1.65 13.11 14.50
CA ARG B 1 -0.30 13.71 14.46
C ARG B 1 0.62 12.98 13.48
N ASN B 2 0.66 11.65 13.61
CA ASN B 2 1.50 10.83 12.74
C ASN B 2 0.86 10.69 11.36
N CYS B 3 1.70 10.63 10.33
CA CYS B 3 1.23 10.51 8.96
C CYS B 3 0.68 9.10 8.70
N PHE B 4 1.27 8.11 9.37
CA PHE B 4 0.83 6.72 9.21
C PHE B 4 -0.11 6.32 10.35
N GLU B 5 -0.89 7.27 10.84
CA GLU B 5 -1.82 7.01 11.92
C GLU B 5 -3.18 6.56 11.36
N SER B 6 -3.58 7.17 10.26
CA SER B 6 -4.85 6.83 9.63
C SER B 6 -4.82 7.19 8.15
N VAL B 7 -5.90 6.84 7.43
CA VAL B 7 -6.00 7.11 6.01
C VAL B 7 -6.11 8.62 5.76
N ALA B 8 -6.70 9.34 6.70
CA ALA B 8 -6.87 10.79 6.58
C ALA B 8 -5.55 11.51 6.78
N ALA B 9 -4.79 11.07 7.78
CA ALA B 9 -3.51 11.69 8.09
C ALA B 9 -2.53 11.56 6.93
N LEU B 10 -2.58 10.42 6.24
CA LEU B 10 -1.69 10.18 5.11
C LEU B 10 -2.03 11.09 3.94
N ARG B 11 -3.32 11.25 3.66
CA ARG B 11 -3.78 12.10 2.56
C ARG B 11 -3.26 13.52 2.68
N ARG B 12 -3.41 14.11 3.86
CA ARG B 12 -2.96 15.49 4.10
C ARG B 12 -1.46 15.63 3.82
N CYS B 13 -0.70 14.58 4.13
CA CYS B 13 0.75 14.60 3.92
C CYS B 13 1.10 14.88 2.45
N MET B 14 0.43 14.16 1.55
CA MET B 14 0.68 14.31 0.11
C MET B 14 0.04 15.59 -0.44
N TYR B 15 -1.24 15.80 -0.13
CA TYR B 15 -1.96 16.97 -0.61
C TYR B 15 -1.40 18.25 0.00
N GLY B 16 -1.25 18.25 1.32
CA GLY B 16 -0.74 19.42 2.01
C GLY B 16 -1.29 19.57 3.40
N GLY A 1 -17.33 7.72 9.70
CA GLY A 1 -17.45 6.64 8.67
C GLY A 1 -16.16 5.85 8.52
N PRO A 2 -16.10 4.85 7.60
CA PRO A 2 -14.89 4.06 7.39
C PRO A 2 -13.80 4.83 6.66
N GLU A 3 -12.54 4.47 6.92
CA GLU A 3 -11.41 5.13 6.30
C GLU A 3 -10.69 4.19 5.32
N THR A 4 -10.96 4.36 4.04
CA THR A 4 -10.35 3.53 3.01
C THR A 4 -9.54 4.37 2.03
N LEU A 5 -8.84 3.71 1.12
CA LEU A 5 -8.02 4.42 0.12
C LEU A 5 -8.13 3.75 -1.25
N CYS A 6 -8.66 4.49 -2.22
CA CYS A 6 -8.81 3.97 -3.57
C CYS A 6 -8.49 5.05 -4.61
N GLY A 7 -8.35 4.64 -5.86
CA GLY A 7 -8.05 5.59 -6.92
C GLY A 7 -6.64 6.14 -6.82
N ALA A 8 -6.46 7.37 -7.29
CA ALA A 8 -5.16 8.02 -7.26
C ALA A 8 -4.63 8.14 -5.84
N GLU A 9 -5.54 8.24 -4.87
CA GLU A 9 -5.14 8.34 -3.47
C GLU A 9 -4.33 7.14 -3.03
N LEU A 10 -4.77 5.94 -3.45
CA LEU A 10 -4.07 4.71 -3.10
C LEU A 10 -2.73 4.64 -3.82
N VAL A 11 -2.72 5.00 -5.09
CA VAL A 11 -1.50 4.97 -5.89
C VAL A 11 -0.53 6.07 -5.45
N ASP A 12 -1.09 7.18 -4.95
CA ASP A 12 -0.27 8.31 -4.50
C ASP A 12 0.49 7.94 -3.23
N ALA A 13 -0.15 7.18 -2.35
CA ALA A 13 0.48 6.77 -1.10
C ALA A 13 1.60 5.76 -1.36
N LEU A 14 1.35 4.80 -2.25
CA LEU A 14 2.34 3.79 -2.60
C LEU A 14 3.59 4.44 -3.16
N GLN A 15 3.40 5.43 -4.02
CA GLN A 15 4.52 6.15 -4.62
C GLN A 15 5.24 6.98 -3.56
N PHE A 16 4.49 7.47 -2.59
CA PHE A 16 5.04 8.28 -1.51
C PHE A 16 5.89 7.41 -0.58
N VAL A 17 5.38 6.24 -0.25
CA VAL A 17 6.06 5.33 0.65
C VAL A 17 7.13 4.51 -0.10
N CYS A 18 6.72 3.88 -1.19
CA CYS A 18 7.63 3.06 -1.99
C CYS A 18 8.44 3.91 -2.96
N GLY A 19 7.76 4.73 -3.74
CA GLY A 19 8.43 5.59 -4.70
C GLY A 19 9.24 4.80 -5.72
N ASP A 20 10.56 4.89 -5.61
CA ASP A 20 11.46 4.20 -6.53
C ASP A 20 11.68 2.73 -6.15
N ARG A 21 10.94 2.22 -5.16
CA ARG A 21 11.10 0.83 -4.74
C ARG A 21 10.42 -0.12 -5.72
N GLY A 22 9.24 0.28 -6.20
CA GLY A 22 8.50 -0.55 -7.13
C GLY A 22 7.47 -1.41 -6.44
N PHE A 23 6.34 -0.80 -6.07
CA PHE A 23 5.27 -1.51 -5.40
C PHE A 23 4.54 -2.47 -6.33
N TYR A 24 3.81 -3.39 -5.74
CA TYR A 24 3.04 -4.38 -6.51
C TYR A 24 1.72 -4.70 -5.83
N PHE A 25 0.72 -5.08 -6.62
CA PHE A 25 -0.60 -5.40 -6.09
C PHE A 25 -0.77 -6.91 -5.90
N ASN A 26 0.31 -7.58 -5.51
CA ASN A 26 0.28 -9.02 -5.30
C ASN A 26 1.62 -9.53 -4.77
N LYS A 27 1.59 -10.23 -3.64
CA LYS A 27 2.79 -10.78 -3.04
C LYS A 27 2.50 -12.09 -2.30
N PRO A 28 3.48 -13.02 -2.23
CA PRO A 28 3.29 -14.30 -1.54
C PRO A 28 3.24 -14.15 -0.03
N THR A 29 2.86 -15.21 0.66
CA THR A 29 2.77 -15.19 2.12
C THR A 29 2.86 -16.61 2.69
N GLY A 30 3.56 -16.75 3.80
CA GLY A 30 3.70 -18.05 4.44
C GLY A 30 2.66 -18.30 5.50
N TYR A 31 2.26 -17.23 6.20
CA TYR A 31 1.26 -17.34 7.25
C TYR A 31 -0.14 -17.37 6.67
N GLY A 32 -0.49 -16.31 5.94
CA GLY A 32 -1.81 -16.24 5.33
C GLY A 32 -1.90 -16.99 4.03
N SER A 33 -1.89 -18.32 4.12
CA SER A 33 -1.97 -19.18 2.94
C SER A 33 -3.09 -20.20 3.07
N SER A 34 -4.20 -19.95 2.39
CA SER A 34 -5.34 -20.85 2.43
C SER A 34 -6.24 -20.66 1.21
N SER A 35 -6.93 -21.72 0.82
CA SER A 35 -7.82 -21.67 -0.33
C SER A 35 -9.29 -21.70 0.11
N ARG A 36 -9.56 -22.41 1.20
CA ARG A 36 -10.91 -22.52 1.72
C ARG A 36 -11.47 -21.14 2.09
N ARG A 37 -10.65 -20.36 2.78
CA ARG A 37 -11.05 -19.02 3.20
C ARG A 37 -11.23 -18.10 1.99
N ALA A 38 -11.37 -16.81 2.23
CA ALA A 38 -11.54 -15.83 1.16
C ALA A 38 -10.39 -15.90 0.14
N PRO A 39 -10.58 -15.40 -1.10
CA PRO A 39 -9.52 -15.42 -2.12
C PRO A 39 -8.36 -14.49 -1.78
N GLN A 40 -7.22 -14.73 -2.40
CA GLN A 40 -6.03 -13.92 -2.17
C GLN A 40 -6.00 -12.73 -3.12
N THR A 41 -5.80 -11.54 -2.56
CA THR A 41 -5.75 -10.32 -3.36
C THR A 41 -4.60 -9.43 -2.91
N GLY A 42 -4.47 -8.26 -3.54
CA GLY A 42 -3.41 -7.34 -3.20
C GLY A 42 -3.81 -6.37 -2.10
N ILE A 43 -3.81 -5.08 -2.42
CA ILE A 43 -4.16 -4.05 -1.46
C ILE A 43 -5.57 -3.50 -1.70
N VAL A 44 -6.05 -3.60 -2.94
CA VAL A 44 -7.39 -3.11 -3.29
C VAL A 44 -8.46 -3.76 -2.43
N ASP A 45 -8.57 -5.07 -2.52
CA ASP A 45 -9.56 -5.80 -1.72
C ASP A 45 -9.26 -5.73 -0.22
N GLU A 46 -8.03 -5.36 0.15
CA GLU A 46 -7.65 -5.28 1.55
C GLU A 46 -7.89 -3.90 2.16
N CYS A 47 -7.76 -2.84 1.36
CA CYS A 47 -7.95 -1.48 1.87
C CYS A 47 -9.11 -0.74 1.19
N CYS A 48 -9.38 -1.07 -0.06
CA CYS A 48 -10.46 -0.43 -0.80
C CYS A 48 -11.81 -1.01 -0.41
N PHE A 49 -11.88 -2.34 -0.37
CA PHE A 49 -13.11 -3.04 0.00
C PHE A 49 -13.35 -2.92 1.50
N ARG A 50 -12.27 -3.00 2.26
CA ARG A 50 -12.33 -2.89 3.72
C ARG A 50 -11.31 -1.87 4.21
N SER A 51 -11.51 -1.34 5.41
CA SER A 51 -10.60 -0.35 5.96
C SER A 51 -9.34 -1.01 6.52
N CYS A 52 -8.18 -0.52 6.08
CA CYS A 52 -6.90 -1.06 6.55
C CYS A 52 -6.03 0.06 7.15
N ASP A 53 -4.72 -0.18 7.24
CA ASP A 53 -3.80 0.81 7.78
C ASP A 53 -2.86 1.31 6.69
N LEU A 54 -2.03 2.29 7.02
CA LEU A 54 -1.09 2.85 6.05
C LEU A 54 0.25 2.13 6.10
N ARG A 55 0.59 1.58 7.26
CA ARG A 55 1.86 0.87 7.43
C ARG A 55 2.01 -0.27 6.41
N ARG A 56 0.88 -0.79 5.92
CA ARG A 56 0.91 -1.87 4.94
C ARG A 56 1.61 -1.42 3.66
N LEU A 57 1.54 -0.12 3.36
CA LEU A 57 2.16 0.44 2.17
C LEU A 57 3.65 0.10 2.10
N GLU A 58 4.30 0.12 3.26
CA GLU A 58 5.73 -0.18 3.33
C GLU A 58 6.03 -1.62 2.93
N MET A 59 5.08 -2.52 3.22
CA MET A 59 5.25 -3.93 2.89
C MET A 59 5.36 -4.14 1.39
N TYR A 60 4.39 -3.62 0.66
CA TYR A 60 4.35 -3.75 -0.80
C TYR A 60 5.62 -3.20 -1.45
N CYS A 61 6.26 -2.24 -0.77
CA CYS A 61 7.49 -1.64 -1.31
C CYS A 61 8.57 -2.70 -1.51
N ALA A 62 9.17 -2.69 -2.70
CA ALA A 62 10.23 -3.65 -3.03
C ALA A 62 11.39 -3.57 -2.04
N PRO A 63 12.34 -4.54 -2.06
CA PRO A 63 13.48 -4.53 -1.14
C PRO A 63 14.61 -3.61 -1.60
N LEU A 64 14.74 -3.45 -2.92
CA LEU A 64 15.78 -2.59 -3.48
C LEU A 64 15.65 -1.16 -2.99
N LYS A 65 16.78 -0.47 -2.88
CA LYS A 65 16.79 0.91 -2.41
C LYS A 65 17.95 1.68 -3.04
N PRO A 66 17.88 3.03 -3.10
CA PRO A 66 18.95 3.85 -3.68
C PRO A 66 20.16 3.96 -2.77
N ALA A 67 21.35 3.78 -3.34
CA ALA A 67 22.59 3.86 -2.57
C ALA A 67 23.78 4.08 -3.48
N LYS A 68 23.93 3.22 -4.47
CA LYS A 68 25.03 3.32 -5.42
C LYS A 68 24.62 2.84 -6.81
N SER A 69 23.97 1.68 -6.85
CA SER A 69 23.52 1.10 -8.11
C SER A 69 22.04 1.45 -8.36
N ALA A 70 21.71 1.65 -9.63
CA ALA A 70 20.34 1.98 -10.02
C ALA A 70 20.01 1.48 -11.42
N ARG B 1 0.80 13.43 15.68
CA ARG B 1 2.25 13.28 15.38
C ARG B 1 2.49 12.24 14.29
N ASN B 2 1.90 11.07 14.47
CA ASN B 2 2.05 9.98 13.50
C ASN B 2 1.14 10.21 12.30
N CYS B 3 1.72 10.21 11.10
CA CYS B 3 0.97 10.42 9.88
C CYS B 3 0.32 9.12 9.39
N PHE B 4 0.89 7.97 9.78
CA PHE B 4 0.35 6.68 9.36
C PHE B 4 -0.58 6.10 10.43
N GLU B 5 -1.35 6.97 11.09
CA GLU B 5 -2.28 6.54 12.12
C GLU B 5 -3.65 6.25 11.52
N SER B 6 -4.01 7.00 10.49
CA SER B 6 -5.28 6.83 9.80
C SER B 6 -5.18 7.25 8.34
N VAL B 7 -6.24 7.03 7.59
CA VAL B 7 -6.25 7.38 6.17
C VAL B 7 -6.36 8.89 5.97
N ALA B 8 -7.00 9.57 6.93
CA ALA B 8 -7.16 11.01 6.86
C ALA B 8 -5.83 11.73 7.06
N ALA B 9 -5.03 11.21 7.99
CA ALA B 9 -3.73 11.80 8.29
C ALA B 9 -2.81 11.75 7.08
N LEU B 10 -2.88 10.66 6.33
CA LEU B 10 -2.04 10.51 5.14
C LEU B 10 -2.31 11.62 4.13
N ARG B 11 -3.58 11.95 3.94
CA ARG B 11 -3.98 13.00 2.99
C ARG B 11 -3.25 14.31 3.27
N ARG B 12 -3.16 14.67 4.55
CA ARG B 12 -2.49 15.91 4.96
C ARG B 12 -1.03 15.91 4.51
N CYS B 13 -0.31 14.84 4.87
CA CYS B 13 1.10 14.73 4.51
C CYS B 13 1.27 14.55 3.01
N MET B 14 0.41 13.73 2.42
CA MET B 14 0.45 13.47 0.98
C MET B 14 0.21 14.74 0.18
N TYR B 15 -0.89 15.43 0.48
CA TYR B 15 -1.22 16.67 -0.21
C TYR B 15 -0.69 17.88 0.54
N GLY B 16 0.63 18.04 0.51
CA GLY B 16 1.24 19.18 1.19
C GLY B 16 2.61 19.51 0.62
N GLY A 1 -17.69 7.22 6.53
CA GLY A 1 -17.63 6.40 7.77
C GLY A 1 -16.32 5.66 7.91
N PRO A 2 -16.11 4.54 7.18
CA PRO A 2 -14.87 3.77 7.27
C PRO A 2 -13.70 4.47 6.58
N GLU A 3 -12.48 4.19 7.07
CA GLU A 3 -11.28 4.79 6.49
C GLU A 3 -10.61 3.84 5.51
N THR A 4 -10.67 4.19 4.23
CA THR A 4 -10.07 3.36 3.19
C THR A 4 -9.30 4.22 2.19
N LEU A 5 -8.49 3.58 1.36
CA LEU A 5 -7.68 4.29 0.37
C LEU A 5 -7.95 3.77 -1.04
N CYS A 6 -8.48 4.65 -1.90
CA CYS A 6 -8.78 4.29 -3.27
C CYS A 6 -8.44 5.44 -4.22
N GLY A 7 -8.30 5.12 -5.50
CA GLY A 7 -7.99 6.14 -6.49
C GLY A 7 -6.58 6.67 -6.36
N ALA A 8 -6.40 7.95 -6.70
CA ALA A 8 -5.09 8.60 -6.62
C ALA A 8 -4.52 8.53 -5.22
N GLU A 9 -5.40 8.53 -4.22
CA GLU A 9 -4.96 8.47 -2.83
C GLU A 9 -4.19 7.18 -2.56
N LEU A 10 -4.66 6.09 -3.14
CA LEU A 10 -4.00 4.79 -2.98
C LEU A 10 -2.66 4.78 -3.68
N VAL A 11 -2.63 5.32 -4.90
CA VAL A 11 -1.41 5.37 -5.68
C VAL A 11 -0.43 6.40 -5.12
N ASP A 12 -0.97 7.46 -4.51
CA ASP A 12 -0.16 8.51 -3.93
C ASP A 12 0.55 8.02 -2.67
N ALA A 13 -0.09 7.09 -1.96
CA ALA A 13 0.49 6.53 -0.73
C ALA A 13 1.63 5.58 -1.07
N LEU A 14 1.39 4.68 -2.03
CA LEU A 14 2.39 3.72 -2.44
C LEU A 14 3.63 4.42 -2.98
N GLN A 15 3.42 5.36 -3.88
CA GLN A 15 4.52 6.12 -4.47
C GLN A 15 5.23 6.96 -3.40
N PHE A 16 4.49 7.38 -2.38
CA PHE A 16 5.05 8.18 -1.31
C PHE A 16 5.81 7.29 -0.31
N VAL A 17 5.30 6.09 -0.09
CA VAL A 17 5.92 5.15 0.85
C VAL A 17 7.04 4.36 0.17
N CYS A 18 6.68 3.66 -0.91
CA CYS A 18 7.65 2.85 -1.64
C CYS A 18 8.55 3.72 -2.53
N GLY A 19 7.92 4.56 -3.34
CA GLY A 19 8.68 5.42 -4.23
C GLY A 19 9.40 4.66 -5.32
N ASP A 20 10.73 4.70 -5.28
CA ASP A 20 11.54 4.00 -6.28
C ASP A 20 11.73 2.51 -5.96
N ARG A 21 11.04 2.00 -4.93
CA ARG A 21 11.17 0.59 -4.57
C ARG A 21 10.43 -0.30 -5.55
N GLY A 22 9.32 0.21 -6.10
CA GLY A 22 8.54 -0.56 -7.05
C GLY A 22 7.48 -1.41 -6.36
N PHE A 23 6.34 -0.79 -6.07
CA PHE A 23 5.25 -1.49 -5.40
C PHE A 23 4.48 -2.38 -6.36
N TYR A 24 3.80 -3.38 -5.82
CA TYR A 24 3.03 -4.32 -6.63
C TYR A 24 1.65 -4.55 -6.01
N PHE A 25 0.61 -4.44 -6.84
CA PHE A 25 -0.76 -4.64 -6.36
C PHE A 25 -1.01 -6.08 -5.95
N ASN A 26 -0.68 -7.01 -6.84
CA ASN A 26 -0.86 -8.43 -6.57
C ASN A 26 0.22 -8.95 -5.63
N LYS A 27 -0.21 -9.39 -4.44
CA LYS A 27 0.72 -9.91 -3.43
C LYS A 27 0.50 -11.42 -3.23
N PRO A 28 1.31 -12.29 -3.90
CA PRO A 28 1.17 -13.74 -3.75
C PRO A 28 1.64 -14.24 -2.40
N THR A 29 1.39 -15.51 -2.11
CA THR A 29 1.79 -16.11 -0.84
C THR A 29 2.00 -17.61 -0.99
N GLY A 30 0.99 -18.31 -1.51
CA GLY A 30 1.09 -19.74 -1.69
C GLY A 30 2.22 -20.13 -2.62
N TYR A 31 2.94 -21.19 -2.28
CA TYR A 31 4.06 -21.67 -3.08
C TYR A 31 3.60 -22.76 -4.04
N GLY A 32 4.56 -23.43 -4.67
CA GLY A 32 4.24 -24.49 -5.61
C GLY A 32 4.33 -25.86 -4.99
N SER A 33 3.28 -26.23 -4.23
CA SER A 33 3.25 -27.53 -3.58
C SER A 33 1.81 -28.03 -3.45
N SER A 34 0.92 -27.16 -2.99
CA SER A 34 -0.48 -27.52 -2.83
C SER A 34 -1.17 -27.64 -4.19
N SER A 35 -2.45 -28.04 -4.17
CA SER A 35 -3.22 -28.19 -5.39
C SER A 35 -3.69 -26.85 -5.92
N ARG A 36 -4.36 -26.86 -7.07
CA ARG A 36 -4.86 -25.63 -7.70
C ARG A 36 -5.73 -24.81 -6.74
N ARG A 37 -5.10 -23.93 -5.98
CA ARG A 37 -5.80 -23.08 -5.03
C ARG A 37 -4.99 -21.85 -4.67
N ALA A 38 -5.56 -20.67 -4.90
CA ALA A 38 -4.88 -19.42 -4.60
C ALA A 38 -5.89 -18.34 -4.19
N PRO A 39 -5.60 -17.55 -3.12
CA PRO A 39 -6.50 -16.51 -2.65
C PRO A 39 -6.38 -15.23 -3.48
N GLN A 40 -7.43 -14.90 -4.21
CA GLN A 40 -7.45 -13.71 -5.04
C GLN A 40 -7.68 -12.46 -4.20
N THR A 41 -6.62 -11.70 -3.96
CA THR A 41 -6.72 -10.48 -3.17
C THR A 41 -5.37 -9.75 -3.12
N GLY A 42 -5.42 -8.43 -2.99
CA GLY A 42 -4.21 -7.65 -2.93
C GLY A 42 -4.35 -6.42 -2.05
N ILE A 43 -3.98 -5.26 -2.60
CA ILE A 43 -4.08 -4.02 -1.85
C ILE A 43 -5.46 -3.39 -1.99
N VAL A 44 -5.99 -3.40 -3.20
CA VAL A 44 -7.31 -2.83 -3.47
C VAL A 44 -8.38 -3.51 -2.64
N ASP A 45 -8.43 -4.83 -2.70
CA ASP A 45 -9.43 -5.60 -1.96
C ASP A 45 -9.14 -5.56 -0.45
N GLU A 46 -7.89 -5.34 -0.07
CA GLU A 46 -7.51 -5.31 1.35
C GLU A 46 -7.62 -3.90 1.94
N CYS A 47 -7.53 -2.88 1.09
CA CYS A 47 -7.59 -1.49 1.57
C CYS A 47 -8.82 -0.75 1.05
N CYS A 48 -9.11 -0.90 -0.24
CA CYS A 48 -10.26 -0.21 -0.83
C CYS A 48 -11.57 -0.89 -0.42
N PHE A 49 -11.63 -2.20 -0.56
CA PHE A 49 -12.82 -2.96 -0.21
C PHE A 49 -12.97 -3.03 1.31
N ARG A 50 -11.84 -3.09 2.01
CA ARG A 50 -11.85 -3.14 3.46
C ARG A 50 -10.81 -2.19 4.03
N SER A 51 -11.08 -1.66 5.22
CA SER A 51 -10.18 -0.73 5.87
C SER A 51 -8.87 -1.43 6.27
N CYS A 52 -7.75 -0.75 6.02
CA CYS A 52 -6.44 -1.31 6.34
C CYS A 52 -5.59 -0.31 7.12
N ASP A 53 -4.33 -0.65 7.31
CA ASP A 53 -3.39 0.22 8.03
C ASP A 53 -2.29 0.69 7.08
N LEU A 54 -1.91 1.95 7.19
CA LEU A 54 -0.87 2.52 6.34
C LEU A 54 0.44 1.77 6.46
N ARG A 55 0.68 1.17 7.63
CA ARG A 55 1.90 0.42 7.86
C ARG A 55 2.05 -0.73 6.86
N ARG A 56 0.91 -1.25 6.39
CA ARG A 56 0.92 -2.34 5.43
C ARG A 56 1.51 -1.90 4.08
N LEU A 57 1.38 -0.61 3.77
CA LEU A 57 1.89 -0.06 2.51
C LEU A 57 3.39 -0.33 2.36
N GLU A 58 4.09 -0.41 3.50
CA GLU A 58 5.53 -0.66 3.49
C GLU A 58 5.84 -2.08 3.02
N MET A 59 4.93 -3.00 3.32
CA MET A 59 5.11 -4.41 2.93
C MET A 59 5.18 -4.55 1.42
N TYR A 60 4.24 -3.91 0.72
CA TYR A 60 4.20 -3.97 -0.73
C TYR A 60 5.48 -3.43 -1.35
N CYS A 61 6.12 -2.49 -0.66
CA CYS A 61 7.36 -1.88 -1.14
C CYS A 61 8.44 -2.95 -1.34
N ALA A 62 9.11 -2.91 -2.48
CA ALA A 62 10.16 -3.86 -2.80
C ALA A 62 11.33 -3.73 -1.81
N PRO A 63 12.21 -4.76 -1.71
CA PRO A 63 13.35 -4.71 -0.79
C PRO A 63 14.50 -3.86 -1.32
N LEU A 64 14.59 -3.75 -2.64
CA LEU A 64 15.65 -2.95 -3.27
C LEU A 64 15.58 -1.49 -2.82
N LYS A 65 16.68 -0.78 -3.00
CA LYS A 65 16.76 0.63 -2.61
C LYS A 65 17.53 1.44 -3.65
N PRO A 66 17.32 2.78 -3.73
CA PRO A 66 18.02 3.61 -4.71
C PRO A 66 19.47 3.85 -4.33
N ALA A 67 20.36 3.67 -5.30
CA ALA A 67 21.79 3.85 -5.08
C ALA A 67 22.27 5.19 -5.63
N LYS A 68 21.99 5.43 -6.91
CA LYS A 68 22.39 6.67 -7.57
C LYS A 68 21.23 7.65 -7.63
N SER A 69 20.35 7.59 -6.63
CA SER A 69 19.19 8.47 -6.57
C SER A 69 18.92 8.91 -5.13
N ALA A 70 19.98 9.05 -4.35
CA ALA A 70 19.86 9.46 -2.96
C ALA A 70 21.07 10.27 -2.52
N ARG B 1 0.96 15.36 12.79
CA ARG B 1 2.39 14.98 12.73
C ARG B 1 2.57 13.57 12.17
N ASN B 2 1.81 12.63 12.70
CA ASN B 2 1.88 11.25 12.25
C ASN B 2 1.05 11.03 10.99
N CYS B 3 1.74 10.80 9.87
CA CYS B 3 1.06 10.58 8.60
C CYS B 3 0.60 9.13 8.45
N PHE B 4 1.30 8.22 9.10
CA PHE B 4 0.97 6.80 9.03
C PHE B 4 0.15 6.37 10.26
N GLU B 5 -0.67 7.29 10.76
CA GLU B 5 -1.50 7.01 11.92
C GLU B 5 -2.91 6.60 11.50
N SER B 6 -3.37 7.20 10.39
CA SER B 6 -4.69 6.90 9.86
C SER B 6 -4.72 7.18 8.36
N VAL B 7 -5.84 6.86 7.72
CA VAL B 7 -5.99 7.09 6.29
C VAL B 7 -6.24 8.56 5.98
N ALA B 8 -6.90 9.25 6.91
CA ALA B 8 -7.20 10.66 6.74
C ALA B 8 -5.92 11.49 6.74
N ALA B 9 -4.98 11.12 7.60
CA ALA B 9 -3.70 11.82 7.71
C ALA B 9 -2.94 11.79 6.39
N LEU B 10 -3.03 10.67 5.68
CA LEU B 10 -2.35 10.50 4.39
C LEU B 10 -2.77 11.59 3.40
N ARG B 11 -4.07 11.85 3.32
CA ARG B 11 -4.59 12.87 2.41
C ARG B 11 -4.10 14.25 2.81
N ARG B 12 -4.27 14.60 4.08
CA ARG B 12 -3.84 15.90 4.58
C ARG B 12 -2.33 16.08 4.42
N CYS B 13 -1.60 14.99 4.66
CA CYS B 13 -0.14 15.03 4.55
C CYS B 13 0.29 15.32 3.11
N MET B 14 -0.13 14.46 2.19
CA MET B 14 0.21 14.62 0.78
C MET B 14 -0.35 15.94 0.23
N TYR B 15 -1.64 16.15 0.45
CA TYR B 15 -2.30 17.36 -0.03
C TYR B 15 -2.16 18.50 1.00
N GLY B 16 -0.93 19.02 1.11
CA GLY B 16 -0.68 20.09 2.05
C GLY B 16 0.47 20.99 1.60
N GLY A 1 -19.38 5.39 4.90
CA GLY A 1 -18.18 4.60 4.55
C GLY A 1 -17.00 4.89 5.47
N PRO A 2 -16.22 3.86 5.89
CA PRO A 2 -15.06 4.07 6.76
C PRO A 2 -13.87 4.67 6.03
N GLU A 3 -12.72 4.69 6.70
CA GLU A 3 -11.50 5.23 6.10
C GLU A 3 -10.82 4.21 5.20
N THR A 4 -11.00 4.38 3.89
CA THR A 4 -10.41 3.48 2.91
C THR A 4 -9.46 4.23 1.98
N LEU A 5 -8.77 3.50 1.11
CA LEU A 5 -7.84 4.11 0.18
C LEU A 5 -8.02 3.54 -1.23
N CYS A 6 -8.60 4.34 -2.11
CA CYS A 6 -8.83 3.93 -3.49
C CYS A 6 -8.54 5.08 -4.46
N GLY A 7 -8.37 4.74 -5.73
CA GLY A 7 -8.09 5.75 -6.73
C GLY A 7 -6.72 6.36 -6.58
N ALA A 8 -6.62 7.65 -6.85
CA ALA A 8 -5.35 8.36 -6.75
C ALA A 8 -4.78 8.29 -5.33
N GLU A 9 -5.68 8.22 -4.35
CA GLU A 9 -5.26 8.15 -2.95
C GLU A 9 -4.42 6.91 -2.69
N LEU A 10 -4.83 5.78 -3.28
CA LEU A 10 -4.10 4.53 -3.11
C LEU A 10 -2.76 4.57 -3.85
N VAL A 11 -2.78 5.11 -5.06
CA VAL A 11 -1.57 5.21 -5.87
C VAL A 11 -0.62 6.28 -5.32
N ASP A 12 -1.19 7.34 -4.76
CA ASP A 12 -0.41 8.43 -4.19
C ASP A 12 0.31 7.99 -2.91
N ALA A 13 -0.32 7.06 -2.19
CA ALA A 13 0.26 6.56 -0.95
C ALA A 13 1.44 5.63 -1.24
N LEU A 14 1.24 4.70 -2.16
CA LEU A 14 2.29 3.76 -2.53
C LEU A 14 3.48 4.48 -3.12
N GLN A 15 3.23 5.36 -4.08
CA GLN A 15 4.29 6.12 -4.72
C GLN A 15 5.01 7.00 -3.70
N PHE A 16 4.26 7.46 -2.70
CA PHE A 16 4.82 8.32 -1.66
C PHE A 16 5.63 7.50 -0.65
N VAL A 17 5.16 6.28 -0.38
CA VAL A 17 5.84 5.40 0.56
C VAL A 17 6.94 4.62 -0.13
N CYS A 18 6.55 3.73 -1.04
CA CYS A 18 7.51 2.91 -1.78
C CYS A 18 8.28 3.76 -2.80
N GLY A 19 7.55 4.50 -3.62
CA GLY A 19 8.18 5.34 -4.61
C GLY A 19 9.07 4.57 -5.58
N ASP A 20 10.32 4.99 -5.69
CA ASP A 20 11.29 4.34 -6.59
C ASP A 20 11.43 2.86 -6.27
N ARG A 21 11.14 2.47 -5.03
CA ARG A 21 11.26 1.06 -4.62
C ARG A 21 10.44 0.14 -5.52
N GLY A 22 9.39 0.68 -6.13
CA GLY A 22 8.55 -0.13 -7.00
C GLY A 22 7.55 -0.97 -6.22
N PHE A 23 6.35 -0.44 -6.05
CA PHE A 23 5.31 -1.14 -5.30
C PHE A 23 4.56 -2.13 -6.18
N TYR A 24 4.04 -3.18 -5.56
CA TYR A 24 3.30 -4.21 -6.28
C TYR A 24 1.99 -4.51 -5.56
N PHE A 25 0.89 -4.59 -6.32
CA PHE A 25 -0.42 -4.86 -5.76
C PHE A 25 -0.53 -6.30 -5.27
N ASN A 26 -0.47 -7.24 -6.21
CA ASN A 26 -0.56 -8.66 -5.87
C ASN A 26 0.67 -9.12 -5.10
N LYS A 27 0.44 -9.77 -3.95
CA LYS A 27 1.52 -10.27 -3.12
C LYS A 27 1.70 -11.77 -3.32
N PRO A 28 2.90 -12.33 -3.02
CA PRO A 28 3.16 -13.76 -3.18
C PRO A 28 2.21 -14.61 -2.35
N THR A 29 1.82 -15.76 -2.89
CA THR A 29 0.91 -16.67 -2.19
C THR A 29 1.68 -17.62 -1.28
N GLY A 30 2.79 -18.15 -1.79
CA GLY A 30 3.59 -19.06 -1.01
C GLY A 30 4.84 -19.52 -1.74
N TYR A 31 5.55 -20.48 -1.16
CA TYR A 31 6.77 -21.00 -1.77
C TYR A 31 6.49 -22.28 -2.54
N GLY A 32 5.94 -23.27 -1.86
CA GLY A 32 5.64 -24.54 -2.51
C GLY A 32 4.45 -24.44 -3.44
N SER A 33 4.68 -23.95 -4.64
CA SER A 33 3.62 -23.81 -5.64
C SER A 33 4.17 -23.94 -7.05
N SER A 34 3.76 -24.99 -7.75
CA SER A 34 4.22 -25.23 -9.10
C SER A 34 3.14 -24.85 -10.12
N SER A 35 1.89 -25.15 -9.79
CA SER A 35 0.78 -24.84 -10.67
C SER A 35 0.40 -23.37 -10.58
N ARG A 36 0.63 -22.63 -11.65
CA ARG A 36 0.32 -21.20 -11.69
C ARG A 36 -1.16 -20.98 -11.98
N ARG A 37 -1.65 -19.79 -11.64
CA ARG A 37 -3.06 -19.44 -11.85
C ARG A 37 -3.21 -17.94 -12.08
N ALA A 38 -4.45 -17.50 -12.25
CA ALA A 38 -4.73 -16.08 -12.49
C ALA A 38 -5.56 -15.48 -11.34
N PRO A 39 -4.94 -15.24 -10.15
CA PRO A 39 -5.66 -14.67 -9.01
C PRO A 39 -5.79 -13.15 -9.12
N GLN A 40 -6.58 -12.57 -8.23
CA GLN A 40 -6.79 -11.13 -8.22
C GLN A 40 -7.27 -10.65 -6.84
N THR A 41 -6.32 -10.24 -6.00
CA THR A 41 -6.65 -9.76 -4.66
C THR A 41 -5.39 -9.30 -3.93
N GLY A 42 -5.41 -8.05 -3.45
CA GLY A 42 -4.27 -7.51 -2.74
C GLY A 42 -4.62 -6.29 -1.92
N ILE A 43 -3.85 -5.21 -2.11
CA ILE A 43 -4.09 -3.97 -1.38
C ILE A 43 -5.50 -3.43 -1.64
N VAL A 44 -5.99 -3.64 -2.86
CA VAL A 44 -7.31 -3.17 -3.23
C VAL A 44 -8.39 -3.89 -2.43
N ASP A 45 -8.47 -5.21 -2.61
CA ASP A 45 -9.47 -6.01 -1.90
C ASP A 45 -9.25 -5.99 -0.39
N GLU A 46 -8.03 -5.71 0.04
CA GLU A 46 -7.71 -5.69 1.47
C GLU A 46 -7.89 -4.30 2.08
N CYS A 47 -7.65 -3.25 1.29
CA CYS A 47 -7.79 -1.88 1.80
C CYS A 47 -8.98 -1.15 1.19
N CYS A 48 -9.10 -1.20 -0.13
CA CYS A 48 -10.20 -0.51 -0.81
C CYS A 48 -11.54 -1.09 -0.40
N PHE A 49 -11.67 -2.42 -0.49
CA PHE A 49 -12.91 -3.09 -0.11
C PHE A 49 -13.16 -2.93 1.39
N ARG A 50 -12.14 -3.24 2.19
CA ARG A 50 -12.24 -3.10 3.63
C ARG A 50 -11.13 -2.21 4.17
N SER A 51 -11.46 -1.40 5.16
CA SER A 51 -10.49 -0.47 5.75
C SER A 51 -9.26 -1.21 6.28
N CYS A 52 -8.07 -0.70 5.91
CA CYS A 52 -6.81 -1.31 6.35
C CYS A 52 -5.94 -0.28 7.08
N ASP A 53 -4.66 -0.60 7.23
CA ASP A 53 -3.71 0.30 7.90
C ASP A 53 -2.62 0.74 6.92
N LEU A 54 -2.32 2.03 6.92
CA LEU A 54 -1.31 2.58 6.02
C LEU A 54 0.04 1.88 6.16
N ARG A 55 0.30 1.34 7.35
CA ARG A 55 1.56 0.63 7.61
C ARG A 55 1.76 -0.52 6.63
N ARG A 56 0.67 -1.08 6.11
CA ARG A 56 0.75 -2.19 5.17
C ARG A 56 1.43 -1.77 3.86
N LEU A 57 1.33 -0.48 3.53
CA LEU A 57 1.93 0.05 2.31
C LEU A 57 3.43 -0.26 2.24
N GLU A 58 4.06 -0.31 3.41
CA GLU A 58 5.50 -0.57 3.50
C GLU A 58 5.83 -2.00 3.08
N MET A 59 4.90 -2.92 3.31
CA MET A 59 5.11 -4.32 2.95
C MET A 59 5.20 -4.51 1.44
N TYR A 60 4.38 -3.77 0.70
CA TYR A 60 4.35 -3.87 -0.75
C TYR A 60 5.61 -3.29 -1.38
N CYS A 61 6.27 -2.36 -0.69
CA CYS A 61 7.49 -1.75 -1.21
C CYS A 61 8.60 -2.78 -1.34
N ALA A 62 9.34 -2.71 -2.45
CA ALA A 62 10.44 -3.63 -2.71
C ALA A 62 11.56 -3.45 -1.68
N PRO A 63 12.60 -4.31 -1.69
CA PRO A 63 13.71 -4.20 -0.74
C PRO A 63 14.76 -3.20 -1.18
N LEU A 64 14.88 -2.99 -2.49
CA LEU A 64 15.85 -2.05 -3.05
C LEU A 64 15.62 -0.64 -2.51
N LYS A 65 16.52 0.27 -2.85
CA LYS A 65 16.44 1.65 -2.41
C LYS A 65 16.76 2.61 -3.56
N PRO A 66 16.38 3.91 -3.46
CA PRO A 66 16.65 4.88 -4.51
C PRO A 66 18.07 5.46 -4.42
N ALA A 67 18.76 5.51 -5.54
CA ALA A 67 20.11 6.03 -5.59
C ALA A 67 20.12 7.56 -5.47
N LYS A 68 21.22 8.11 -4.99
CA LYS A 68 21.36 9.55 -4.82
C LYS A 68 22.75 9.91 -4.31
N SER A 69 23.64 10.25 -5.23
CA SER A 69 25.01 10.62 -4.87
C SER A 69 25.06 12.05 -4.33
N ALA A 70 25.93 12.26 -3.35
CA ALA A 70 26.08 13.58 -2.74
C ALA A 70 27.41 13.71 -2.03
N ARG B 1 4.48 14.72 13.89
CA ARG B 1 3.22 14.43 13.15
C ARG B 1 3.26 13.03 12.55
N ASN B 2 2.46 12.13 13.13
CA ASN B 2 2.39 10.75 12.65
C ASN B 2 1.53 10.66 11.40
N CYS B 3 2.14 10.28 10.28
CA CYS B 3 1.44 10.16 9.02
C CYS B 3 0.73 8.80 8.91
N PHE B 4 1.41 7.75 9.34
CA PHE B 4 0.84 6.41 9.30
C PHE B 4 -0.07 6.16 10.50
N GLU B 5 -1.15 6.95 10.58
CA GLU B 5 -2.12 6.82 11.66
C GLU B 5 -3.50 6.52 11.11
N SER B 6 -3.88 7.22 10.05
CA SER B 6 -5.17 7.03 9.42
C SER B 6 -5.08 7.33 7.93
N VAL B 7 -6.18 7.09 7.21
CA VAL B 7 -6.22 7.36 5.77
C VAL B 7 -6.23 8.85 5.49
N ALA B 8 -6.90 9.61 6.36
CA ALA B 8 -6.99 11.06 6.21
C ALA B 8 -5.67 11.72 6.56
N ALA B 9 -5.02 11.23 7.61
CA ALA B 9 -3.75 11.79 8.06
C ALA B 9 -2.70 11.74 6.96
N LEU B 10 -2.65 10.63 6.24
CA LEU B 10 -1.68 10.47 5.16
C LEU B 10 -1.89 11.54 4.09
N ARG B 11 -3.15 11.79 3.74
CA ARG B 11 -3.48 12.78 2.73
C ARG B 11 -3.01 14.17 3.15
N ARG B 12 -3.21 14.50 4.42
CA ARG B 12 -2.80 15.80 4.95
C ARG B 12 -1.29 15.96 4.89
N CYS B 13 -0.57 14.87 5.11
CA CYS B 13 0.88 14.89 5.08
C CYS B 13 1.40 15.32 3.71
N MET B 14 0.85 14.72 2.66
CA MET B 14 1.24 15.04 1.30
C MET B 14 0.65 16.38 0.86
N TYR B 15 -0.66 16.53 1.03
CA TYR B 15 -1.34 17.76 0.65
C TYR B 15 -1.21 18.82 1.75
N GLY B 16 0.00 19.35 1.90
CA GLY B 16 0.25 20.36 2.93
C GLY B 16 -0.20 21.74 2.49
N GLY A 1 -19.24 8.69 5.02
CA GLY A 1 -17.85 8.86 4.50
C GLY A 1 -16.84 8.00 5.24
N PRO A 2 -16.70 6.70 4.87
CA PRO A 2 -15.74 5.81 5.53
C PRO A 2 -14.29 6.16 5.20
N GLU A 3 -13.35 5.50 5.88
CA GLU A 3 -11.94 5.75 5.66
C GLU A 3 -11.31 4.62 4.85
N THR A 4 -11.17 4.84 3.55
CA THR A 4 -10.58 3.85 2.66
C THR A 4 -9.57 4.49 1.73
N LEU A 5 -8.98 3.69 0.84
CA LEU A 5 -8.00 4.20 -0.10
C LEU A 5 -8.20 3.62 -1.50
N CYS A 6 -8.69 4.45 -2.41
CA CYS A 6 -8.93 4.01 -3.78
C CYS A 6 -8.54 5.09 -4.79
N GLY A 7 -8.26 4.69 -6.02
CA GLY A 7 -7.88 5.63 -7.04
C GLY A 7 -6.51 6.23 -6.83
N ALA A 8 -6.36 7.51 -7.15
CA ALA A 8 -5.09 8.22 -6.98
C ALA A 8 -4.61 8.16 -5.54
N GLU A 9 -5.53 8.07 -4.59
CA GLU A 9 -5.19 8.01 -3.18
C GLU A 9 -4.32 6.80 -2.88
N LEU A 10 -4.66 5.66 -3.50
CA LEU A 10 -3.92 4.43 -3.31
C LEU A 10 -2.56 4.51 -4.00
N VAL A 11 -2.55 5.01 -5.23
CA VAL A 11 -1.32 5.13 -6.00
C VAL A 11 -0.42 6.23 -5.43
N ASP A 12 -1.04 7.24 -4.83
CA ASP A 12 -0.29 8.35 -4.24
C ASP A 12 0.48 7.90 -3.00
N ALA A 13 -0.17 7.07 -2.17
CA ALA A 13 0.46 6.57 -0.96
C ALA A 13 1.65 5.67 -1.28
N LEU A 14 1.44 4.72 -2.19
CA LEU A 14 2.50 3.79 -2.59
C LEU A 14 3.69 4.55 -3.18
N GLN A 15 3.41 5.49 -4.06
CA GLN A 15 4.45 6.29 -4.69
C GLN A 15 5.14 7.18 -3.67
N PHE A 16 4.40 7.62 -2.67
CA PHE A 16 4.93 8.47 -1.62
C PHE A 16 5.76 7.66 -0.63
N VAL A 17 5.38 6.40 -0.42
CA VAL A 17 6.08 5.52 0.50
C VAL A 17 7.20 4.76 -0.24
N CYS A 18 6.81 3.87 -1.13
CA CYS A 18 7.77 3.07 -1.89
C CYS A 18 8.52 3.94 -2.90
N GLY A 19 7.77 4.68 -3.71
CA GLY A 19 8.39 5.54 -4.71
C GLY A 19 9.00 4.75 -5.86
N ASP A 20 10.31 4.84 -6.00
CA ASP A 20 11.03 4.14 -7.07
C ASP A 20 11.36 2.68 -6.71
N ARG A 21 10.85 2.18 -5.58
CA ARG A 21 11.12 0.81 -5.17
C ARG A 21 10.43 -0.19 -6.10
N GLY A 22 9.28 0.22 -6.64
CA GLY A 22 8.54 -0.65 -7.53
C GLY A 22 7.51 -1.48 -6.78
N PHE A 23 6.58 -0.80 -6.14
CA PHE A 23 5.54 -1.47 -5.36
C PHE A 23 4.73 -2.45 -6.21
N TYR A 24 4.15 -3.44 -5.54
CA TYR A 24 3.34 -4.45 -6.22
C TYR A 24 2.07 -4.71 -5.42
N PHE A 25 0.99 -5.05 -6.13
CA PHE A 25 -0.28 -5.31 -5.47
C PHE A 25 -0.32 -6.71 -4.87
N ASN A 26 -0.09 -7.72 -5.70
CA ASN A 26 -0.10 -9.11 -5.24
C ASN A 26 1.29 -9.52 -4.75
N LYS A 27 1.36 -9.94 -3.49
CA LYS A 27 2.62 -10.37 -2.90
C LYS A 27 2.41 -11.56 -1.95
N PRO A 28 3.36 -12.53 -1.90
CA PRO A 28 3.22 -13.69 -1.02
C PRO A 28 3.46 -13.35 0.44
N THR A 29 2.51 -13.72 1.30
CA THR A 29 2.63 -13.45 2.73
C THR A 29 2.80 -14.75 3.51
N GLY A 30 2.14 -15.80 3.05
CA GLY A 30 2.23 -17.08 3.72
C GLY A 30 1.16 -18.05 3.27
N TYR A 31 1.49 -18.85 2.25
CA TYR A 31 0.54 -19.83 1.70
C TYR A 31 0.63 -21.14 2.48
N GLY A 32 -0.50 -21.57 3.02
CA GLY A 32 -0.54 -22.82 3.78
C GLY A 32 -1.85 -23.02 4.51
N SER A 33 -2.94 -23.09 3.74
CA SER A 33 -4.27 -23.28 4.31
C SER A 33 -5.17 -24.04 3.34
N SER A 34 -5.29 -23.52 2.13
CA SER A 34 -6.13 -24.14 1.10
C SER A 34 -5.55 -23.91 -0.29
N SER A 35 -5.19 -25.00 -0.97
CA SER A 35 -4.63 -24.91 -2.31
C SER A 35 -5.65 -25.34 -3.36
N ARG A 36 -6.92 -25.11 -3.07
CA ARG A 36 -8.00 -25.47 -3.99
C ARG A 36 -8.13 -24.43 -5.10
N ARG A 37 -7.99 -23.17 -4.74
CA ARG A 37 -8.10 -22.08 -5.69
C ARG A 37 -7.22 -20.90 -5.28
N ALA A 38 -6.83 -20.09 -6.26
CA ALA A 38 -5.99 -18.93 -6.00
C ALA A 38 -6.81 -17.64 -5.89
N PRO A 39 -7.11 -17.17 -4.66
CA PRO A 39 -7.90 -15.95 -4.46
C PRO A 39 -7.08 -14.69 -4.75
N GLN A 40 -7.75 -13.68 -5.31
CA GLN A 40 -7.09 -12.42 -5.62
C GLN A 40 -7.32 -11.39 -4.53
N THR A 41 -6.29 -11.15 -3.71
CA THR A 41 -6.39 -10.18 -2.63
C THR A 41 -5.04 -9.52 -2.37
N GLY A 42 -5.06 -8.22 -2.13
CA GLY A 42 -3.84 -7.49 -1.86
C GLY A 42 -4.08 -6.22 -1.06
N ILE A 43 -4.01 -5.08 -1.73
CA ILE A 43 -4.22 -3.79 -1.08
C ILE A 43 -5.58 -3.21 -1.44
N VAL A 44 -6.05 -3.52 -2.65
CA VAL A 44 -7.34 -3.03 -3.11
C VAL A 44 -8.48 -3.61 -2.29
N ASP A 45 -8.67 -4.93 -2.38
CA ASP A 45 -9.71 -5.60 -1.64
C ASP A 45 -9.52 -5.49 -0.13
N GLU A 46 -8.27 -5.25 0.31
CA GLU A 46 -7.97 -5.14 1.73
C GLU A 46 -8.09 -3.70 2.24
N CYS A 47 -7.81 -2.73 1.38
CA CYS A 47 -7.88 -1.32 1.76
C CYS A 47 -9.05 -0.59 1.11
N CYS A 48 -9.16 -0.70 -0.21
CA CYS A 48 -10.25 -0.04 -0.93
C CYS A 48 -11.61 -0.54 -0.45
N PHE A 49 -11.81 -1.86 -0.52
CA PHE A 49 -13.06 -2.45 -0.08
C PHE A 49 -13.29 -2.18 1.40
N ARG A 50 -12.30 -2.57 2.22
CA ARG A 50 -12.37 -2.35 3.67
C ARG A 50 -11.17 -1.54 4.12
N SER A 51 -11.37 -0.71 5.14
CA SER A 51 -10.28 0.13 5.65
C SER A 51 -9.10 -0.71 6.12
N CYS A 52 -7.89 -0.30 5.73
CA CYS A 52 -6.67 -1.00 6.11
C CYS A 52 -5.74 -0.11 6.95
N ASP A 53 -4.48 -0.53 7.07
CA ASP A 53 -3.48 0.23 7.83
C ASP A 53 -2.40 0.76 6.89
N LEU A 54 -2.12 2.06 7.00
CA LEU A 54 -1.13 2.72 6.15
C LEU A 54 0.23 2.02 6.20
N ARG A 55 0.59 1.50 7.37
CA ARG A 55 1.87 0.82 7.54
C ARG A 55 2.05 -0.33 6.54
N ARG A 56 0.93 -0.90 6.08
CA ARG A 56 0.97 -1.99 5.12
C ARG A 56 1.68 -1.56 3.83
N LEU A 57 1.59 -0.26 3.51
CA LEU A 57 2.20 0.29 2.31
C LEU A 57 3.71 -0.01 2.25
N GLU A 58 4.32 -0.14 3.42
CA GLU A 58 5.75 -0.42 3.51
C GLU A 58 6.09 -1.85 3.08
N MET A 59 5.13 -2.76 3.22
CA MET A 59 5.34 -4.16 2.85
C MET A 59 5.37 -4.32 1.34
N TYR A 60 4.42 -3.69 0.65
CA TYR A 60 4.34 -3.77 -0.79
C TYR A 60 5.60 -3.21 -1.46
N CYS A 61 6.28 -2.30 -0.76
CA CYS A 61 7.51 -1.70 -1.30
C CYS A 61 8.56 -2.77 -1.58
N ALA A 62 9.37 -2.55 -2.61
CA ALA A 62 10.42 -3.48 -2.97
C ALA A 62 11.64 -3.31 -2.08
N PRO A 63 12.54 -4.33 -1.99
CA PRO A 63 13.74 -4.25 -1.16
C PRO A 63 14.82 -3.36 -1.77
N LEU A 64 14.87 -3.32 -3.10
CA LEU A 64 15.86 -2.51 -3.81
C LEU A 64 15.69 -1.03 -3.47
N LYS A 65 16.64 -0.22 -3.95
CA LYS A 65 16.59 1.22 -3.71
C LYS A 65 17.26 1.99 -4.85
N PRO A 66 16.91 3.28 -5.07
CA PRO A 66 17.51 4.07 -6.16
C PRO A 66 18.94 4.49 -5.85
N ALA A 67 19.89 3.61 -6.17
CA ALA A 67 21.30 3.88 -5.94
C ALA A 67 22.19 2.93 -6.72
N LYS A 68 21.72 2.50 -7.88
CA LYS A 68 22.47 1.59 -8.73
C LYS A 68 23.14 2.33 -9.88
N SER A 69 23.68 1.59 -10.84
CA SER A 69 24.36 2.18 -11.99
C SER A 69 23.43 3.13 -12.75
N ALA A 70 22.23 2.66 -13.06
CA ALA A 70 21.26 3.47 -13.78
C ALA A 70 19.86 3.31 -13.20
N ARG B 1 -0.61 12.21 16.31
CA ARG B 1 0.20 13.12 15.44
C ARG B 1 1.10 12.30 14.49
N ASN B 2 0.65 11.10 14.14
CA ASN B 2 1.41 10.23 13.25
C ASN B 2 0.85 10.28 11.83
N CYS B 3 1.73 10.19 10.84
CA CYS B 3 1.32 10.23 9.44
C CYS B 3 0.71 8.89 9.01
N PHE B 4 1.13 7.80 9.65
CA PHE B 4 0.62 6.48 9.31
C PHE B 4 -0.36 5.99 10.39
N GLU B 5 -1.09 6.91 10.99
CA GLU B 5 -2.06 6.57 12.02
C GLU B 5 -3.34 6.04 11.39
N SER B 6 -3.89 6.78 10.44
CA SER B 6 -5.10 6.39 9.74
C SER B 6 -5.10 6.92 8.32
N VAL B 7 -6.10 6.53 7.53
CA VAL B 7 -6.19 6.97 6.14
C VAL B 7 -6.20 8.50 6.03
N ALA B 8 -6.71 9.16 7.06
CA ALA B 8 -6.77 10.61 7.08
C ALA B 8 -5.37 11.21 7.18
N ALA B 9 -4.51 10.57 7.98
CA ALA B 9 -3.14 11.02 8.18
C ALA B 9 -2.40 11.19 6.85
N LEU B 10 -2.37 10.14 6.05
CA LEU B 10 -1.68 10.18 4.76
C LEU B 10 -2.27 11.28 3.86
N ARG B 11 -3.60 11.37 3.85
CA ARG B 11 -4.29 12.37 3.04
C ARG B 11 -3.86 13.78 3.43
N ARG B 12 -3.80 14.04 4.72
CA ARG B 12 -3.40 15.35 5.23
C ARG B 12 -1.90 15.57 4.99
N CYS B 13 -1.13 14.50 5.12
CA CYS B 13 0.31 14.57 4.93
C CYS B 13 0.67 15.07 3.54
N MET B 14 0.20 14.35 2.51
CA MET B 14 0.47 14.73 1.13
C MET B 14 -0.21 16.05 0.77
N TYR B 15 -1.51 16.13 1.04
CA TYR B 15 -2.27 17.34 0.75
C TYR B 15 -2.19 18.32 1.91
N GLY B 16 -1.02 18.93 2.08
CA GLY B 16 -0.82 19.88 3.15
C GLY B 16 0.63 20.30 3.30
N GLY A 1 -17.50 3.88 2.62
CA GLY A 1 -18.08 4.25 3.94
C GLY A 1 -17.01 4.63 4.96
N PRO A 2 -16.30 3.64 5.57
CA PRO A 2 -15.27 3.93 6.56
C PRO A 2 -13.99 4.48 5.93
N GLU A 3 -12.93 4.56 6.73
CA GLU A 3 -11.65 5.08 6.25
C GLU A 3 -10.98 4.08 5.31
N THR A 4 -11.07 4.35 4.01
CA THR A 4 -10.48 3.48 2.99
C THR A 4 -9.59 4.28 2.05
N LEU A 5 -8.85 3.57 1.20
CA LEU A 5 -7.95 4.23 0.26
C LEU A 5 -8.10 3.63 -1.15
N CYS A 6 -8.68 4.43 -2.06
CA CYS A 6 -8.86 3.99 -3.43
C CYS A 6 -8.58 5.12 -4.41
N GLY A 7 -8.39 4.76 -5.68
CA GLY A 7 -8.12 5.77 -6.69
C GLY A 7 -6.74 6.39 -6.55
N ALA A 8 -6.65 7.68 -6.90
CA ALA A 8 -5.39 8.40 -6.81
C ALA A 8 -4.83 8.39 -5.39
N GLU A 9 -5.73 8.37 -4.40
CA GLU A 9 -5.33 8.36 -3.01
C GLU A 9 -4.47 7.13 -2.70
N LEU A 10 -4.90 5.98 -3.20
CA LEU A 10 -4.16 4.73 -2.97
C LEU A 10 -2.80 4.78 -3.67
N VAL A 11 -2.80 5.25 -4.91
CA VAL A 11 -1.55 5.34 -5.68
C VAL A 11 -0.60 6.37 -5.07
N ASP A 12 -1.17 7.40 -4.46
CA ASP A 12 -0.37 8.46 -3.83
C ASP A 12 0.45 7.90 -2.68
N ALA A 13 -0.20 7.16 -1.79
CA ALA A 13 0.47 6.57 -0.64
C ALA A 13 1.61 5.64 -1.08
N LEU A 14 1.30 4.72 -1.98
CA LEU A 14 2.30 3.77 -2.48
C LEU A 14 3.48 4.50 -3.12
N GLN A 15 3.18 5.53 -3.91
CA GLN A 15 4.21 6.32 -4.57
C GLN A 15 4.98 7.15 -3.56
N PHE A 16 4.29 7.58 -2.50
CA PHE A 16 4.90 8.40 -1.45
C PHE A 16 5.71 7.53 -0.49
N VAL A 17 5.28 6.28 -0.31
CA VAL A 17 5.95 5.36 0.59
C VAL A 17 7.05 4.59 -0.15
N CYS A 18 6.65 3.72 -1.06
CA CYS A 18 7.60 2.91 -1.82
C CYS A 18 8.36 3.77 -2.83
N GLY A 19 7.62 4.53 -3.64
CA GLY A 19 8.25 5.39 -4.63
C GLY A 19 9.16 4.63 -5.58
N ASP A 20 10.46 4.91 -5.50
CA ASP A 20 11.45 4.25 -6.35
C ASP A 20 11.52 2.75 -6.06
N ARG A 21 11.20 2.36 -4.82
CA ARG A 21 11.24 0.96 -4.42
C ARG A 21 10.37 0.08 -5.33
N GLY A 22 9.34 0.69 -5.92
CA GLY A 22 8.46 -0.06 -6.80
C GLY A 22 7.48 -0.92 -6.03
N PHE A 23 6.22 -0.53 -6.04
CA PHE A 23 5.18 -1.26 -5.33
C PHE A 23 4.45 -2.24 -6.25
N TYR A 24 3.98 -3.34 -5.68
CA TYR A 24 3.25 -4.35 -6.43
C TYR A 24 1.90 -4.64 -5.78
N PHE A 25 0.83 -4.43 -6.53
CA PHE A 25 -0.52 -4.66 -6.03
C PHE A 25 -0.71 -6.10 -5.56
N ASN A 26 -0.32 -7.05 -6.42
CA ASN A 26 -0.45 -8.46 -6.09
C ASN A 26 0.56 -8.86 -5.01
N LYS A 27 0.06 -9.39 -3.91
CA LYS A 27 0.91 -9.81 -2.79
C LYS A 27 1.08 -11.33 -2.80
N PRO A 28 2.33 -11.86 -2.68
CA PRO A 28 2.56 -13.31 -2.67
C PRO A 28 2.03 -13.97 -1.40
N THR A 29 0.96 -14.75 -1.54
CA THR A 29 0.37 -15.44 -0.41
C THR A 29 -0.27 -16.75 -0.85
N GLY A 30 0.49 -17.84 -0.79
CA GLY A 30 -0.01 -19.13 -1.18
C GLY A 30 1.03 -19.97 -1.89
N TYR A 31 0.83 -20.17 -3.20
CA TYR A 31 1.75 -20.96 -4.00
C TYR A 31 2.70 -20.05 -4.79
N GLY A 32 2.13 -19.03 -5.42
CA GLY A 32 2.93 -18.11 -6.20
C GLY A 32 2.14 -16.92 -6.70
N SER A 33 1.74 -16.95 -7.97
CA SER A 33 0.97 -15.87 -8.56
C SER A 33 -0.11 -16.41 -9.48
N SER A 34 -1.06 -15.55 -9.83
CA SER A 34 -2.16 -15.95 -10.71
C SER A 34 -1.69 -16.04 -12.16
N SER A 35 -2.37 -16.88 -12.94
CA SER A 35 -2.02 -17.05 -14.35
C SER A 35 -3.25 -17.48 -15.16
N ARG A 36 -3.76 -18.66 -14.85
CA ARG A 36 -4.93 -19.19 -15.55
C ARG A 36 -6.22 -18.78 -14.85
N ARG A 37 -6.35 -19.19 -13.59
CA ARG A 37 -7.53 -18.86 -12.80
C ARG A 37 -7.26 -19.03 -11.31
N ALA A 38 -7.23 -17.92 -10.59
CA ALA A 38 -6.98 -17.96 -9.15
C ALA A 38 -7.56 -16.72 -8.46
N PRO A 39 -7.80 -16.77 -7.12
CA PRO A 39 -8.36 -15.62 -6.39
C PRO A 39 -7.37 -14.47 -6.26
N GLN A 40 -7.75 -13.32 -6.78
CA GLN A 40 -6.90 -12.13 -6.72
C GLN A 40 -7.37 -11.17 -5.63
N THR A 41 -6.41 -10.67 -4.85
CA THR A 41 -6.72 -9.75 -3.76
C THR A 41 -5.45 -9.29 -3.07
N GLY A 42 -5.07 -8.03 -3.29
CA GLY A 42 -3.87 -7.49 -2.68
C GLY A 42 -4.16 -6.31 -1.78
N ILE A 43 -3.84 -5.12 -2.26
CA ILE A 43 -4.07 -3.89 -1.49
C ILE A 43 -5.47 -3.35 -1.72
N VAL A 44 -5.99 -3.55 -2.93
CA VAL A 44 -7.33 -3.08 -3.28
C VAL A 44 -8.40 -3.84 -2.50
N ASP A 45 -8.52 -5.13 -2.77
CA ASP A 45 -9.51 -5.96 -2.09
C ASP A 45 -9.29 -5.99 -0.58
N GLU A 46 -8.07 -5.70 -0.13
CA GLU A 46 -7.76 -5.72 1.29
C GLU A 46 -7.98 -4.35 1.95
N CYS A 47 -7.65 -3.27 1.24
CA CYS A 47 -7.81 -1.93 1.79
C CYS A 47 -9.00 -1.19 1.19
N CYS A 48 -9.09 -1.18 -0.13
CA CYS A 48 -10.18 -0.49 -0.81
C CYS A 48 -11.54 -1.07 -0.40
N PHE A 49 -11.66 -2.40 -0.49
CA PHE A 49 -12.90 -3.07 -0.13
C PHE A 49 -13.15 -2.95 1.37
N ARG A 50 -12.13 -3.28 2.16
CA ARG A 50 -12.24 -3.21 3.62
C ARG A 50 -11.14 -2.31 4.17
N SER A 51 -11.50 -1.52 5.17
CA SER A 51 -10.54 -0.60 5.80
C SER A 51 -9.31 -1.34 6.34
N CYS A 52 -8.12 -0.91 5.91
CA CYS A 52 -6.88 -1.54 6.35
C CYS A 52 -6.01 -0.53 7.12
N ASP A 53 -4.73 -0.86 7.27
CA ASP A 53 -3.78 0.01 7.97
C ASP A 53 -2.76 0.56 6.99
N LEU A 54 -2.40 1.83 7.18
CA LEU A 54 -1.43 2.49 6.29
C LEU A 54 -0.05 1.85 6.38
N ARG A 55 0.26 1.25 7.54
CA ARG A 55 1.55 0.61 7.73
C ARG A 55 1.80 -0.49 6.69
N ARG A 56 0.71 -1.09 6.21
CA ARG A 56 0.81 -2.15 5.20
C ARG A 56 1.45 -1.65 3.92
N LEU A 57 1.33 -0.34 3.65
CA LEU A 57 1.91 0.25 2.45
C LEU A 57 3.40 -0.02 2.34
N GLU A 58 4.06 -0.16 3.48
CA GLU A 58 5.50 -0.41 3.51
C GLU A 58 5.81 -1.85 3.07
N MET A 59 4.89 -2.77 3.34
CA MET A 59 5.07 -4.17 2.97
C MET A 59 5.20 -4.33 1.45
N TYR A 60 4.26 -3.73 0.73
CA TYR A 60 4.26 -3.80 -0.73
C TYR A 60 5.56 -3.26 -1.33
N CYS A 61 6.18 -2.33 -0.63
CA CYS A 61 7.43 -1.73 -1.10
C CYS A 61 8.51 -2.78 -1.28
N ALA A 62 9.27 -2.67 -2.37
CA ALA A 62 10.35 -3.61 -2.66
C ALA A 62 11.55 -3.37 -1.74
N PRO A 63 12.52 -4.33 -1.68
CA PRO A 63 13.71 -4.18 -0.83
C PRO A 63 14.79 -3.32 -1.46
N LEU A 64 14.79 -3.27 -2.80
CA LEU A 64 15.80 -2.48 -3.52
C LEU A 64 15.76 -1.01 -3.11
N LYS A 65 16.72 -0.24 -3.61
CA LYS A 65 16.80 1.18 -3.29
C LYS A 65 17.23 1.99 -4.52
N PRO A 66 17.01 3.33 -4.54
CA PRO A 66 17.37 4.17 -5.69
C PRO A 66 18.88 4.13 -5.96
N ALA A 67 19.66 3.99 -4.90
CA ALA A 67 21.12 3.94 -5.02
C ALA A 67 21.62 2.50 -5.08
N LYS A 68 22.31 2.16 -6.15
CA LYS A 68 22.84 0.82 -6.32
C LYS A 68 24.17 0.66 -5.59
N SER A 69 24.14 0.00 -4.44
CA SER A 69 25.35 -0.22 -3.66
C SER A 69 25.95 -1.59 -3.93
N ALA A 70 25.09 -2.60 -4.04
CA ALA A 70 25.52 -3.96 -4.30
C ALA A 70 25.98 -4.11 -5.76
N ARG B 1 5.89 13.95 13.61
CA ARG B 1 4.46 13.58 13.57
C ARG B 1 4.25 12.26 12.84
N ASN B 2 3.22 11.52 13.26
CA ASN B 2 2.92 10.23 12.65
C ASN B 2 1.98 10.41 11.45
N CYS B 3 2.51 10.11 10.26
CA CYS B 3 1.73 10.24 9.03
C CYS B 3 0.85 9.02 8.80
N PHE B 4 1.29 7.86 9.30
CA PHE B 4 0.54 6.62 9.14
C PHE B 4 -0.38 6.37 10.33
N GLU B 5 -1.13 7.41 10.70
CA GLU B 5 -2.06 7.31 11.82
C GLU B 5 -3.45 6.93 11.33
N SER B 6 -3.80 7.42 10.14
CA SER B 6 -5.10 7.13 9.55
C SER B 6 -5.06 7.37 8.05
N VAL B 7 -6.16 7.04 7.37
CA VAL B 7 -6.25 7.23 5.93
C VAL B 7 -6.25 8.72 5.58
N ALA B 8 -6.87 9.52 6.44
CA ALA B 8 -6.94 10.96 6.21
C ALA B 8 -5.59 11.62 6.47
N ALA B 9 -4.90 11.15 7.51
CA ALA B 9 -3.60 11.71 7.86
C ALA B 9 -2.61 11.58 6.71
N LEU B 10 -2.61 10.44 6.04
CA LEU B 10 -1.71 10.20 4.92
C LEU B 10 -1.93 11.23 3.82
N ARG B 11 -3.19 11.51 3.52
CA ARG B 11 -3.53 12.48 2.49
C ARG B 11 -3.06 13.87 2.86
N ARG B 12 -3.26 14.23 4.13
CA ARG B 12 -2.84 15.54 4.63
C ARG B 12 -1.34 15.75 4.44
N CYS B 13 -0.57 14.68 4.60
CA CYS B 13 0.88 14.76 4.44
C CYS B 13 1.27 15.26 3.05
N MET B 14 0.73 14.61 2.03
CA MET B 14 1.03 15.00 0.65
C MET B 14 0.28 16.27 0.27
N TYR B 15 -0.98 16.35 0.68
CA TYR B 15 -1.80 17.52 0.39
C TYR B 15 -1.31 18.74 1.16
N GLY B 16 -0.16 19.26 0.75
CA GLY B 16 0.40 20.43 1.42
C GLY B 16 -0.22 21.73 0.94
#